data_6EPU
# 
_entry.id   6EPU 
# 
_audit_conform.dict_name       mmcif_pdbx.dic 
_audit_conform.dict_version    5.391 
_audit_conform.dict_location   http://mmcif.pdb.org/dictionaries/ascii/mmcif_pdbx.dic 
# 
loop_
_database_2.database_id 
_database_2.database_code 
_database_2.pdbx_database_accession 
_database_2.pdbx_DOI 
PDB   6EPU         pdb_00006epu 10.2210/pdb6epu/pdb 
WWPDB D_1200006998 ?            ?                   
# 
loop_
_pdbx_audit_revision_history.ordinal 
_pdbx_audit_revision_history.data_content_type 
_pdbx_audit_revision_history.major_revision 
_pdbx_audit_revision_history.minor_revision 
_pdbx_audit_revision_history.revision_date 
1 'Structure model' 1 0 2018-10-31 
2 'Structure model' 1 1 2019-11-13 
3 'Structure model' 1 2 2020-11-04 
4 'Structure model' 1 3 2024-05-08 
# 
_pdbx_audit_revision_details.ordinal             1 
_pdbx_audit_revision_details.revision_ordinal    1 
_pdbx_audit_revision_details.data_content_type   'Structure model' 
_pdbx_audit_revision_details.provider            repository 
_pdbx_audit_revision_details.type                'Initial release' 
_pdbx_audit_revision_details.description         ? 
_pdbx_audit_revision_details.details             ? 
# 
loop_
_pdbx_audit_revision_group.ordinal 
_pdbx_audit_revision_group.revision_ordinal 
_pdbx_audit_revision_group.data_content_type 
_pdbx_audit_revision_group.group 
1 2 'Structure model' 'Data collection'     
2 2 'Structure model' 'Database references' 
3 3 'Structure model' 'Database references' 
4 4 'Structure model' 'Data collection'     
5 4 'Structure model' 'Database references' 
# 
loop_
_pdbx_audit_revision_category.ordinal 
_pdbx_audit_revision_category.revision_ordinal 
_pdbx_audit_revision_category.data_content_type 
_pdbx_audit_revision_category.category 
1 2 'Structure model' citation        
2 3 'Structure model' citation        
3 3 'Structure model' citation_author 
4 4 'Structure model' chem_comp_atom  
5 4 'Structure model' chem_comp_bond  
6 4 'Structure model' database_2      
# 
loop_
_pdbx_audit_revision_item.ordinal 
_pdbx_audit_revision_item.revision_ordinal 
_pdbx_audit_revision_item.data_content_type 
_pdbx_audit_revision_item.item 
1  2 'Structure model' '_citation.title'                     
2  3 'Structure model' '_citation.country'                   
3  3 'Structure model' '_citation.journal_abbrev'            
4  3 'Structure model' '_citation.journal_id_CSD'            
5  3 'Structure model' '_citation.journal_id_ISSN'           
6  3 'Structure model' '_citation.journal_volume'            
7  3 'Structure model' '_citation.page_first'                
8  3 'Structure model' '_citation.page_last'                 
9  3 'Structure model' '_citation.pdbx_database_id_DOI'      
10 3 'Structure model' '_citation.pdbx_database_id_PubMed'   
11 3 'Structure model' '_citation.title'                     
12 3 'Structure model' '_citation.year'                      
13 4 'Structure model' '_database_2.pdbx_DOI'                
14 4 'Structure model' '_database_2.pdbx_database_accession' 
# 
_pdbx_database_status.status_code                     REL 
_pdbx_database_status.status_code_sf                  REL 
_pdbx_database_status.status_code_mr                  ? 
_pdbx_database_status.entry_id                        6EPU 
_pdbx_database_status.recvd_initial_deposition_date   2017-10-12 
_pdbx_database_status.SG_entry                        N 
_pdbx_database_status.deposit_site                    PDBE 
_pdbx_database_status.process_site                    PDBE 
_pdbx_database_status.status_code_cs                  ? 
_pdbx_database_status.methods_development_category    ? 
_pdbx_database_status.pdb_format_compatible           Y 
_pdbx_database_status.status_code_nmr_data            ? 
# 
loop_
_audit_author.name 
_audit_author.pdbx_ordinal 
_audit_author.identifier_ORCID 
'Sledz, P.'    1 ? 
'Caflisch, A.' 2 ? 
# 
_citation.abstract                  ? 
_citation.abstract_id_CAS           ? 
_citation.book_id_ISBN              ? 
_citation.book_publisher            ? 
_citation.book_publisher_city       ? 
_citation.book_title                ? 
_citation.coordinate_linkage        ? 
_citation.country                   US 
_citation.database_id_Medline       ? 
_citation.details                   ? 
_citation.id                        primary 
_citation.journal_abbrev            'Acs Med.Chem.Lett.' 
_citation.journal_id_ASTM           ? 
_citation.journal_id_CSD            ? 
_citation.journal_id_ISSN           1948-5875 
_citation.journal_full              ? 
_citation.journal_issue             ? 
_citation.journal_volume            11 
_citation.language                  ? 
_citation.page_first                1573 
_citation.page_last                 1580 
_citation.title                     'Hitting a Moving Target: Simulation and Crystallography Study of ATAD2 Bromodomain Blockers.' 
_citation.year                      2020 
_citation.database_id_CSD           ? 
_citation.pdbx_database_id_DOI      10.1021/acsmedchemlett.0c00080 
_citation.pdbx_database_id_PubMed   32832026 
_citation.unpublished_flag          ? 
# 
loop_
_citation_author.citation_id 
_citation_author.name 
_citation_author.ordinal 
_citation_author.identifier_ORCID 
primary 'Dolbois, A.'        1  ? 
primary 'Batiste, L.'        2  ? 
primary 'Wiedmer, L.'        3  ? 
primary 'Dong, J.'           4  ? 
primary 'Brutsch, M.'        5  ? 
primary 'Huang, D.'          6  ? 
primary 'Deerain, N.M.'      7  ? 
primary 'Spiliotopoulos, D.' 8  ? 
primary 'Cheng-Sanchez, I.'  9  ? 
primary 'Laul, E.'           10 ? 
primary 'Nevado, C.'         11 ? 
primary 'Sledz, P.'          12 ? 
primary 'Caflisch, A.'       13 ? 
# 
loop_
_entity.id 
_entity.type 
_entity.src_method 
_entity.pdbx_description 
_entity.formula_weight 
_entity.pdbx_number_of_molecules 
_entity.pdbx_ec 
_entity.pdbx_mutation 
_entity.pdbx_fragment 
_entity.details 
1 polymer     man 'ATPase family AAA domain-containing protein 2'                      15453.514 1   3.6.1.3 ? ? ? 
2 non-polymer syn 'SULFATE ION'                                                        96.063    1   ?       ? ? ? 
3 non-polymer syn '(2~{S})-~{N}-(4-ethanoyl-1,3-thiazol-2-yl)piperazine-2-carboxamide' 254.309   1   ?       ? ? ? 
4 water       nat water                                                                18.015    139 ?       ? ? ? 
# 
_entity_name_com.entity_id   1 
_entity_name_com.name        'AAA nuclear coregulator cancer-associated protein,ANCCA' 
# 
_entity_poly.entity_id                      1 
_entity_poly.type                           'polypeptide(L)' 
_entity_poly.nstd_linkage                   no 
_entity_poly.nstd_monomer                   no 
_entity_poly.pdbx_seq_one_letter_code       
;SMQEEDTFRELRIFLRNVTHRLAIDKRFRVFTKPVDPDEVPDYVTVIKQPMDLSSVISKIDLHKYLTVKDYLRDIDLICS
NALEYNPDRDPGDRLIRHRACALRDTAYAIIKEELDEDFEQLCEEIQESR
;
_entity_poly.pdbx_seq_one_letter_code_can   
;SMQEEDTFRELRIFLRNVTHRLAIDKRFRVFTKPVDPDEVPDYVTVIKQPMDLSSVISKIDLHKYLTVKDYLRDIDLICS
NALEYNPDRDPGDRLIRHRACALRDTAYAIIKEELDEDFEQLCEEIQESR
;
_entity_poly.pdbx_strand_id                 A 
_entity_poly.pdbx_target_identifier         ? 
# 
loop_
_pdbx_entity_nonpoly.entity_id 
_pdbx_entity_nonpoly.name 
_pdbx_entity_nonpoly.comp_id 
2 'SULFATE ION'                                                        SO4 
3 '(2~{S})-~{N}-(4-ethanoyl-1,3-thiazol-2-yl)piperazine-2-carboxamide' BQH 
4 water                                                                HOH 
# 
loop_
_entity_poly_seq.entity_id 
_entity_poly_seq.num 
_entity_poly_seq.mon_id 
_entity_poly_seq.hetero 
1 1   SER n 
1 2   MET n 
1 3   GLN n 
1 4   GLU n 
1 5   GLU n 
1 6   ASP n 
1 7   THR n 
1 8   PHE n 
1 9   ARG n 
1 10  GLU n 
1 11  LEU n 
1 12  ARG n 
1 13  ILE n 
1 14  PHE n 
1 15  LEU n 
1 16  ARG n 
1 17  ASN n 
1 18  VAL n 
1 19  THR n 
1 20  HIS n 
1 21  ARG n 
1 22  LEU n 
1 23  ALA n 
1 24  ILE n 
1 25  ASP n 
1 26  LYS n 
1 27  ARG n 
1 28  PHE n 
1 29  ARG n 
1 30  VAL n 
1 31  PHE n 
1 32  THR n 
1 33  LYS n 
1 34  PRO n 
1 35  VAL n 
1 36  ASP n 
1 37  PRO n 
1 38  ASP n 
1 39  GLU n 
1 40  VAL n 
1 41  PRO n 
1 42  ASP n 
1 43  TYR n 
1 44  VAL n 
1 45  THR n 
1 46  VAL n 
1 47  ILE n 
1 48  LYS n 
1 49  GLN n 
1 50  PRO n 
1 51  MET n 
1 52  ASP n 
1 53  LEU n 
1 54  SER n 
1 55  SER n 
1 56  VAL n 
1 57  ILE n 
1 58  SER n 
1 59  LYS n 
1 60  ILE n 
1 61  ASP n 
1 62  LEU n 
1 63  HIS n 
1 64  LYS n 
1 65  TYR n 
1 66  LEU n 
1 67  THR n 
1 68  VAL n 
1 69  LYS n 
1 70  ASP n 
1 71  TYR n 
1 72  LEU n 
1 73  ARG n 
1 74  ASP n 
1 75  ILE n 
1 76  ASP n 
1 77  LEU n 
1 78  ILE n 
1 79  CYS n 
1 80  SER n 
1 81  ASN n 
1 82  ALA n 
1 83  LEU n 
1 84  GLU n 
1 85  TYR n 
1 86  ASN n 
1 87  PRO n 
1 88  ASP n 
1 89  ARG n 
1 90  ASP n 
1 91  PRO n 
1 92  GLY n 
1 93  ASP n 
1 94  ARG n 
1 95  LEU n 
1 96  ILE n 
1 97  ARG n 
1 98  HIS n 
1 99  ARG n 
1 100 ALA n 
1 101 CYS n 
1 102 ALA n 
1 103 LEU n 
1 104 ARG n 
1 105 ASP n 
1 106 THR n 
1 107 ALA n 
1 108 TYR n 
1 109 ALA n 
1 110 ILE n 
1 111 ILE n 
1 112 LYS n 
1 113 GLU n 
1 114 GLU n 
1 115 LEU n 
1 116 ASP n 
1 117 GLU n 
1 118 ASP n 
1 119 PHE n 
1 120 GLU n 
1 121 GLN n 
1 122 LEU n 
1 123 CYS n 
1 124 GLU n 
1 125 GLU n 
1 126 ILE n 
1 127 GLN n 
1 128 GLU n 
1 129 SER n 
1 130 ARG n 
# 
_entity_src_gen.entity_id                          1 
_entity_src_gen.pdbx_src_id                        1 
_entity_src_gen.pdbx_alt_source_flag               sample 
_entity_src_gen.pdbx_seq_type                      'Biological sequence' 
_entity_src_gen.pdbx_beg_seq_num                   1 
_entity_src_gen.pdbx_end_seq_num                   130 
_entity_src_gen.gene_src_common_name               Human 
_entity_src_gen.gene_src_genus                     ? 
_entity_src_gen.pdbx_gene_src_gene                 'ATAD2, L16, PRO2000' 
_entity_src_gen.gene_src_species                   ? 
_entity_src_gen.gene_src_strain                    ? 
_entity_src_gen.gene_src_tissue                    ? 
_entity_src_gen.gene_src_tissue_fraction           ? 
_entity_src_gen.gene_src_details                   ? 
_entity_src_gen.pdbx_gene_src_fragment             ? 
_entity_src_gen.pdbx_gene_src_scientific_name      'Homo sapiens' 
_entity_src_gen.pdbx_gene_src_ncbi_taxonomy_id     9606 
_entity_src_gen.pdbx_gene_src_variant              ? 
_entity_src_gen.pdbx_gene_src_cell_line            ? 
_entity_src_gen.pdbx_gene_src_atcc                 ? 
_entity_src_gen.pdbx_gene_src_organ                ? 
_entity_src_gen.pdbx_gene_src_organelle            ? 
_entity_src_gen.pdbx_gene_src_cell                 ? 
_entity_src_gen.pdbx_gene_src_cellular_location    ? 
_entity_src_gen.host_org_common_name               ? 
_entity_src_gen.pdbx_host_org_scientific_name      'Escherichia coli' 
_entity_src_gen.pdbx_host_org_ncbi_taxonomy_id     562 
_entity_src_gen.host_org_genus                     ? 
_entity_src_gen.pdbx_host_org_gene                 ? 
_entity_src_gen.pdbx_host_org_organ                ? 
_entity_src_gen.host_org_species                   ? 
_entity_src_gen.pdbx_host_org_tissue               ? 
_entity_src_gen.pdbx_host_org_tissue_fraction      ? 
_entity_src_gen.pdbx_host_org_strain               ? 
_entity_src_gen.pdbx_host_org_variant              ? 
_entity_src_gen.pdbx_host_org_cell_line            ? 
_entity_src_gen.pdbx_host_org_atcc                 ? 
_entity_src_gen.pdbx_host_org_culture_collection   ? 
_entity_src_gen.pdbx_host_org_cell                 ? 
_entity_src_gen.pdbx_host_org_organelle            ? 
_entity_src_gen.pdbx_host_org_cellular_location    ? 
_entity_src_gen.pdbx_host_org_vector_type          ? 
_entity_src_gen.pdbx_host_org_vector               ? 
_entity_src_gen.host_org_details                   ? 
_entity_src_gen.expression_system_id               ? 
_entity_src_gen.plasmid_name                       ? 
_entity_src_gen.plasmid_details                    ? 
_entity_src_gen.pdbx_description                   ? 
# 
loop_
_chem_comp.id 
_chem_comp.type 
_chem_comp.mon_nstd_flag 
_chem_comp.name 
_chem_comp.pdbx_synonyms 
_chem_comp.formula 
_chem_comp.formula_weight 
ALA 'L-peptide linking' y ALANINE                                                              ? 'C3 H7 N O2'      89.093  
ARG 'L-peptide linking' y ARGININE                                                             ? 'C6 H15 N4 O2 1'  175.209 
ASN 'L-peptide linking' y ASPARAGINE                                                           ? 'C4 H8 N2 O3'     132.118 
ASP 'L-peptide linking' y 'ASPARTIC ACID'                                                      ? 'C4 H7 N O4'      133.103 
BQH non-polymer         . '(2~{S})-~{N}-(4-ethanoyl-1,3-thiazol-2-yl)piperazine-2-carboxamide' ? 'C10 H14 N4 O2 S' 254.309 
CYS 'L-peptide linking' y CYSTEINE                                                             ? 'C3 H7 N O2 S'    121.158 
GLN 'L-peptide linking' y GLUTAMINE                                                            ? 'C5 H10 N2 O3'    146.144 
GLU 'L-peptide linking' y 'GLUTAMIC ACID'                                                      ? 'C5 H9 N O4'      147.129 
GLY 'peptide linking'   y GLYCINE                                                              ? 'C2 H5 N O2'      75.067  
HIS 'L-peptide linking' y HISTIDINE                                                            ? 'C6 H10 N3 O2 1'  156.162 
HOH non-polymer         . WATER                                                                ? 'H2 O'            18.015  
ILE 'L-peptide linking' y ISOLEUCINE                                                           ? 'C6 H13 N O2'     131.173 
LEU 'L-peptide linking' y LEUCINE                                                              ? 'C6 H13 N O2'     131.173 
LYS 'L-peptide linking' y LYSINE                                                               ? 'C6 H15 N2 O2 1'  147.195 
MET 'L-peptide linking' y METHIONINE                                                           ? 'C5 H11 N O2 S'   149.211 
PHE 'L-peptide linking' y PHENYLALANINE                                                        ? 'C9 H11 N O2'     165.189 
PRO 'L-peptide linking' y PROLINE                                                              ? 'C5 H9 N O2'      115.130 
SER 'L-peptide linking' y SERINE                                                               ? 'C3 H7 N O3'      105.093 
SO4 non-polymer         . 'SULFATE ION'                                                        ? 'O4 S -2'         96.063  
THR 'L-peptide linking' y THREONINE                                                            ? 'C4 H9 N O3'      119.119 
TYR 'L-peptide linking' y TYROSINE                                                             ? 'C9 H11 N O3'     181.189 
VAL 'L-peptide linking' y VALINE                                                               ? 'C5 H11 N O2'     117.146 
# 
loop_
_pdbx_poly_seq_scheme.asym_id 
_pdbx_poly_seq_scheme.entity_id 
_pdbx_poly_seq_scheme.seq_id 
_pdbx_poly_seq_scheme.mon_id 
_pdbx_poly_seq_scheme.ndb_seq_num 
_pdbx_poly_seq_scheme.pdb_seq_num 
_pdbx_poly_seq_scheme.auth_seq_num 
_pdbx_poly_seq_scheme.pdb_mon_id 
_pdbx_poly_seq_scheme.auth_mon_id 
_pdbx_poly_seq_scheme.pdb_strand_id 
_pdbx_poly_seq_scheme.pdb_ins_code 
_pdbx_poly_seq_scheme.hetero 
A 1 1   SER 1   979  979  SER SER A . n 
A 1 2   MET 2   980  980  MET MET A . n 
A 1 3   GLN 3   981  981  GLN GLN A . n 
A 1 4   GLU 4   982  982  GLU GLU A . n 
A 1 5   GLU 5   983  983  GLU GLU A . n 
A 1 6   ASP 6   984  984  ASP ASP A . n 
A 1 7   THR 7   985  985  THR THR A . n 
A 1 8   PHE 8   986  986  PHE PHE A . n 
A 1 9   ARG 9   987  987  ARG ARG A . n 
A 1 10  GLU 10  988  988  GLU GLU A . n 
A 1 11  LEU 11  989  989  LEU LEU A . n 
A 1 12  ARG 12  990  990  ARG ARG A . n 
A 1 13  ILE 13  991  991  ILE ILE A . n 
A 1 14  PHE 14  992  992  PHE PHE A . n 
A 1 15  LEU 15  993  993  LEU LEU A . n 
A 1 16  ARG 16  994  994  ARG ARG A . n 
A 1 17  ASN 17  995  995  ASN ASN A . n 
A 1 18  VAL 18  996  996  VAL VAL A . n 
A 1 19  THR 19  997  997  THR THR A . n 
A 1 20  HIS 20  998  998  HIS HIS A . n 
A 1 21  ARG 21  999  999  ARG ARG A . n 
A 1 22  LEU 22  1000 1000 LEU LEU A . n 
A 1 23  ALA 23  1001 1001 ALA ALA A . n 
A 1 24  ILE 24  1002 1002 ILE ILE A . n 
A 1 25  ASP 25  1003 1003 ASP ASP A . n 
A 1 26  LYS 26  1004 1004 LYS LYS A . n 
A 1 27  ARG 27  1005 1005 ARG ARG A . n 
A 1 28  PHE 28  1006 1006 PHE PHE A . n 
A 1 29  ARG 29  1007 1007 ARG ARG A . n 
A 1 30  VAL 30  1008 1008 VAL VAL A . n 
A 1 31  PHE 31  1009 1009 PHE PHE A . n 
A 1 32  THR 32  1010 1010 THR THR A . n 
A 1 33  LYS 33  1011 1011 LYS LYS A . n 
A 1 34  PRO 34  1012 1012 PRO PRO A . n 
A 1 35  VAL 35  1013 1013 VAL VAL A . n 
A 1 36  ASP 36  1014 1014 ASP ASP A . n 
A 1 37  PRO 37  1015 1015 PRO PRO A . n 
A 1 38  ASP 38  1016 1016 ASP ASP A . n 
A 1 39  GLU 39  1017 1017 GLU GLU A . n 
A 1 40  VAL 40  1018 1018 VAL VAL A . n 
A 1 41  PRO 41  1019 1019 PRO PRO A . n 
A 1 42  ASP 42  1020 1020 ASP ASP A . n 
A 1 43  TYR 43  1021 1021 TYR TYR A . n 
A 1 44  VAL 44  1022 1022 VAL VAL A . n 
A 1 45  THR 45  1023 1023 THR THR A . n 
A 1 46  VAL 46  1024 1024 VAL VAL A . n 
A 1 47  ILE 47  1025 1025 ILE ILE A . n 
A 1 48  LYS 48  1026 1026 LYS LYS A . n 
A 1 49  GLN 49  1027 1027 GLN GLN A . n 
A 1 50  PRO 50  1028 1028 PRO PRO A . n 
A 1 51  MET 51  1029 1029 MET MET A . n 
A 1 52  ASP 52  1030 1030 ASP ASP A . n 
A 1 53  LEU 53  1031 1031 LEU LEU A . n 
A 1 54  SER 54  1032 1032 SER SER A . n 
A 1 55  SER 55  1033 1033 SER SER A . n 
A 1 56  VAL 56  1034 1034 VAL VAL A . n 
A 1 57  ILE 57  1035 1035 ILE ILE A . n 
A 1 58  SER 58  1036 1036 SER SER A . n 
A 1 59  LYS 59  1037 1037 LYS LYS A . n 
A 1 60  ILE 60  1038 1038 ILE ILE A . n 
A 1 61  ASP 61  1039 1039 ASP ASP A . n 
A 1 62  LEU 62  1040 1040 LEU LEU A . n 
A 1 63  HIS 63  1041 1041 HIS HIS A . n 
A 1 64  LYS 64  1042 1042 LYS LYS A . n 
A 1 65  TYR 65  1043 1043 TYR TYR A . n 
A 1 66  LEU 66  1044 1044 LEU LEU A . n 
A 1 67  THR 67  1045 1045 THR THR A . n 
A 1 68  VAL 68  1046 1046 VAL VAL A . n 
A 1 69  LYS 69  1047 1047 LYS LYS A . n 
A 1 70  ASP 70  1048 1048 ASP ASP A . n 
A 1 71  TYR 71  1049 1049 TYR TYR A . n 
A 1 72  LEU 72  1050 1050 LEU LEU A . n 
A 1 73  ARG 73  1051 1051 ARG ARG A . n 
A 1 74  ASP 74  1052 1052 ASP ASP A . n 
A 1 75  ILE 75  1053 1053 ILE ILE A . n 
A 1 76  ASP 76  1054 1054 ASP ASP A . n 
A 1 77  LEU 77  1055 1055 LEU LEU A . n 
A 1 78  ILE 78  1056 1056 ILE ILE A . n 
A 1 79  CYS 79  1057 1057 CYS CYS A . n 
A 1 80  SER 80  1058 1058 SER SER A . n 
A 1 81  ASN 81  1059 1059 ASN ASN A . n 
A 1 82  ALA 82  1060 1060 ALA ALA A . n 
A 1 83  LEU 83  1061 1061 LEU LEU A . n 
A 1 84  GLU 84  1062 1062 GLU GLU A . n 
A 1 85  TYR 85  1063 1063 TYR TYR A . n 
A 1 86  ASN 86  1064 1064 ASN ASN A . n 
A 1 87  PRO 87  1065 1065 PRO PRO A . n 
A 1 88  ASP 88  1066 1066 ASP ASP A . n 
A 1 89  ARG 89  1067 1067 ARG ARG A . n 
A 1 90  ASP 90  1068 1068 ASP ASP A . n 
A 1 91  PRO 91  1069 1069 PRO PRO A . n 
A 1 92  GLY 92  1070 1070 GLY GLY A . n 
A 1 93  ASP 93  1071 1071 ASP ASP A . n 
A 1 94  ARG 94  1072 1072 ARG ARG A . n 
A 1 95  LEU 95  1073 1073 LEU LEU A . n 
A 1 96  ILE 96  1074 1074 ILE ILE A . n 
A 1 97  ARG 97  1075 1075 ARG ARG A . n 
A 1 98  HIS 98  1076 1076 HIS HIS A . n 
A 1 99  ARG 99  1077 1077 ARG ARG A . n 
A 1 100 ALA 100 1078 1078 ALA ALA A . n 
A 1 101 CYS 101 1079 1079 CYS CYS A . n 
A 1 102 ALA 102 1080 1080 ALA ALA A . n 
A 1 103 LEU 103 1081 1081 LEU LEU A . n 
A 1 104 ARG 104 1082 1082 ARG ARG A . n 
A 1 105 ASP 105 1083 1083 ASP ASP A . n 
A 1 106 THR 106 1084 1084 THR THR A . n 
A 1 107 ALA 107 1085 1085 ALA ALA A . n 
A 1 108 TYR 108 1086 1086 TYR TYR A . n 
A 1 109 ALA 109 1087 1087 ALA ALA A . n 
A 1 110 ILE 110 1088 1088 ILE ILE A . n 
A 1 111 ILE 111 1089 1089 ILE ILE A . n 
A 1 112 LYS 112 1090 1090 LYS LYS A . n 
A 1 113 GLU 113 1091 1091 GLU GLU A . n 
A 1 114 GLU 114 1092 1092 GLU GLU A . n 
A 1 115 LEU 115 1093 1093 LEU LEU A . n 
A 1 116 ASP 116 1094 1094 ASP ASP A . n 
A 1 117 GLU 117 1095 1095 GLU GLU A . n 
A 1 118 ASP 118 1096 1096 ASP ASP A . n 
A 1 119 PHE 119 1097 1097 PHE PHE A . n 
A 1 120 GLU 120 1098 1098 GLU GLU A . n 
A 1 121 GLN 121 1099 1099 GLN GLN A . n 
A 1 122 LEU 122 1100 1100 LEU LEU A . n 
A 1 123 CYS 123 1101 1101 CYS CYS A . n 
A 1 124 GLU 124 1102 1102 GLU GLU A . n 
A 1 125 GLU 125 1103 1103 GLU GLU A . n 
A 1 126 ILE 126 1104 1104 ILE ILE A . n 
A 1 127 GLN 127 1105 1105 GLN GLN A . n 
A 1 128 GLU 128 1106 1106 GLU GLU A . n 
A 1 129 SER 129 1107 1107 SER SER A . n 
A 1 130 ARG 130 1108 1108 ARG ARG A . n 
# 
loop_
_pdbx_nonpoly_scheme.asym_id 
_pdbx_nonpoly_scheme.entity_id 
_pdbx_nonpoly_scheme.mon_id 
_pdbx_nonpoly_scheme.ndb_seq_num 
_pdbx_nonpoly_scheme.pdb_seq_num 
_pdbx_nonpoly_scheme.auth_seq_num 
_pdbx_nonpoly_scheme.pdb_mon_id 
_pdbx_nonpoly_scheme.auth_mon_id 
_pdbx_nonpoly_scheme.pdb_strand_id 
_pdbx_nonpoly_scheme.pdb_ins_code 
B 2 SO4 1   1201 1   SO4 SO4 A . 
C 3 BQH 1   1202 1   BQH DRG A . 
D 4 HOH 1   1301 21  HOH HOH A . 
D 4 HOH 2   1302 23  HOH HOH A . 
D 4 HOH 3   1303 92  HOH HOH A . 
D 4 HOH 4   1304 109 HOH HOH A . 
D 4 HOH 5   1305 108 HOH HOH A . 
D 4 HOH 6   1306 16  HOH HOH A . 
D 4 HOH 7   1307 59  HOH HOH A . 
D 4 HOH 8   1308 29  HOH HOH A . 
D 4 HOH 9   1309 106 HOH HOH A . 
D 4 HOH 10  1310 112 HOH HOH A . 
D 4 HOH 11  1311 32  HOH HOH A . 
D 4 HOH 12  1312 66  HOH HOH A . 
D 4 HOH 13  1313 30  HOH HOH A . 
D 4 HOH 14  1314 34  HOH HOH A . 
D 4 HOH 15  1315 4   HOH HOH A . 
D 4 HOH 16  1316 47  HOH HOH A . 
D 4 HOH 17  1317 26  HOH HOH A . 
D 4 HOH 18  1318 102 HOH HOH A . 
D 4 HOH 19  1319 19  HOH HOH A . 
D 4 HOH 20  1320 100 HOH HOH A . 
D 4 HOH 21  1321 86  HOH HOH A . 
D 4 HOH 22  1322 56  HOH HOH A . 
D 4 HOH 23  1323 63  HOH HOH A . 
D 4 HOH 24  1324 140 HOH HOH A . 
D 4 HOH 25  1325 20  HOH HOH A . 
D 4 HOH 26  1326 70  HOH HOH A . 
D 4 HOH 27  1327 1   HOH HOH A . 
D 4 HOH 28  1328 31  HOH HOH A . 
D 4 HOH 29  1329 61  HOH HOH A . 
D 4 HOH 30  1330 135 HOH HOH A . 
D 4 HOH 31  1331 25  HOH HOH A . 
D 4 HOH 32  1332 65  HOH HOH A . 
D 4 HOH 33  1333 75  HOH HOH A . 
D 4 HOH 34  1334 69  HOH HOH A . 
D 4 HOH 35  1335 54  HOH HOH A . 
D 4 HOH 36  1336 3   HOH HOH A . 
D 4 HOH 37  1337 5   HOH HOH A . 
D 4 HOH 38  1338 7   HOH HOH A . 
D 4 HOH 39  1339 99  HOH HOH A . 
D 4 HOH 40  1340 12  HOH HOH A . 
D 4 HOH 41  1341 81  HOH HOH A . 
D 4 HOH 42  1342 40  HOH HOH A . 
D 4 HOH 43  1343 38  HOH HOH A . 
D 4 HOH 44  1344 78  HOH HOH A . 
D 4 HOH 45  1345 22  HOH HOH A . 
D 4 HOH 46  1346 83  HOH HOH A . 
D 4 HOH 47  1347 64  HOH HOH A . 
D 4 HOH 48  1348 76  HOH HOH A . 
D 4 HOH 49  1349 52  HOH HOH A . 
D 4 HOH 50  1350 41  HOH HOH A . 
D 4 HOH 51  1351 44  HOH HOH A . 
D 4 HOH 52  1352 91  HOH HOH A . 
D 4 HOH 53  1353 17  HOH HOH A . 
D 4 HOH 54  1354 62  HOH HOH A . 
D 4 HOH 55  1355 133 HOH HOH A . 
D 4 HOH 56  1356 80  HOH HOH A . 
D 4 HOH 57  1357 71  HOH HOH A . 
D 4 HOH 58  1358 55  HOH HOH A . 
D 4 HOH 59  1359 37  HOH HOH A . 
D 4 HOH 60  1360 49  HOH HOH A . 
D 4 HOH 61  1361 77  HOH HOH A . 
D 4 HOH 62  1362 33  HOH HOH A . 
D 4 HOH 63  1363 14  HOH HOH A . 
D 4 HOH 64  1364 139 HOH HOH A . 
D 4 HOH 65  1365 36  HOH HOH A . 
D 4 HOH 66  1366 98  HOH HOH A . 
D 4 HOH 67  1367 28  HOH HOH A . 
D 4 HOH 68  1368 11  HOH HOH A . 
D 4 HOH 69  1369 104 HOH HOH A . 
D 4 HOH 70  1370 50  HOH HOH A . 
D 4 HOH 71  1371 6   HOH HOH A . 
D 4 HOH 72  1372 137 HOH HOH A . 
D 4 HOH 73  1373 8   HOH HOH A . 
D 4 HOH 74  1374 18  HOH HOH A . 
D 4 HOH 75  1375 84  HOH HOH A . 
D 4 HOH 76  1376 48  HOH HOH A . 
D 4 HOH 77  1377 10  HOH HOH A . 
D 4 HOH 78  1378 134 HOH HOH A . 
D 4 HOH 79  1379 107 HOH HOH A . 
D 4 HOH 80  1380 9   HOH HOH A . 
D 4 HOH 81  1381 2   HOH HOH A . 
D 4 HOH 82  1382 45  HOH HOH A . 
D 4 HOH 83  1383 95  HOH HOH A . 
D 4 HOH 84  1384 110 HOH HOH A . 
D 4 HOH 85  1385 87  HOH HOH A . 
D 4 HOH 86  1386 46  HOH HOH A . 
D 4 HOH 87  1387 111 HOH HOH A . 
D 4 HOH 88  1388 138 HOH HOH A . 
D 4 HOH 89  1389 114 HOH HOH A . 
D 4 HOH 90  1390 85  HOH HOH A . 
D 4 HOH 91  1391 42  HOH HOH A . 
D 4 HOH 92  1392 93  HOH HOH A . 
D 4 HOH 93  1393 35  HOH HOH A . 
D 4 HOH 94  1394 57  HOH HOH A . 
D 4 HOH 95  1395 136 HOH HOH A . 
D 4 HOH 96  1396 117 HOH HOH A . 
D 4 HOH 97  1397 60  HOH HOH A . 
D 4 HOH 98  1398 129 HOH HOH A . 
D 4 HOH 99  1399 128 HOH HOH A . 
D 4 HOH 100 1400 39  HOH HOH A . 
D 4 HOH 101 1401 131 HOH HOH A . 
D 4 HOH 102 1402 68  HOH HOH A . 
D 4 HOH 103 1403 27  HOH HOH A . 
D 4 HOH 104 1404 88  HOH HOH A . 
D 4 HOH 105 1405 73  HOH HOH A . 
D 4 HOH 106 1406 125 HOH HOH A . 
D 4 HOH 107 1407 89  HOH HOH A . 
D 4 HOH 108 1408 101 HOH HOH A . 
D 4 HOH 109 1409 103 HOH HOH A . 
D 4 HOH 110 1410 127 HOH HOH A . 
D 4 HOH 111 1411 121 HOH HOH A . 
D 4 HOH 112 1412 119 HOH HOH A . 
D 4 HOH 113 1413 58  HOH HOH A . 
D 4 HOH 114 1414 24  HOH HOH A . 
D 4 HOH 115 1415 122 HOH HOH A . 
D 4 HOH 116 1416 90  HOH HOH A . 
D 4 HOH 117 1417 94  HOH HOH A . 
D 4 HOH 118 1418 115 HOH HOH A . 
D 4 HOH 119 1419 79  HOH HOH A . 
D 4 HOH 120 1420 118 HOH HOH A . 
D 4 HOH 121 1421 67  HOH HOH A . 
D 4 HOH 122 1422 123 HOH HOH A . 
D 4 HOH 123 1423 130 HOH HOH A . 
D 4 HOH 124 1424 97  HOH HOH A . 
D 4 HOH 125 1425 113 HOH HOH A . 
D 4 HOH 126 1426 105 HOH HOH A . 
D 4 HOH 127 1427 120 HOH HOH A . 
D 4 HOH 128 1428 15  HOH HOH A . 
D 4 HOH 129 1429 126 HOH HOH A . 
D 4 HOH 130 1430 53  HOH HOH A . 
D 4 HOH 131 1431 43  HOH HOH A . 
D 4 HOH 132 1432 124 HOH HOH A . 
D 4 HOH 133 1433 72  HOH HOH A . 
D 4 HOH 134 1434 82  HOH HOH A . 
D 4 HOH 135 1435 96  HOH HOH A . 
D 4 HOH 136 1436 116 HOH HOH A . 
D 4 HOH 137 1437 51  HOH HOH A . 
D 4 HOH 138 1438 74  HOH HOH A . 
D 4 HOH 139 1439 132 HOH HOH A . 
# 
loop_
_pdbx_unobs_or_zero_occ_atoms.id 
_pdbx_unobs_or_zero_occ_atoms.PDB_model_num 
_pdbx_unobs_or_zero_occ_atoms.polymer_flag 
_pdbx_unobs_or_zero_occ_atoms.occupancy_flag 
_pdbx_unobs_or_zero_occ_atoms.auth_asym_id 
_pdbx_unobs_or_zero_occ_atoms.auth_comp_id 
_pdbx_unobs_or_zero_occ_atoms.auth_seq_id 
_pdbx_unobs_or_zero_occ_atoms.PDB_ins_code 
_pdbx_unobs_or_zero_occ_atoms.auth_atom_id 
_pdbx_unobs_or_zero_occ_atoms.label_alt_id 
_pdbx_unobs_or_zero_occ_atoms.label_asym_id 
_pdbx_unobs_or_zero_occ_atoms.label_comp_id 
_pdbx_unobs_or_zero_occ_atoms.label_seq_id 
_pdbx_unobs_or_zero_occ_atoms.label_atom_id 
1  1 Y 1 A MET 980  ? CG  ? A MET 2  CG  
2  1 Y 1 A MET 980  ? SD  ? A MET 2  SD  
3  1 Y 1 A MET 980  ? CE  ? A MET 2  CE  
4  1 Y 1 A LYS 1004 ? CD  ? A LYS 26 CD  
5  1 Y 1 A LYS 1004 ? CE  ? A LYS 26 CE  
6  1 Y 1 A LYS 1004 ? NZ  ? A LYS 26 NZ  
7  1 Y 1 A ARG 1007 ? NE  ? A ARG 29 NE  
8  1 Y 1 A ARG 1007 ? CZ  ? A ARG 29 CZ  
9  1 Y 1 A ARG 1007 ? NH1 ? A ARG 29 NH1 
10 1 Y 1 A ARG 1007 ? NH2 ? A ARG 29 NH2 
11 1 Y 1 A LYS 1011 ? CE  ? A LYS 33 CE  
12 1 Y 1 A LYS 1011 ? NZ  ? A LYS 33 NZ  
13 1 Y 1 A LYS 1026 ? CG  ? A LYS 48 CG  
14 1 Y 1 A LYS 1026 ? CD  ? A LYS 48 CD  
15 1 Y 1 A LYS 1026 ? CE  ? A LYS 48 CE  
16 1 Y 1 A LYS 1026 ? NZ  ? A LYS 48 NZ  
17 1 Y 1 A LYS 1047 ? CE  ? A LYS 69 CE  
18 1 Y 1 A LYS 1047 ? NZ  ? A LYS 69 NZ  
# 
loop_
_software.citation_id 
_software.classification 
_software.compiler_name 
_software.compiler_version 
_software.contact_author 
_software.contact_author_email 
_software.date 
_software.description 
_software.dependencies 
_software.hardware 
_software.language 
_software.location 
_software.mods 
_software.name 
_software.os 
_software.os_version 
_software.type 
_software.version 
_software.pdbx_ordinal 
? refinement       ? ? ? ? ? ? ? ? ? ? ? PHENIX ? ? ? '(1.12_2829: ???)' 1 
? 'data reduction' ? ? ? ? ? ? ? ? ? ? ? XDS    ? ? ? .                  2 
? phasing          ? ? ? ? ? ? ? ? ? ? ? PHASER ? ? ? .                  3 
? 'data scaling'   ? ? ? ? ? ? ? ? ? ? ? XDS    ? ? ? .                  4 
# 
_cell.angle_alpha                  90.00 
_cell.angle_alpha_esd              ? 
_cell.angle_beta                   90.00 
_cell.angle_beta_esd               ? 
_cell.angle_gamma                  120.00 
_cell.angle_gamma_esd              ? 
_cell.entry_id                     6EPU 
_cell.details                      ? 
_cell.formula_units_Z              ? 
_cell.length_a                     79.765 
_cell.length_a_esd                 ? 
_cell.length_b                     79.765 
_cell.length_b_esd                 ? 
_cell.length_c                     136.533 
_cell.length_c_esd                 ? 
_cell.volume                       ? 
_cell.volume_esd                   ? 
_cell.Z_PDB                        12 
_cell.reciprocal_angle_alpha       ? 
_cell.reciprocal_angle_beta        ? 
_cell.reciprocal_angle_gamma       ? 
_cell.reciprocal_angle_alpha_esd   ? 
_cell.reciprocal_angle_beta_esd    ? 
_cell.reciprocal_angle_gamma_esd   ? 
_cell.reciprocal_length_a          ? 
_cell.reciprocal_length_b          ? 
_cell.reciprocal_length_c          ? 
_cell.reciprocal_length_a_esd      ? 
_cell.reciprocal_length_b_esd      ? 
_cell.reciprocal_length_c_esd      ? 
_cell.pdbx_unique_axis             ? 
# 
_symmetry.entry_id                         6EPU 
_symmetry.cell_setting                     ? 
_symmetry.Int_Tables_number                179 
_symmetry.space_group_name_Hall            ? 
_symmetry.space_group_name_H-M             'P 65 2 2' 
_symmetry.pdbx_full_space_group_name_H-M   ? 
# 
_exptl.absorpt_coefficient_mu     ? 
_exptl.absorpt_correction_T_max   ? 
_exptl.absorpt_correction_T_min   ? 
_exptl.absorpt_correction_type    ? 
_exptl.absorpt_process_details    ? 
_exptl.entry_id                   6EPU 
_exptl.crystals_number            1 
_exptl.details                    ? 
_exptl.method                     'X-RAY DIFFRACTION' 
_exptl.method_details             ? 
# 
_exptl_crystal.colour                      ? 
_exptl_crystal.density_diffrn              ? 
_exptl_crystal.density_Matthews            4.06 
_exptl_crystal.density_method              ? 
_exptl_crystal.density_percent_sol         69.68 
_exptl_crystal.description                 ? 
_exptl_crystal.F_000                       ? 
_exptl_crystal.id                          1 
_exptl_crystal.preparation                 ? 
_exptl_crystal.size_max                    ? 
_exptl_crystal.size_mid                    ? 
_exptl_crystal.size_min                    ? 
_exptl_crystal.size_rad                    ? 
_exptl_crystal.colour_lustre               ? 
_exptl_crystal.colour_modifier             ? 
_exptl_crystal.colour_primary              ? 
_exptl_crystal.density_meas                ? 
_exptl_crystal.density_meas_esd            ? 
_exptl_crystal.density_meas_gt             ? 
_exptl_crystal.density_meas_lt             ? 
_exptl_crystal.density_meas_temp           ? 
_exptl_crystal.density_meas_temp_esd       ? 
_exptl_crystal.density_meas_temp_gt        ? 
_exptl_crystal.density_meas_temp_lt        ? 
_exptl_crystal.pdbx_crystal_image_url      ? 
_exptl_crystal.pdbx_crystal_image_format   ? 
_exptl_crystal.pdbx_mosaicity              ? 
_exptl_crystal.pdbx_mosaicity_esd          ? 
# 
_exptl_crystal_grow.apparatus       ? 
_exptl_crystal_grow.atmosphere      ? 
_exptl_crystal_grow.crystal_id      1 
_exptl_crystal_grow.details         ? 
_exptl_crystal_grow.method          'VAPOR DIFFUSION, HANGING DROP' 
_exptl_crystal_grow.method_ref      ? 
_exptl_crystal_grow.pH              5.5 
_exptl_crystal_grow.pressure        ? 
_exptl_crystal_grow.pressure_esd    ? 
_exptl_crystal_grow.seeding         ? 
_exptl_crystal_grow.seeding_ref     ? 
_exptl_crystal_grow.temp            277 
_exptl_crystal_grow.temp_details    ? 
_exptl_crystal_grow.temp_esd        ? 
_exptl_crystal_grow.time            ? 
_exptl_crystal_grow.pdbx_details    '2M (NH4)2SO4, 0.1M Bis-Tris pH 5.5' 
_exptl_crystal_grow.pdbx_pH_range   ? 
# 
_diffrn.ambient_environment    ? 
_diffrn.ambient_temp           100 
_diffrn.ambient_temp_details   ? 
_diffrn.ambient_temp_esd       ? 
_diffrn.crystal_id             1 
_diffrn.crystal_support        ? 
_diffrn.crystal_treatment      ? 
_diffrn.details                ? 
_diffrn.id                     1 
_diffrn.ambient_pressure       ? 
_diffrn.ambient_pressure_esd   ? 
_diffrn.ambient_pressure_gt    ? 
_diffrn.ambient_pressure_lt    ? 
_diffrn.ambient_temp_gt        ? 
_diffrn.ambient_temp_lt        ? 
# 
_diffrn_detector.details                      ? 
_diffrn_detector.detector                     PIXEL 
_diffrn_detector.diffrn_id                    1 
_diffrn_detector.type                         'DECTRIS EIGER X 16M' 
_diffrn_detector.area_resol_mean              ? 
_diffrn_detector.dtime                        ? 
_diffrn_detector.pdbx_frames_total            ? 
_diffrn_detector.pdbx_collection_time_total   ? 
_diffrn_detector.pdbx_collection_date         2016-11-25 
# 
_diffrn_radiation.collimation                      ? 
_diffrn_radiation.diffrn_id                        1 
_diffrn_radiation.filter_edge                      ? 
_diffrn_radiation.inhomogeneity                    ? 
_diffrn_radiation.monochromator                    ? 
_diffrn_radiation.polarisn_norm                    ? 
_diffrn_radiation.polarisn_ratio                   ? 
_diffrn_radiation.probe                            ? 
_diffrn_radiation.type                             ? 
_diffrn_radiation.xray_symbol                      ? 
_diffrn_radiation.wavelength_id                    1 
_diffrn_radiation.pdbx_monochromatic_or_laue_m_l   M 
_diffrn_radiation.pdbx_wavelength_list             ? 
_diffrn_radiation.pdbx_wavelength                  ? 
_diffrn_radiation.pdbx_diffrn_protocol             'SINGLE WAVELENGTH' 
_diffrn_radiation.pdbx_analyzer                    ? 
_diffrn_radiation.pdbx_scattering_type             x-ray 
# 
_diffrn_radiation_wavelength.id           1 
_diffrn_radiation_wavelength.wavelength   1.000360 
_diffrn_radiation_wavelength.wt           1.0 
# 
_diffrn_source.current                     ? 
_diffrn_source.details                     ? 
_diffrn_source.diffrn_id                   1 
_diffrn_source.power                       ? 
_diffrn_source.size                        ? 
_diffrn_source.source                      SYNCHROTRON 
_diffrn_source.target                      ? 
_diffrn_source.type                        'SLS BEAMLINE X06SA' 
_diffrn_source.voltage                     ? 
_diffrn_source.take-off_angle              ? 
_diffrn_source.pdbx_wavelength_list        1.000360 
_diffrn_source.pdbx_wavelength             ? 
_diffrn_source.pdbx_synchrotron_beamline   X06SA 
_diffrn_source.pdbx_synchrotron_site       SLS 
# 
_reflns.B_iso_Wilson_estimate            ? 
_reflns.entry_id                         6EPU 
_reflns.data_reduction_details           ? 
_reflns.data_reduction_method            ? 
_reflns.d_resolution_high                1.80 
_reflns.d_resolution_low                 48.556 
_reflns.details                          ? 
_reflns.limit_h_max                      ? 
_reflns.limit_h_min                      ? 
_reflns.limit_k_max                      ? 
_reflns.limit_k_min                      ? 
_reflns.limit_l_max                      ? 
_reflns.limit_l_min                      ? 
_reflns.number_all                       ? 
_reflns.number_obs                       44912 
_reflns.observed_criterion               ? 
_reflns.observed_criterion_F_max         ? 
_reflns.observed_criterion_F_min         ? 
_reflns.observed_criterion_I_max         ? 
_reflns.observed_criterion_I_min         ? 
_reflns.observed_criterion_sigma_F       ? 
_reflns.observed_criterion_sigma_I       ? 
_reflns.percent_possible_obs             99.6 
_reflns.R_free_details                   ? 
_reflns.Rmerge_F_all                     ? 
_reflns.Rmerge_F_obs                     ? 
_reflns.Friedel_coverage                 ? 
_reflns.number_gt                        ? 
_reflns.threshold_expression             ? 
_reflns.pdbx_redundancy                  5.17 
_reflns.pdbx_Rmerge_I_obs                ? 
_reflns.pdbx_Rmerge_I_all                ? 
_reflns.pdbx_Rsym_value                  ? 
_reflns.pdbx_netI_over_av_sigmaI         ? 
_reflns.pdbx_netI_over_sigmaI            12.83 
_reflns.pdbx_res_netI_over_av_sigmaI_2   ? 
_reflns.pdbx_res_netI_over_sigmaI_2      ? 
_reflns.pdbx_chi_squared                 ? 
_reflns.pdbx_scaling_rejects             ? 
_reflns.pdbx_d_res_high_opt              ? 
_reflns.pdbx_d_res_low_opt               ? 
_reflns.pdbx_d_res_opt_method            ? 
_reflns.phase_calculation_details        ? 
_reflns.pdbx_Rrim_I_all                  0.073 
_reflns.pdbx_Rpim_I_all                  ? 
_reflns.pdbx_d_opt                       ? 
_reflns.pdbx_number_measured_all         ? 
_reflns.pdbx_diffrn_id                   1 
_reflns.pdbx_ordinal                     1 
_reflns.pdbx_CC_half                     0.998 
_reflns.pdbx_R_split                     ? 
# 
_reflns_shell.d_res_high                  1.80 
_reflns_shell.d_res_low                   1.91 
_reflns_shell.meanI_over_sigI_all         ? 
_reflns_shell.meanI_over_sigI_obs         1.79 
_reflns_shell.number_measured_all         ? 
_reflns_shell.number_measured_obs         ? 
_reflns_shell.number_possible             ? 
_reflns_shell.number_unique_all           ? 
_reflns_shell.number_unique_obs           7110 
_reflns_shell.percent_possible_all        97.9 
_reflns_shell.percent_possible_obs        ? 
_reflns_shell.Rmerge_F_all                ? 
_reflns_shell.Rmerge_F_obs                ? 
_reflns_shell.Rmerge_I_all                ? 
_reflns_shell.Rmerge_I_obs                ? 
_reflns_shell.meanI_over_sigI_gt          ? 
_reflns_shell.meanI_over_uI_all           ? 
_reflns_shell.meanI_over_uI_gt            ? 
_reflns_shell.number_measured_gt          ? 
_reflns_shell.number_unique_gt            ? 
_reflns_shell.percent_possible_gt         ? 
_reflns_shell.Rmerge_F_gt                 ? 
_reflns_shell.Rmerge_I_gt                 ? 
_reflns_shell.pdbx_redundancy             4.84 
_reflns_shell.pdbx_Rsym_value             ? 
_reflns_shell.pdbx_chi_squared            ? 
_reflns_shell.pdbx_netI_over_sigmaI_all   ? 
_reflns_shell.pdbx_netI_over_sigmaI_obs   ? 
_reflns_shell.pdbx_Rrim_I_all             0.925 
_reflns_shell.pdbx_Rpim_I_all             ? 
_reflns_shell.pdbx_rejects                ? 
_reflns_shell.pdbx_ordinal                1 
_reflns_shell.pdbx_diffrn_id              1 
_reflns_shell.pdbx_CC_half                0.687 
_reflns_shell.pdbx_R_split                ? 
# 
_refine.aniso_B[1][1]                            ? 
_refine.aniso_B[1][2]                            ? 
_refine.aniso_B[1][3]                            ? 
_refine.aniso_B[2][2]                            ? 
_refine.aniso_B[2][3]                            ? 
_refine.aniso_B[3][3]                            ? 
_refine.B_iso_max                                ? 
_refine.B_iso_mean                               ? 
_refine.B_iso_min                                ? 
_refine.correlation_coeff_Fo_to_Fc               ? 
_refine.correlation_coeff_Fo_to_Fc_free          ? 
_refine.details                                  ? 
_refine.diff_density_max                         ? 
_refine.diff_density_max_esd                     ? 
_refine.diff_density_min                         ? 
_refine.diff_density_min_esd                     ? 
_refine.diff_density_rms                         ? 
_refine.diff_density_rms_esd                     ? 
_refine.entry_id                                 6EPU 
_refine.pdbx_refine_id                           'X-RAY DIFFRACTION' 
_refine.ls_abs_structure_details                 ? 
_refine.ls_abs_structure_Flack                   ? 
_refine.ls_abs_structure_Flack_esd               ? 
_refine.ls_abs_structure_Rogers                  ? 
_refine.ls_abs_structure_Rogers_esd              ? 
_refine.ls_d_res_high                            1.800 
_refine.ls_d_res_low                             48.556 
_refine.ls_extinction_coef                       ? 
_refine.ls_extinction_coef_esd                   ? 
_refine.ls_extinction_expression                 ? 
_refine.ls_extinction_method                     ? 
_refine.ls_goodness_of_fit_all                   ? 
_refine.ls_goodness_of_fit_all_esd               ? 
_refine.ls_goodness_of_fit_obs                   ? 
_refine.ls_goodness_of_fit_obs_esd               ? 
_refine.ls_hydrogen_treatment                    ? 
_refine.ls_matrix_type                           ? 
_refine.ls_number_constraints                    ? 
_refine.ls_number_parameters                     ? 
_refine.ls_number_reflns_all                     ? 
_refine.ls_number_reflns_obs                     44856 
_refine.ls_number_reflns_R_free                  2218 
_refine.ls_number_reflns_R_work                  ? 
_refine.ls_number_restraints                     ? 
_refine.ls_percent_reflns_obs                    99.64 
_refine.ls_percent_reflns_R_free                 4.94 
_refine.ls_R_factor_all                          ? 
_refine.ls_R_factor_obs                          0.1933 
_refine.ls_R_factor_R_free                       0.2184 
_refine.ls_R_factor_R_free_error                 ? 
_refine.ls_R_factor_R_free_error_details         ? 
_refine.ls_R_factor_R_work                       0.1920 
_refine.ls_R_Fsqd_factor_obs                     ? 
_refine.ls_R_I_factor_obs                        ? 
_refine.ls_redundancy_reflns_all                 ? 
_refine.ls_redundancy_reflns_obs                 ? 
_refine.ls_restrained_S_all                      ? 
_refine.ls_restrained_S_obs                      ? 
_refine.ls_shift_over_esd_max                    ? 
_refine.ls_shift_over_esd_mean                   ? 
_refine.ls_structure_factor_coef                 ? 
_refine.ls_weighting_details                     ? 
_refine.ls_weighting_scheme                      ? 
_refine.ls_wR_factor_all                         ? 
_refine.ls_wR_factor_obs                         ? 
_refine.ls_wR_factor_R_free                      ? 
_refine.ls_wR_factor_R_work                      ? 
_refine.occupancy_max                            ? 
_refine.occupancy_min                            ? 
_refine.solvent_model_details                    ? 
_refine.solvent_model_param_bsol                 ? 
_refine.solvent_model_param_ksol                 ? 
_refine.ls_R_factor_gt                           ? 
_refine.ls_goodness_of_fit_gt                    ? 
_refine.ls_goodness_of_fit_ref                   ? 
_refine.ls_shift_over_su_max                     ? 
_refine.ls_shift_over_su_max_lt                  ? 
_refine.ls_shift_over_su_mean                    ? 
_refine.ls_shift_over_su_mean_lt                 ? 
_refine.pdbx_ls_sigma_I                          ? 
_refine.pdbx_ls_sigma_F                          1.38 
_refine.pdbx_ls_sigma_Fsqd                       ? 
_refine.pdbx_data_cutoff_high_absF               ? 
_refine.pdbx_data_cutoff_high_rms_absF           ? 
_refine.pdbx_data_cutoff_low_absF                ? 
_refine.pdbx_isotropic_thermal_model             ? 
_refine.pdbx_ls_cross_valid_method               'FREE R-VALUE' 
_refine.pdbx_method_to_determine_struct          ? 
_refine.pdbx_starting_model                      ? 
_refine.pdbx_stereochemistry_target_values       ? 
_refine.pdbx_R_Free_selection_details            ? 
_refine.pdbx_stereochem_target_val_spec_case     ? 
_refine.pdbx_overall_ESU_R                       ? 
_refine.pdbx_overall_ESU_R_Free                  ? 
_refine.pdbx_solvent_vdw_probe_radii             1.11 
_refine.pdbx_solvent_ion_probe_radii             ? 
_refine.pdbx_solvent_shrinkage_radii             0.90 
_refine.pdbx_real_space_R                        ? 
_refine.pdbx_density_correlation                 ? 
_refine.pdbx_pd_number_of_powder_patterns        ? 
_refine.pdbx_pd_number_of_points                 ? 
_refine.pdbx_pd_meas_number_of_points            ? 
_refine.pdbx_pd_proc_ls_prof_R_factor            ? 
_refine.pdbx_pd_proc_ls_prof_wR_factor           ? 
_refine.pdbx_pd_Marquardt_correlation_coeff      ? 
_refine.pdbx_pd_Fsqrd_R_factor                   ? 
_refine.pdbx_pd_ls_matrix_band_width             ? 
_refine.pdbx_overall_phase_error                 21.75 
_refine.pdbx_overall_SU_R_free_Cruickshank_DPI   ? 
_refine.pdbx_overall_SU_R_free_Blow_DPI          ? 
_refine.pdbx_overall_SU_R_Blow_DPI               ? 
_refine.pdbx_TLS_residual_ADP_flag               ? 
_refine.pdbx_diffrn_id                           1 
_refine.overall_SU_B                             ? 
_refine.overall_SU_ML                            0.24 
_refine.overall_SU_R_Cruickshank_DPI             ? 
_refine.overall_SU_R_free                        ? 
_refine.overall_FOM_free_R_set                   ? 
_refine.overall_FOM_work_R_set                   ? 
_refine.pdbx_average_fsc_overall                 ? 
_refine.pdbx_average_fsc_work                    ? 
_refine.pdbx_average_fsc_free                    ? 
# 
_refine_hist.pdbx_refine_id                   'X-RAY DIFFRACTION' 
_refine_hist.cycle_id                         LAST 
_refine_hist.pdbx_number_atoms_protein        1066 
_refine_hist.pdbx_number_atoms_nucleic_acid   0 
_refine_hist.pdbx_number_atoms_ligand         22 
_refine_hist.number_atoms_solvent             139 
_refine_hist.number_atoms_total               1227 
_refine_hist.d_res_high                       1.800 
_refine_hist.d_res_low                        48.556 
# 
loop_
_refine_ls_restr.pdbx_refine_id 
_refine_ls_restr.criterion 
_refine_ls_restr.dev_ideal 
_refine_ls_restr.dev_ideal_target 
_refine_ls_restr.number 
_refine_ls_restr.rejects 
_refine_ls_restr.type 
_refine_ls_restr.weight 
_refine_ls_restr.pdbx_restraint_function 
'X-RAY DIFFRACTION' ? 0.006 ? 1120 ? f_bond_d           ? ? 
'X-RAY DIFFRACTION' ? 0.867 ? 1520 ? f_angle_d          ? ? 
'X-RAY DIFFRACTION' ? 6.442 ? 974  ? f_dihedral_angle_d ? ? 
'X-RAY DIFFRACTION' ? 0.046 ? 171  ? f_chiral_restr     ? ? 
'X-RAY DIFFRACTION' ? 0.004 ? 201  ? f_plane_restr      ? ? 
# 
loop_
_refine_ls_shell.pdbx_refine_id 
_refine_ls_shell.d_res_high 
_refine_ls_shell.d_res_low 
_refine_ls_shell.number_reflns_all 
_refine_ls_shell.number_reflns_obs 
_refine_ls_shell.number_reflns_R_free 
_refine_ls_shell.number_reflns_R_work 
_refine_ls_shell.percent_reflns_obs 
_refine_ls_shell.percent_reflns_R_free 
_refine_ls_shell.R_factor_all 
_refine_ls_shell.R_factor_obs 
_refine_ls_shell.R_factor_R_free 
_refine_ls_shell.R_factor_R_free_error 
_refine_ls_shell.R_factor_R_work 
_refine_ls_shell.redundancy_reflns_all 
_refine_ls_shell.redundancy_reflns_obs 
_refine_ls_shell.wR_factor_all 
_refine_ls_shell.wR_factor_obs 
_refine_ls_shell.wR_factor_R_free 
_refine_ls_shell.wR_factor_R_work 
_refine_ls_shell.pdbx_total_number_of_bins_used 
_refine_ls_shell.pdbx_phase_error 
_refine_ls_shell.pdbx_fsc_work 
_refine_ls_shell.pdbx_fsc_free 
'X-RAY DIFFRACTION' 1.8004 1.8396  . . 130 2511 94.00  . . . 0.3930 . 0.3367 . . . . . . . . . . 
'X-RAY DIFFRACTION' 1.8396 1.8824  . . 144 2674 100.00 . . . 0.3440 . 0.2950 . . . . . . . . . . 
'X-RAY DIFFRACTION' 1.8824 1.9294  . . 138 2679 100.00 . . . 0.2739 . 0.2485 . . . . . . . . . . 
'X-RAY DIFFRACTION' 1.9294 1.9816  . . 138 2677 100.00 . . . 0.2559 . 0.2341 . . . . . . . . . . 
'X-RAY DIFFRACTION' 1.9816 2.0399  . . 142 2671 100.00 . . . 0.2509 . 0.2286 . . . . . . . . . . 
'X-RAY DIFFRACTION' 2.0399 2.1058  . . 138 2677 100.00 . . . 0.2449 . 0.2196 . . . . . . . . . . 
'X-RAY DIFFRACTION' 2.1058 2.1810  . . 137 2656 100.00 . . . 0.2635 . 0.2054 . . . . . . . . . . 
'X-RAY DIFFRACTION' 2.1810 2.2684  . . 140 2700 100.00 . . . 0.2626 . 0.2045 . . . . . . . . . . 
'X-RAY DIFFRACTION' 2.2684 2.3716  . . 139 2665 100.00 . . . 0.2175 . 0.2040 . . . . . . . . . . 
'X-RAY DIFFRACTION' 2.3716 2.4966  . . 141 2667 100.00 . . . 0.2070 . 0.2051 . . . . . . . . . . 
'X-RAY DIFFRACTION' 2.4966 2.6530  . . 140 2681 100.00 . . . 0.2355 . 0.1970 . . . . . . . . . . 
'X-RAY DIFFRACTION' 2.6530 2.8578  . . 140 2674 100.00 . . . 0.2318 . 0.1963 . . . . . . . . . . 
'X-RAY DIFFRACTION' 2.8578 3.1454  . . 140 2668 100.00 . . . 0.1989 . 0.2090 . . . . . . . . . . 
'X-RAY DIFFRACTION' 3.1454 3.6004  . . 139 2674 100.00 . . . 0.1945 . 0.1868 . . . . . . . . . . 
'X-RAY DIFFRACTION' 3.6004 4.5356  . . 132 2677 100.00 . . . 0.1812 . 0.1523 . . . . . . . . . . 
'X-RAY DIFFRACTION' 4.5356 48.5739 . . 140 2687 100.00 . . . 0.2127 . 0.1700 . . . . . . . . . . 
# 
_struct.entry_id                     6EPU 
_struct.title                        'The ATAD2 bromodomain in complex with compound 2' 
_struct.pdbx_model_details           ? 
_struct.pdbx_formula_weight          ? 
_struct.pdbx_formula_weight_method   ? 
_struct.pdbx_model_type_details      ? 
_struct.pdbx_CASP_flag               N 
# 
_struct_keywords.entry_id        6EPU 
_struct_keywords.text            'Bromodomain, ATAD2, inhibitor, complex, CYTOSOLIC PROTEIN' 
_struct_keywords.pdbx_keywords   'CYTOSOLIC PROTEIN' 
# 
loop_
_struct_asym.id 
_struct_asym.pdbx_blank_PDB_chainid_flag 
_struct_asym.pdbx_modified 
_struct_asym.entity_id 
_struct_asym.details 
A N N 1 ? 
B N N 2 ? 
C N N 3 ? 
D N N 4 ? 
# 
_struct_ref.id                         1 
_struct_ref.db_name                    UNP 
_struct_ref.db_code                    ATAD2_HUMAN 
_struct_ref.pdbx_db_accession          Q6PL18 
_struct_ref.pdbx_db_isoform            ? 
_struct_ref.entity_id                  1 
_struct_ref.pdbx_seq_one_letter_code   
;QEEDTFRELRIFLRNVTHRLAIDKRFRVFTKPVDPDEVPDYVTVIKQPMDLSSVISKIDLHKYLTVKDYLRDIDLICSNA
LEYNPDRDPGDRLIRHRACALRDTAYAIIKEELDEDFEQLCEEIQESR
;
_struct_ref.pdbx_align_begin           981 
# 
_struct_ref_seq.align_id                      1 
_struct_ref_seq.ref_id                        1 
_struct_ref_seq.pdbx_PDB_id_code              6EPU 
_struct_ref_seq.pdbx_strand_id                A 
_struct_ref_seq.seq_align_beg                 3 
_struct_ref_seq.pdbx_seq_align_beg_ins_code   ? 
_struct_ref_seq.seq_align_end                 130 
_struct_ref_seq.pdbx_seq_align_end_ins_code   ? 
_struct_ref_seq.pdbx_db_accession             Q6PL18 
_struct_ref_seq.db_align_beg                  981 
_struct_ref_seq.pdbx_db_align_beg_ins_code    ? 
_struct_ref_seq.db_align_end                  1108 
_struct_ref_seq.pdbx_db_align_end_ins_code    ? 
_struct_ref_seq.pdbx_auth_seq_align_beg       981 
_struct_ref_seq.pdbx_auth_seq_align_end       1108 
# 
loop_
_struct_ref_seq_dif.align_id 
_struct_ref_seq_dif.pdbx_pdb_id_code 
_struct_ref_seq_dif.mon_id 
_struct_ref_seq_dif.pdbx_pdb_strand_id 
_struct_ref_seq_dif.seq_num 
_struct_ref_seq_dif.pdbx_pdb_ins_code 
_struct_ref_seq_dif.pdbx_seq_db_name 
_struct_ref_seq_dif.pdbx_seq_db_accession_code 
_struct_ref_seq_dif.db_mon_id 
_struct_ref_seq_dif.pdbx_seq_db_seq_num 
_struct_ref_seq_dif.details 
_struct_ref_seq_dif.pdbx_auth_seq_num 
_struct_ref_seq_dif.pdbx_ordinal 
1 6EPU SER A 1 ? UNP Q6PL18 ? ? 'expression tag' 979 1 
1 6EPU MET A 2 ? UNP Q6PL18 ? ? 'expression tag' 980 2 
# 
_pdbx_struct_assembly.id                   1 
_pdbx_struct_assembly.details              author_and_software_defined_assembly 
_pdbx_struct_assembly.method_details       PISA 
_pdbx_struct_assembly.oligomeric_details   monomeric 
_pdbx_struct_assembly.oligomeric_count     1 
# 
loop_
_pdbx_struct_assembly_prop.biol_id 
_pdbx_struct_assembly_prop.type 
_pdbx_struct_assembly_prop.value 
_pdbx_struct_assembly_prop.details 
1 'ABSA (A^2)' 100  ? 
1 MORE         -6   ? 
1 'SSA (A^2)'  8000 ? 
# 
_pdbx_struct_assembly_gen.assembly_id       1 
_pdbx_struct_assembly_gen.oper_expression   1 
_pdbx_struct_assembly_gen.asym_id_list      A,B,C,D 
# 
_pdbx_struct_assembly_auth_evidence.id                     1 
_pdbx_struct_assembly_auth_evidence.assembly_id            1 
_pdbx_struct_assembly_auth_evidence.experimental_support   'gel filtration' 
_pdbx_struct_assembly_auth_evidence.details                ? 
# 
_pdbx_struct_oper_list.id                   1 
_pdbx_struct_oper_list.type                 'identity operation' 
_pdbx_struct_oper_list.name                 1_555 
_pdbx_struct_oper_list.symmetry_operation   x,y,z 
_pdbx_struct_oper_list.matrix[1][1]         1.0000000000 
_pdbx_struct_oper_list.matrix[1][2]         0.0000000000 
_pdbx_struct_oper_list.matrix[1][3]         0.0000000000 
_pdbx_struct_oper_list.vector[1]            0.0000000000 
_pdbx_struct_oper_list.matrix[2][1]         0.0000000000 
_pdbx_struct_oper_list.matrix[2][2]         1.0000000000 
_pdbx_struct_oper_list.matrix[2][3]         0.0000000000 
_pdbx_struct_oper_list.vector[2]            0.0000000000 
_pdbx_struct_oper_list.matrix[3][1]         0.0000000000 
_pdbx_struct_oper_list.matrix[3][2]         0.0000000000 
_pdbx_struct_oper_list.matrix[3][3]         1.0000000000 
_pdbx_struct_oper_list.vector[3]            0.0000000000 
# 
loop_
_struct_conf.conf_type_id 
_struct_conf.id 
_struct_conf.pdbx_PDB_helix_id 
_struct_conf.beg_label_comp_id 
_struct_conf.beg_label_asym_id 
_struct_conf.beg_label_seq_id 
_struct_conf.pdbx_beg_PDB_ins_code 
_struct_conf.end_label_comp_id 
_struct_conf.end_label_asym_id 
_struct_conf.end_label_seq_id 
_struct_conf.pdbx_end_PDB_ins_code 
_struct_conf.beg_auth_comp_id 
_struct_conf.beg_auth_asym_id 
_struct_conf.beg_auth_seq_id 
_struct_conf.end_auth_comp_id 
_struct_conf.end_auth_asym_id 
_struct_conf.end_auth_seq_id 
_struct_conf.pdbx_PDB_helix_class 
_struct_conf.details 
_struct_conf.pdbx_PDB_helix_length 
HELX_P HELX_P1 AA1 SER A 1   ? ILE A 24  ? SER A 979  ILE A 1002 1 ? 24 
HELX_P HELX_P2 AA2 ASP A 25  ? THR A 32  ? ASP A 1003 THR A 1010 5 ? 8  
HELX_P HELX_P3 AA3 ASP A 42  ? ILE A 47  ? ASP A 1020 ILE A 1025 1 ? 6  
HELX_P HELX_P4 AA4 ASP A 52  ? LEU A 62  ? ASP A 1030 LEU A 1040 1 ? 11 
HELX_P HELX_P5 AA5 THR A 67  ? ASN A 86  ? THR A 1045 ASN A 1064 1 ? 20 
HELX_P HELX_P6 AA6 ASP A 90  ? LEU A 115 ? ASP A 1068 LEU A 1093 1 ? 26 
HELX_P HELX_P7 AA7 ASP A 116 ? SER A 129 ? ASP A 1094 SER A 1107 1 ? 14 
# 
_struct_conf_type.id          HELX_P 
_struct_conf_type.criteria    ? 
_struct_conf_type.reference   ? 
# 
loop_
_struct_site.id 
_struct_site.pdbx_evidence_code 
_struct_site.pdbx_auth_asym_id 
_struct_site.pdbx_auth_comp_id 
_struct_site.pdbx_auth_seq_id 
_struct_site.pdbx_auth_ins_code 
_struct_site.pdbx_num_residues 
_struct_site.details 
AC1 Software A SO4 1201 ? 6 'binding site for residue SO4 A 1201' 
AC2 Software A BQH 1202 ? 5 'binding site for residue BQH A 1202' 
# 
loop_
_struct_site_gen.id 
_struct_site_gen.site_id 
_struct_site_gen.pdbx_num_res 
_struct_site_gen.label_comp_id 
_struct_site_gen.label_asym_id 
_struct_site_gen.label_seq_id 
_struct_site_gen.pdbx_auth_ins_code 
_struct_site_gen.auth_comp_id 
_struct_site_gen.auth_asym_id 
_struct_site_gen.auth_seq_id 
_struct_site_gen.label_atom_id 
_struct_site_gen.label_alt_id 
_struct_site_gen.symmetry 
_struct_site_gen.details 
1  AC1 6 ARG A 9  ? ARG A 987  . ? 5_455 ? 
2  AC1 6 ARG A 12 ? ARG A 990  . ? 5_455 ? 
3  AC1 6 ARG A 16 ? ARG A 994  . ? 5_455 ? 
4  AC1 6 ARG A 89 ? ARG A 1067 . ? 1_555 ? 
5  AC1 6 ARG A 94 ? ARG A 1072 . ? 1_555 ? 
6  AC1 6 HOH D .  ? HOH A 1330 . ? 1_555 ? 
7  AC2 5 TYR A 85 ? TYR A 1063 . ? 1_555 ? 
8  AC2 5 ASN A 86 ? ASN A 1064 . ? 1_555 ? 
9  AC2 5 ASP A 93 ? ASP A 1071 . ? 1_555 ? 
10 AC2 5 ILE A 96 ? ILE A 1074 . ? 1_555 ? 
11 AC2 5 HOH D .  ? HOH A 1308 . ? 1_555 ? 
# 
_pdbx_distant_solvent_atoms.id                                1 
_pdbx_distant_solvent_atoms.PDB_model_num                     1 
_pdbx_distant_solvent_atoms.auth_atom_id                      O 
_pdbx_distant_solvent_atoms.label_alt_id                      ? 
_pdbx_distant_solvent_atoms.auth_asym_id                      A 
_pdbx_distant_solvent_atoms.auth_comp_id                      HOH 
_pdbx_distant_solvent_atoms.auth_seq_id                       1439 
_pdbx_distant_solvent_atoms.PDB_ins_code                      ? 
_pdbx_distant_solvent_atoms.neighbor_macromolecule_distance   6.20 
_pdbx_distant_solvent_atoms.neighbor_ligand_distance          . 
# 
loop_
_chem_comp_atom.comp_id 
_chem_comp_atom.atom_id 
_chem_comp_atom.type_symbol 
_chem_comp_atom.pdbx_aromatic_flag 
_chem_comp_atom.pdbx_stereo_config 
_chem_comp_atom.pdbx_ordinal 
ALA N    N N N 1   
ALA CA   C N S 2   
ALA C    C N N 3   
ALA O    O N N 4   
ALA CB   C N N 5   
ALA OXT  O N N 6   
ALA H    H N N 7   
ALA H2   H N N 8   
ALA HA   H N N 9   
ALA HB1  H N N 10  
ALA HB2  H N N 11  
ALA HB3  H N N 12  
ALA HXT  H N N 13  
ARG N    N N N 14  
ARG CA   C N S 15  
ARG C    C N N 16  
ARG O    O N N 17  
ARG CB   C N N 18  
ARG CG   C N N 19  
ARG CD   C N N 20  
ARG NE   N N N 21  
ARG CZ   C N N 22  
ARG NH1  N N N 23  
ARG NH2  N N N 24  
ARG OXT  O N N 25  
ARG H    H N N 26  
ARG H2   H N N 27  
ARG HA   H N N 28  
ARG HB2  H N N 29  
ARG HB3  H N N 30  
ARG HG2  H N N 31  
ARG HG3  H N N 32  
ARG HD2  H N N 33  
ARG HD3  H N N 34  
ARG HE   H N N 35  
ARG HH11 H N N 36  
ARG HH12 H N N 37  
ARG HH21 H N N 38  
ARG HH22 H N N 39  
ARG HXT  H N N 40  
ASN N    N N N 41  
ASN CA   C N S 42  
ASN C    C N N 43  
ASN O    O N N 44  
ASN CB   C N N 45  
ASN CG   C N N 46  
ASN OD1  O N N 47  
ASN ND2  N N N 48  
ASN OXT  O N N 49  
ASN H    H N N 50  
ASN H2   H N N 51  
ASN HA   H N N 52  
ASN HB2  H N N 53  
ASN HB3  H N N 54  
ASN HD21 H N N 55  
ASN HD22 H N N 56  
ASN HXT  H N N 57  
ASP N    N N N 58  
ASP CA   C N S 59  
ASP C    C N N 60  
ASP O    O N N 61  
ASP CB   C N N 62  
ASP CG   C N N 63  
ASP OD1  O N N 64  
ASP OD2  O N N 65  
ASP OXT  O N N 66  
ASP H    H N N 67  
ASP H2   H N N 68  
ASP HA   H N N 69  
ASP HB2  H N N 70  
ASP HB3  H N N 71  
ASP HD2  H N N 72  
ASP HXT  H N N 73  
BQH N    N N N 74  
BQH CA   C N S 75  
BQH C    C N N 76  
BQH O    O N N 77  
BQH CB   C N N 78  
BQH CAA  C N N 79  
BQH CAD  C Y N 80  
BQH CAE  C N N 81  
BQH CAF  C N N 82  
BQH CAM  C N N 83  
BQH CAO  C Y N 84  
BQH CAP  C Y N 85  
BQH NAH  N Y N 86  
BQH NAI  N N N 87  
BQH NAK  N N N 88  
BQH OAB  O N N 89  
BQH SAL  S Y N 90  
BQH H1   H N N 91  
BQH H3   H N N 92  
BQH H4   H N N 93  
BQH H5   H N N 94  
BQH H6   H N N 95  
BQH H7   H N N 96  
BQH H8   H N N 97  
BQH H9   H N N 98  
BQH H10  H N N 99  
BQH H11  H N N 100 
BQH H12  H N N 101 
BQH H13  H N N 102 
BQH H14  H N N 103 
BQH H16  H N N 104 
CYS N    N N N 105 
CYS CA   C N R 106 
CYS C    C N N 107 
CYS O    O N N 108 
CYS CB   C N N 109 
CYS SG   S N N 110 
CYS OXT  O N N 111 
CYS H    H N N 112 
CYS H2   H N N 113 
CYS HA   H N N 114 
CYS HB2  H N N 115 
CYS HB3  H N N 116 
CYS HG   H N N 117 
CYS HXT  H N N 118 
GLN N    N N N 119 
GLN CA   C N S 120 
GLN C    C N N 121 
GLN O    O N N 122 
GLN CB   C N N 123 
GLN CG   C N N 124 
GLN CD   C N N 125 
GLN OE1  O N N 126 
GLN NE2  N N N 127 
GLN OXT  O N N 128 
GLN H    H N N 129 
GLN H2   H N N 130 
GLN HA   H N N 131 
GLN HB2  H N N 132 
GLN HB3  H N N 133 
GLN HG2  H N N 134 
GLN HG3  H N N 135 
GLN HE21 H N N 136 
GLN HE22 H N N 137 
GLN HXT  H N N 138 
GLU N    N N N 139 
GLU CA   C N S 140 
GLU C    C N N 141 
GLU O    O N N 142 
GLU CB   C N N 143 
GLU CG   C N N 144 
GLU CD   C N N 145 
GLU OE1  O N N 146 
GLU OE2  O N N 147 
GLU OXT  O N N 148 
GLU H    H N N 149 
GLU H2   H N N 150 
GLU HA   H N N 151 
GLU HB2  H N N 152 
GLU HB3  H N N 153 
GLU HG2  H N N 154 
GLU HG3  H N N 155 
GLU HE2  H N N 156 
GLU HXT  H N N 157 
GLY N    N N N 158 
GLY CA   C N N 159 
GLY C    C N N 160 
GLY O    O N N 161 
GLY OXT  O N N 162 
GLY H    H N N 163 
GLY H2   H N N 164 
GLY HA2  H N N 165 
GLY HA3  H N N 166 
GLY HXT  H N N 167 
HIS N    N N N 168 
HIS CA   C N S 169 
HIS C    C N N 170 
HIS O    O N N 171 
HIS CB   C N N 172 
HIS CG   C Y N 173 
HIS ND1  N Y N 174 
HIS CD2  C Y N 175 
HIS CE1  C Y N 176 
HIS NE2  N Y N 177 
HIS OXT  O N N 178 
HIS H    H N N 179 
HIS H2   H N N 180 
HIS HA   H N N 181 
HIS HB2  H N N 182 
HIS HB3  H N N 183 
HIS HD1  H N N 184 
HIS HD2  H N N 185 
HIS HE1  H N N 186 
HIS HE2  H N N 187 
HIS HXT  H N N 188 
HOH O    O N N 189 
HOH H1   H N N 190 
HOH H2   H N N 191 
ILE N    N N N 192 
ILE CA   C N S 193 
ILE C    C N N 194 
ILE O    O N N 195 
ILE CB   C N S 196 
ILE CG1  C N N 197 
ILE CG2  C N N 198 
ILE CD1  C N N 199 
ILE OXT  O N N 200 
ILE H    H N N 201 
ILE H2   H N N 202 
ILE HA   H N N 203 
ILE HB   H N N 204 
ILE HG12 H N N 205 
ILE HG13 H N N 206 
ILE HG21 H N N 207 
ILE HG22 H N N 208 
ILE HG23 H N N 209 
ILE HD11 H N N 210 
ILE HD12 H N N 211 
ILE HD13 H N N 212 
ILE HXT  H N N 213 
LEU N    N N N 214 
LEU CA   C N S 215 
LEU C    C N N 216 
LEU O    O N N 217 
LEU CB   C N N 218 
LEU CG   C N N 219 
LEU CD1  C N N 220 
LEU CD2  C N N 221 
LEU OXT  O N N 222 
LEU H    H N N 223 
LEU H2   H N N 224 
LEU HA   H N N 225 
LEU HB2  H N N 226 
LEU HB3  H N N 227 
LEU HG   H N N 228 
LEU HD11 H N N 229 
LEU HD12 H N N 230 
LEU HD13 H N N 231 
LEU HD21 H N N 232 
LEU HD22 H N N 233 
LEU HD23 H N N 234 
LEU HXT  H N N 235 
LYS N    N N N 236 
LYS CA   C N S 237 
LYS C    C N N 238 
LYS O    O N N 239 
LYS CB   C N N 240 
LYS CG   C N N 241 
LYS CD   C N N 242 
LYS CE   C N N 243 
LYS NZ   N N N 244 
LYS OXT  O N N 245 
LYS H    H N N 246 
LYS H2   H N N 247 
LYS HA   H N N 248 
LYS HB2  H N N 249 
LYS HB3  H N N 250 
LYS HG2  H N N 251 
LYS HG3  H N N 252 
LYS HD2  H N N 253 
LYS HD3  H N N 254 
LYS HE2  H N N 255 
LYS HE3  H N N 256 
LYS HZ1  H N N 257 
LYS HZ2  H N N 258 
LYS HZ3  H N N 259 
LYS HXT  H N N 260 
MET N    N N N 261 
MET CA   C N S 262 
MET C    C N N 263 
MET O    O N N 264 
MET CB   C N N 265 
MET CG   C N N 266 
MET SD   S N N 267 
MET CE   C N N 268 
MET OXT  O N N 269 
MET H    H N N 270 
MET H2   H N N 271 
MET HA   H N N 272 
MET HB2  H N N 273 
MET HB3  H N N 274 
MET HG2  H N N 275 
MET HG3  H N N 276 
MET HE1  H N N 277 
MET HE2  H N N 278 
MET HE3  H N N 279 
MET HXT  H N N 280 
PHE N    N N N 281 
PHE CA   C N S 282 
PHE C    C N N 283 
PHE O    O N N 284 
PHE CB   C N N 285 
PHE CG   C Y N 286 
PHE CD1  C Y N 287 
PHE CD2  C Y N 288 
PHE CE1  C Y N 289 
PHE CE2  C Y N 290 
PHE CZ   C Y N 291 
PHE OXT  O N N 292 
PHE H    H N N 293 
PHE H2   H N N 294 
PHE HA   H N N 295 
PHE HB2  H N N 296 
PHE HB3  H N N 297 
PHE HD1  H N N 298 
PHE HD2  H N N 299 
PHE HE1  H N N 300 
PHE HE2  H N N 301 
PHE HZ   H N N 302 
PHE HXT  H N N 303 
PRO N    N N N 304 
PRO CA   C N S 305 
PRO C    C N N 306 
PRO O    O N N 307 
PRO CB   C N N 308 
PRO CG   C N N 309 
PRO CD   C N N 310 
PRO OXT  O N N 311 
PRO H    H N N 312 
PRO HA   H N N 313 
PRO HB2  H N N 314 
PRO HB3  H N N 315 
PRO HG2  H N N 316 
PRO HG3  H N N 317 
PRO HD2  H N N 318 
PRO HD3  H N N 319 
PRO HXT  H N N 320 
SER N    N N N 321 
SER CA   C N S 322 
SER C    C N N 323 
SER O    O N N 324 
SER CB   C N N 325 
SER OG   O N N 326 
SER OXT  O N N 327 
SER H    H N N 328 
SER H2   H N N 329 
SER HA   H N N 330 
SER HB2  H N N 331 
SER HB3  H N N 332 
SER HG   H N N 333 
SER HXT  H N N 334 
SO4 S    S N N 335 
SO4 O1   O N N 336 
SO4 O2   O N N 337 
SO4 O3   O N N 338 
SO4 O4   O N N 339 
THR N    N N N 340 
THR CA   C N S 341 
THR C    C N N 342 
THR O    O N N 343 
THR CB   C N R 344 
THR OG1  O N N 345 
THR CG2  C N N 346 
THR OXT  O N N 347 
THR H    H N N 348 
THR H2   H N N 349 
THR HA   H N N 350 
THR HB   H N N 351 
THR HG1  H N N 352 
THR HG21 H N N 353 
THR HG22 H N N 354 
THR HG23 H N N 355 
THR HXT  H N N 356 
TYR N    N N N 357 
TYR CA   C N S 358 
TYR C    C N N 359 
TYR O    O N N 360 
TYR CB   C N N 361 
TYR CG   C Y N 362 
TYR CD1  C Y N 363 
TYR CD2  C Y N 364 
TYR CE1  C Y N 365 
TYR CE2  C Y N 366 
TYR CZ   C Y N 367 
TYR OH   O N N 368 
TYR OXT  O N N 369 
TYR H    H N N 370 
TYR H2   H N N 371 
TYR HA   H N N 372 
TYR HB2  H N N 373 
TYR HB3  H N N 374 
TYR HD1  H N N 375 
TYR HD2  H N N 376 
TYR HE1  H N N 377 
TYR HE2  H N N 378 
TYR HH   H N N 379 
TYR HXT  H N N 380 
VAL N    N N N 381 
VAL CA   C N S 382 
VAL C    C N N 383 
VAL O    O N N 384 
VAL CB   C N N 385 
VAL CG1  C N N 386 
VAL CG2  C N N 387 
VAL OXT  O N N 388 
VAL H    H N N 389 
VAL H2   H N N 390 
VAL HA   H N N 391 
VAL HB   H N N 392 
VAL HG11 H N N 393 
VAL HG12 H N N 394 
VAL HG13 H N N 395 
VAL HG21 H N N 396 
VAL HG22 H N N 397 
VAL HG23 H N N 398 
VAL HXT  H N N 399 
# 
loop_
_chem_comp_bond.comp_id 
_chem_comp_bond.atom_id_1 
_chem_comp_bond.atom_id_2 
_chem_comp_bond.value_order 
_chem_comp_bond.pdbx_aromatic_flag 
_chem_comp_bond.pdbx_stereo_config 
_chem_comp_bond.pdbx_ordinal 
ALA N   CA   sing N N 1   
ALA N   H    sing N N 2   
ALA N   H2   sing N N 3   
ALA CA  C    sing N N 4   
ALA CA  CB   sing N N 5   
ALA CA  HA   sing N N 6   
ALA C   O    doub N N 7   
ALA C   OXT  sing N N 8   
ALA CB  HB1  sing N N 9   
ALA CB  HB2  sing N N 10  
ALA CB  HB3  sing N N 11  
ALA OXT HXT  sing N N 12  
ARG N   CA   sing N N 13  
ARG N   H    sing N N 14  
ARG N   H2   sing N N 15  
ARG CA  C    sing N N 16  
ARG CA  CB   sing N N 17  
ARG CA  HA   sing N N 18  
ARG C   O    doub N N 19  
ARG C   OXT  sing N N 20  
ARG CB  CG   sing N N 21  
ARG CB  HB2  sing N N 22  
ARG CB  HB3  sing N N 23  
ARG CG  CD   sing N N 24  
ARG CG  HG2  sing N N 25  
ARG CG  HG3  sing N N 26  
ARG CD  NE   sing N N 27  
ARG CD  HD2  sing N N 28  
ARG CD  HD3  sing N N 29  
ARG NE  CZ   sing N N 30  
ARG NE  HE   sing N N 31  
ARG CZ  NH1  sing N N 32  
ARG CZ  NH2  doub N N 33  
ARG NH1 HH11 sing N N 34  
ARG NH1 HH12 sing N N 35  
ARG NH2 HH21 sing N N 36  
ARG NH2 HH22 sing N N 37  
ARG OXT HXT  sing N N 38  
ASN N   CA   sing N N 39  
ASN N   H    sing N N 40  
ASN N   H2   sing N N 41  
ASN CA  C    sing N N 42  
ASN CA  CB   sing N N 43  
ASN CA  HA   sing N N 44  
ASN C   O    doub N N 45  
ASN C   OXT  sing N N 46  
ASN CB  CG   sing N N 47  
ASN CB  HB2  sing N N 48  
ASN CB  HB3  sing N N 49  
ASN CG  OD1  doub N N 50  
ASN CG  ND2  sing N N 51  
ASN ND2 HD21 sing N N 52  
ASN ND2 HD22 sing N N 53  
ASN OXT HXT  sing N N 54  
ASP N   CA   sing N N 55  
ASP N   H    sing N N 56  
ASP N   H2   sing N N 57  
ASP CA  C    sing N N 58  
ASP CA  CB   sing N N 59  
ASP CA  HA   sing N N 60  
ASP C   O    doub N N 61  
ASP C   OXT  sing N N 62  
ASP CB  CG   sing N N 63  
ASP CB  HB2  sing N N 64  
ASP CB  HB3  sing N N 65  
ASP CG  OD1  doub N N 66  
ASP CG  OD2  sing N N 67  
ASP OD2 HD2  sing N N 68  
ASP OXT HXT  sing N N 69  
BQH CAA CAM  sing N N 70  
BQH CAD CAO  doub Y N 71  
BQH CAD SAL  sing Y N 72  
BQH CAM CAO  sing N N 73  
BQH CAM OAB  doub N N 74  
BQH CAO NAH  sing Y N 75  
BQH SAL CAP  sing Y N 76  
BQH NAH CAP  doub Y N 77  
BQH CAP NAK  sing N N 78  
BQH O   C    doub N N 79  
BQH NAK C    sing N N 80  
BQH C   CA   sing N N 81  
BQH N   CA   sing N N 82  
BQH N   CAF  sing N N 83  
BQH CA  CB   sing N N 84  
BQH CAF CAE  sing N N 85  
BQH CB  NAI  sing N N 86  
BQH CAE NAI  sing N N 87  
BQH N   H1   sing N N 88  
BQH CA  H3   sing N N 89  
BQH CB  H4   sing N N 90  
BQH CB  H5   sing N N 91  
BQH CAA H6   sing N N 92  
BQH CAA H7   sing N N 93  
BQH CAA H8   sing N N 94  
BQH CAD H9   sing N N 95  
BQH CAE H10  sing N N 96  
BQH CAE H11  sing N N 97  
BQH CAF H12  sing N N 98  
BQH CAF H13  sing N N 99  
BQH NAI H14  sing N N 100 
BQH NAK H16  sing N N 101 
CYS N   CA   sing N N 102 
CYS N   H    sing N N 103 
CYS N   H2   sing N N 104 
CYS CA  C    sing N N 105 
CYS CA  CB   sing N N 106 
CYS CA  HA   sing N N 107 
CYS C   O    doub N N 108 
CYS C   OXT  sing N N 109 
CYS CB  SG   sing N N 110 
CYS CB  HB2  sing N N 111 
CYS CB  HB3  sing N N 112 
CYS SG  HG   sing N N 113 
CYS OXT HXT  sing N N 114 
GLN N   CA   sing N N 115 
GLN N   H    sing N N 116 
GLN N   H2   sing N N 117 
GLN CA  C    sing N N 118 
GLN CA  CB   sing N N 119 
GLN CA  HA   sing N N 120 
GLN C   O    doub N N 121 
GLN C   OXT  sing N N 122 
GLN CB  CG   sing N N 123 
GLN CB  HB2  sing N N 124 
GLN CB  HB3  sing N N 125 
GLN CG  CD   sing N N 126 
GLN CG  HG2  sing N N 127 
GLN CG  HG3  sing N N 128 
GLN CD  OE1  doub N N 129 
GLN CD  NE2  sing N N 130 
GLN NE2 HE21 sing N N 131 
GLN NE2 HE22 sing N N 132 
GLN OXT HXT  sing N N 133 
GLU N   CA   sing N N 134 
GLU N   H    sing N N 135 
GLU N   H2   sing N N 136 
GLU CA  C    sing N N 137 
GLU CA  CB   sing N N 138 
GLU CA  HA   sing N N 139 
GLU C   O    doub N N 140 
GLU C   OXT  sing N N 141 
GLU CB  CG   sing N N 142 
GLU CB  HB2  sing N N 143 
GLU CB  HB3  sing N N 144 
GLU CG  CD   sing N N 145 
GLU CG  HG2  sing N N 146 
GLU CG  HG3  sing N N 147 
GLU CD  OE1  doub N N 148 
GLU CD  OE2  sing N N 149 
GLU OE2 HE2  sing N N 150 
GLU OXT HXT  sing N N 151 
GLY N   CA   sing N N 152 
GLY N   H    sing N N 153 
GLY N   H2   sing N N 154 
GLY CA  C    sing N N 155 
GLY CA  HA2  sing N N 156 
GLY CA  HA3  sing N N 157 
GLY C   O    doub N N 158 
GLY C   OXT  sing N N 159 
GLY OXT HXT  sing N N 160 
HIS N   CA   sing N N 161 
HIS N   H    sing N N 162 
HIS N   H2   sing N N 163 
HIS CA  C    sing N N 164 
HIS CA  CB   sing N N 165 
HIS CA  HA   sing N N 166 
HIS C   O    doub N N 167 
HIS C   OXT  sing N N 168 
HIS CB  CG   sing N N 169 
HIS CB  HB2  sing N N 170 
HIS CB  HB3  sing N N 171 
HIS CG  ND1  sing Y N 172 
HIS CG  CD2  doub Y N 173 
HIS ND1 CE1  doub Y N 174 
HIS ND1 HD1  sing N N 175 
HIS CD2 NE2  sing Y N 176 
HIS CD2 HD2  sing N N 177 
HIS CE1 NE2  sing Y N 178 
HIS CE1 HE1  sing N N 179 
HIS NE2 HE2  sing N N 180 
HIS OXT HXT  sing N N 181 
HOH O   H1   sing N N 182 
HOH O   H2   sing N N 183 
ILE N   CA   sing N N 184 
ILE N   H    sing N N 185 
ILE N   H2   sing N N 186 
ILE CA  C    sing N N 187 
ILE CA  CB   sing N N 188 
ILE CA  HA   sing N N 189 
ILE C   O    doub N N 190 
ILE C   OXT  sing N N 191 
ILE CB  CG1  sing N N 192 
ILE CB  CG2  sing N N 193 
ILE CB  HB   sing N N 194 
ILE CG1 CD1  sing N N 195 
ILE CG1 HG12 sing N N 196 
ILE CG1 HG13 sing N N 197 
ILE CG2 HG21 sing N N 198 
ILE CG2 HG22 sing N N 199 
ILE CG2 HG23 sing N N 200 
ILE CD1 HD11 sing N N 201 
ILE CD1 HD12 sing N N 202 
ILE CD1 HD13 sing N N 203 
ILE OXT HXT  sing N N 204 
LEU N   CA   sing N N 205 
LEU N   H    sing N N 206 
LEU N   H2   sing N N 207 
LEU CA  C    sing N N 208 
LEU CA  CB   sing N N 209 
LEU CA  HA   sing N N 210 
LEU C   O    doub N N 211 
LEU C   OXT  sing N N 212 
LEU CB  CG   sing N N 213 
LEU CB  HB2  sing N N 214 
LEU CB  HB3  sing N N 215 
LEU CG  CD1  sing N N 216 
LEU CG  CD2  sing N N 217 
LEU CG  HG   sing N N 218 
LEU CD1 HD11 sing N N 219 
LEU CD1 HD12 sing N N 220 
LEU CD1 HD13 sing N N 221 
LEU CD2 HD21 sing N N 222 
LEU CD2 HD22 sing N N 223 
LEU CD2 HD23 sing N N 224 
LEU OXT HXT  sing N N 225 
LYS N   CA   sing N N 226 
LYS N   H    sing N N 227 
LYS N   H2   sing N N 228 
LYS CA  C    sing N N 229 
LYS CA  CB   sing N N 230 
LYS CA  HA   sing N N 231 
LYS C   O    doub N N 232 
LYS C   OXT  sing N N 233 
LYS CB  CG   sing N N 234 
LYS CB  HB2  sing N N 235 
LYS CB  HB3  sing N N 236 
LYS CG  CD   sing N N 237 
LYS CG  HG2  sing N N 238 
LYS CG  HG3  sing N N 239 
LYS CD  CE   sing N N 240 
LYS CD  HD2  sing N N 241 
LYS CD  HD3  sing N N 242 
LYS CE  NZ   sing N N 243 
LYS CE  HE2  sing N N 244 
LYS CE  HE3  sing N N 245 
LYS NZ  HZ1  sing N N 246 
LYS NZ  HZ2  sing N N 247 
LYS NZ  HZ3  sing N N 248 
LYS OXT HXT  sing N N 249 
MET N   CA   sing N N 250 
MET N   H    sing N N 251 
MET N   H2   sing N N 252 
MET CA  C    sing N N 253 
MET CA  CB   sing N N 254 
MET CA  HA   sing N N 255 
MET C   O    doub N N 256 
MET C   OXT  sing N N 257 
MET CB  CG   sing N N 258 
MET CB  HB2  sing N N 259 
MET CB  HB3  sing N N 260 
MET CG  SD   sing N N 261 
MET CG  HG2  sing N N 262 
MET CG  HG3  sing N N 263 
MET SD  CE   sing N N 264 
MET CE  HE1  sing N N 265 
MET CE  HE2  sing N N 266 
MET CE  HE3  sing N N 267 
MET OXT HXT  sing N N 268 
PHE N   CA   sing N N 269 
PHE N   H    sing N N 270 
PHE N   H2   sing N N 271 
PHE CA  C    sing N N 272 
PHE CA  CB   sing N N 273 
PHE CA  HA   sing N N 274 
PHE C   O    doub N N 275 
PHE C   OXT  sing N N 276 
PHE CB  CG   sing N N 277 
PHE CB  HB2  sing N N 278 
PHE CB  HB3  sing N N 279 
PHE CG  CD1  doub Y N 280 
PHE CG  CD2  sing Y N 281 
PHE CD1 CE1  sing Y N 282 
PHE CD1 HD1  sing N N 283 
PHE CD2 CE2  doub Y N 284 
PHE CD2 HD2  sing N N 285 
PHE CE1 CZ   doub Y N 286 
PHE CE1 HE1  sing N N 287 
PHE CE2 CZ   sing Y N 288 
PHE CE2 HE2  sing N N 289 
PHE CZ  HZ   sing N N 290 
PHE OXT HXT  sing N N 291 
PRO N   CA   sing N N 292 
PRO N   CD   sing N N 293 
PRO N   H    sing N N 294 
PRO CA  C    sing N N 295 
PRO CA  CB   sing N N 296 
PRO CA  HA   sing N N 297 
PRO C   O    doub N N 298 
PRO C   OXT  sing N N 299 
PRO CB  CG   sing N N 300 
PRO CB  HB2  sing N N 301 
PRO CB  HB3  sing N N 302 
PRO CG  CD   sing N N 303 
PRO CG  HG2  sing N N 304 
PRO CG  HG3  sing N N 305 
PRO CD  HD2  sing N N 306 
PRO CD  HD3  sing N N 307 
PRO OXT HXT  sing N N 308 
SER N   CA   sing N N 309 
SER N   H    sing N N 310 
SER N   H2   sing N N 311 
SER CA  C    sing N N 312 
SER CA  CB   sing N N 313 
SER CA  HA   sing N N 314 
SER C   O    doub N N 315 
SER C   OXT  sing N N 316 
SER CB  OG   sing N N 317 
SER CB  HB2  sing N N 318 
SER CB  HB3  sing N N 319 
SER OG  HG   sing N N 320 
SER OXT HXT  sing N N 321 
SO4 S   O1   doub N N 322 
SO4 S   O2   doub N N 323 
SO4 S   O3   sing N N 324 
SO4 S   O4   sing N N 325 
THR N   CA   sing N N 326 
THR N   H    sing N N 327 
THR N   H2   sing N N 328 
THR CA  C    sing N N 329 
THR CA  CB   sing N N 330 
THR CA  HA   sing N N 331 
THR C   O    doub N N 332 
THR C   OXT  sing N N 333 
THR CB  OG1  sing N N 334 
THR CB  CG2  sing N N 335 
THR CB  HB   sing N N 336 
THR OG1 HG1  sing N N 337 
THR CG2 HG21 sing N N 338 
THR CG2 HG22 sing N N 339 
THR CG2 HG23 sing N N 340 
THR OXT HXT  sing N N 341 
TYR N   CA   sing N N 342 
TYR N   H    sing N N 343 
TYR N   H2   sing N N 344 
TYR CA  C    sing N N 345 
TYR CA  CB   sing N N 346 
TYR CA  HA   sing N N 347 
TYR C   O    doub N N 348 
TYR C   OXT  sing N N 349 
TYR CB  CG   sing N N 350 
TYR CB  HB2  sing N N 351 
TYR CB  HB3  sing N N 352 
TYR CG  CD1  doub Y N 353 
TYR CG  CD2  sing Y N 354 
TYR CD1 CE1  sing Y N 355 
TYR CD1 HD1  sing N N 356 
TYR CD2 CE2  doub Y N 357 
TYR CD2 HD2  sing N N 358 
TYR CE1 CZ   doub Y N 359 
TYR CE1 HE1  sing N N 360 
TYR CE2 CZ   sing Y N 361 
TYR CE2 HE2  sing N N 362 
TYR CZ  OH   sing N N 363 
TYR OH  HH   sing N N 364 
TYR OXT HXT  sing N N 365 
VAL N   CA   sing N N 366 
VAL N   H    sing N N 367 
VAL N   H2   sing N N 368 
VAL CA  C    sing N N 369 
VAL CA  CB   sing N N 370 
VAL CA  HA   sing N N 371 
VAL C   O    doub N N 372 
VAL C   OXT  sing N N 373 
VAL CB  CG1  sing N N 374 
VAL CB  CG2  sing N N 375 
VAL CB  HB   sing N N 376 
VAL CG1 HG11 sing N N 377 
VAL CG1 HG12 sing N N 378 
VAL CG1 HG13 sing N N 379 
VAL CG2 HG21 sing N N 380 
VAL CG2 HG22 sing N N 381 
VAL CG2 HG23 sing N N 382 
VAL OXT HXT  sing N N 383 
# 
_atom_sites.entry_id                    6EPU 
_atom_sites.fract_transf_matrix[1][1]   0.01394146 
_atom_sites.fract_transf_matrix[1][2]   -0.00294770 
_atom_sites.fract_transf_matrix[1][3]   0.00255179 
_atom_sites.fract_transf_matrix[2][1]   0.01021869 
_atom_sites.fract_transf_matrix[2][2]   0.00954677 
_atom_sites.fract_transf_matrix[2][3]   -0.00374060 
_atom_sites.fract_transf_matrix[3][1]   -0.00053815 
_atom_sites.fract_transf_matrix[3][2]   0.00315685 
_atom_sites.fract_transf_matrix[3][3]   0.00658678 
_atom_sites.fract_transf_vector[1]      0.133082 
_atom_sites.fract_transf_vector[2]      0.597124 
_atom_sites.fract_transf_vector[3]      0.027782 
# 
loop_
_atom_type.symbol 
C 
N 
O 
S 
# 
loop_
_atom_site.group_PDB 
_atom_site.id 
_atom_site.type_symbol 
_atom_site.label_atom_id 
_atom_site.label_alt_id 
_atom_site.label_comp_id 
_atom_site.label_asym_id 
_atom_site.label_entity_id 
_atom_site.label_seq_id 
_atom_site.pdbx_PDB_ins_code 
_atom_site.Cartn_x 
_atom_site.Cartn_y 
_atom_site.Cartn_z 
_atom_site.occupancy 
_atom_site.B_iso_or_equiv 
_atom_site.pdbx_formal_charge 
_atom_site.auth_seq_id 
_atom_site.auth_comp_id 
_atom_site.auth_asym_id 
_atom_site.auth_atom_id 
_atom_site.pdbx_PDB_model_num 
ATOM   1    N N   . SER A 1 1   ? 21.876  -15.347 2.099   1.00 48.11 ? 979  SER A N   1 
ATOM   2    C CA  . SER A 1 1   ? 22.519  -16.074 1.012   1.00 46.80 ? 979  SER A CA  1 
ATOM   3    C C   . SER A 1 1   ? 22.139  -15.488 -0.342  1.00 53.48 ? 979  SER A C   1 
ATOM   4    O O   . SER A 1 1   ? 21.243  -14.643 -0.434  1.00 49.46 ? 979  SER A O   1 
ATOM   5    C CB  . SER A 1 1   ? 22.137  -17.550 1.054   1.00 50.85 ? 979  SER A CB  1 
ATOM   6    O OG  . SER A 1 1   ? 20.847  -17.751 0.513   1.00 48.34 ? 979  SER A OG  1 
ATOM   7    N N   . MET A 1 2   ? 22.822  -15.953 -1.391  1.00 50.00 ? 980  MET A N   1 
ATOM   8    C CA  . MET A 1 2   ? 22.490  -15.517 -2.744  1.00 54.08 ? 980  MET A CA  1 
ATOM   9    C C   . MET A 1 2   ? 21.117  -16.027 -3.173  1.00 48.98 ? 980  MET A C   1 
ATOM   10   O O   . MET A 1 2   ? 20.370  -15.310 -3.847  1.00 48.00 ? 980  MET A O   1 
ATOM   11   C CB  . MET A 1 2   ? 23.570  -15.978 -3.724  1.00 56.66 ? 980  MET A CB  1 
ATOM   12   N N   . GLN A 1 3   ? 20.766  -17.261 -2.794  1.00 45.03 ? 981  GLN A N   1 
ATOM   13   C CA  . GLN A 1 3   ? 19.428  -17.763 -3.085  1.00 47.16 ? 981  GLN A CA  1 
ATOM   14   C C   . GLN A 1 3   ? 18.361  -16.930 -2.385  1.00 42.30 ? 981  GLN A C   1 
ATOM   15   O O   . GLN A 1 3   ? 17.288  -16.681 -2.949  1.00 41.26 ? 981  GLN A O   1 
ATOM   16   C CB  . GLN A 1 3   ? 19.302  -19.227 -2.670  1.00 49.62 ? 981  GLN A CB  1 
ATOM   17   C CG  . GLN A 1 3   ? 19.624  -20.219 -3.767  1.00 54.03 ? 981  GLN A CG  1 
ATOM   18   C CD  . GLN A 1 3   ? 20.309  -21.455 -3.230  1.00 65.82 ? 981  GLN A CD  1 
ATOM   19   O OE1 . GLN A 1 3   ? 20.362  -21.670 -2.016  1.00 66.43 ? 981  GLN A OE1 1 
ATOM   20   N NE2 . GLN A 1 3   ? 20.847  -22.273 -4.129  1.00 66.14 ? 981  GLN A NE2 1 
ATOM   21   N N   . GLU A 1 4   ? 18.631  -16.502 -1.148  1.00 38.38 ? 982  GLU A N   1 
ATOM   22   C CA  . GLU A 1 4   ? 17.658  -15.699 -0.418  1.00 36.23 ? 982  GLU A CA  1 
ATOM   23   C C   . GLU A 1 4   ? 17.491  -14.319 -1.043  1.00 37.12 ? 982  GLU A C   1 
ATOM   24   O O   . GLU A 1 4   ? 16.381  -13.770 -1.062  1.00 28.22 ? 982  GLU A O   1 
ATOM   25   C CB  . GLU A 1 4   ? 18.070  -15.587 1.048   1.00 36.43 ? 982  GLU A CB  1 
ATOM   26   C CG  . GLU A 1 4   ? 17.962  -16.915 1.781   1.00 37.42 ? 982  GLU A CG  1 
ATOM   27   C CD  . GLU A 1 4   ? 18.464  -16.841 3.203   1.00 42.41 ? 982  GLU A CD  1 
ATOM   28   O OE1 . GLU A 1 4   ? 19.217  -15.896 3.521   1.00 42.79 ? 982  GLU A OE1 1 
ATOM   29   O OE2 . GLU A 1 4   ? 18.101  -17.729 4.001   1.00 37.43 ? 982  GLU A OE2 1 
ATOM   30   N N   . GLU A 1 5   ? 18.579  -13.733 -1.551  1.00 31.67 ? 983  GLU A N   1 
ATOM   31   C CA  . GLU A 1 5   ? 18.458  -12.430 -2.198  1.00 32.93 ? 983  GLU A CA  1 
ATOM   32   C C   . GLU A 1 5   ? 17.653  -12.531 -3.487  1.00 33.00 ? 983  GLU A C   1 
ATOM   33   O O   . GLU A 1 5   ? 16.899  -11.608 -3.824  1.00 30.06 ? 983  GLU A O   1 
ATOM   34   C CB  . GLU A 1 5   ? 19.840  -11.832 -2.468  1.00 38.86 ? 983  GLU A CB  1 
ATOM   35   C CG  . GLU A 1 5   ? 20.611  -11.449 -1.205  1.00 44.39 ? 983  GLU A CG  1 
ATOM   36   C CD  . GLU A 1 5   ? 19.786  -10.642 -0.214  1.00 48.28 ? 983  GLU A CD  1 
ATOM   37   O OE1 . GLU A 1 5   ? 19.101  -9.681  -0.634  1.00 51.14 ? 983  GLU A OE1 1 
ATOM   38   O OE2 . GLU A 1 5   ? 19.812  -10.975 0.992   1.00 50.90 ? 983  GLU A OE2 1 
ATOM   39   N N   . ASP A 1 6   ? 17.792  -13.642 -4.217  1.00 32.27 ? 984  ASP A N   1 
ATOM   40   C CA  . ASP A 1 6   ? 16.952  -13.863 -5.390  1.00 36.18 ? 984  ASP A CA  1 
ATOM   41   C C   . ASP A 1 6   ? 15.481  -13.951 -5.003  1.00 32.63 ? 984  ASP A C   1 
ATOM   42   O O   . ASP A 1 6   ? 14.602  -13.518 -5.762  1.00 28.75 ? 984  ASP A O   1 
ATOM   43   C CB  . ASP A 1 6   ? 17.364  -15.140 -6.116  1.00 36.56 ? 984  ASP A CB  1 
ATOM   44   C CG  . ASP A 1 6   ? 18.658  -14.984 -6.895  1.00 44.42 ? 984  ASP A CG  1 
ATOM   45   O OD1 . ASP A 1 6   ? 19.027  -13.842 -7.236  1.00 48.90 ? 984  ASP A OD1 1 
ATOM   46   O OD2 . ASP A 1 6   ? 19.303  -16.016 -7.165  1.00 52.22 ? 984  ASP A OD2 1 
ATOM   47   N N   . THR A 1 7   ? 15.194  -14.546 -3.844  1.00 27.09 ? 985  THR A N   1 
ATOM   48   C CA  . THR A 1 7   ? 13.816  -14.641 -3.376  1.00 27.71 ? 985  THR A CA  1 
ATOM   49   C C   . THR A 1 7   ? 13.249  -13.258 -3.099  1.00 26.08 ? 985  THR A C   1 
ATOM   50   O O   . THR A 1 7   ? 12.151  -12.920 -3.558  1.00 24.27 ? 985  THR A O   1 
ATOM   51   C CB  . THR A 1 7   ? 13.735  -15.512 -2.123  1.00 28.65 ? 985  THR A CB  1 
ATOM   52   O OG1 . THR A 1 7   ? 14.107  -16.859 -2.449  1.00 30.89 ? 985  THR A OG1 1 
ATOM   53   C CG2 . THR A 1 7   ? 12.309  -15.519 -1.570  1.00 26.00 ? 985  THR A CG2 1 
ATOM   54   N N   . PHE A 1 8   ? 13.985  -12.439 -2.345  1.00 24.29 ? 986  PHE A N   1 
ATOM   55   C CA  . PHE A 1 8   ? 13.512  -11.085 -2.073  1.00 24.44 ? 986  PHE A CA  1 
ATOM   56   C C   . PHE A 1 8   ? 13.421  -10.250 -3.343  1.00 26.10 ? 986  PHE A C   1 
ATOM   57   O O   . PHE A 1 8   ? 12.554  -9.375  -3.447  1.00 24.70 ? 986  PHE A O   1 
ATOM   58   C CB  . PHE A 1 8   ? 14.423  -10.410 -1.057  1.00 23.45 ? 986  PHE A CB  1 
ATOM   59   C CG  . PHE A 1 8   ? 14.284  -10.975 0.319   1.00 32.34 ? 986  PHE A CG  1 
ATOM   60   C CD1 . PHE A 1 8   ? 13.030  -11.216 0.848   1.00 28.77 ? 986  PHE A CD1 1 
ATOM   61   C CD2 . PHE A 1 8   ? 15.397  -11.298 1.069   1.00 34.85 ? 986  PHE A CD2 1 
ATOM   62   C CE1 . PHE A 1 8   ? 12.880  -11.751 2.116   1.00 32.41 ? 986  PHE A CE1 1 
ATOM   63   C CE2 . PHE A 1 8   ? 15.258  -11.827 2.339   1.00 32.85 ? 986  PHE A CE2 1 
ATOM   64   C CZ  . PHE A 1 8   ? 14.000  -12.050 2.862   1.00 33.13 ? 986  PHE A CZ  1 
ATOM   65   N N   . ARG A 1 9   ? 14.295  -10.493 -4.318  1.00 24.15 ? 987  ARG A N   1 
ATOM   66   C CA  . ARG A 1 9   ? 14.181  -9.746  -5.565  1.00 25.69 ? 987  ARG A CA  1 
ATOM   67   C C   . ARG A 1 9   ? 12.899  -10.110 -6.303  1.00 24.39 ? 987  ARG A C   1 
ATOM   68   O O   . ARG A 1 9   ? 12.238  -9.234  -6.879  1.00 23.84 ? 987  ARG A O   1 
ATOM   69   C CB  . ARG A 1 9   ? 15.388  -9.995  -6.458  1.00 27.45 ? 987  ARG A CB  1 
ATOM   70   C CG  . ARG A 1 9   ? 15.345  -9.168  -7.729  1.00 28.32 ? 987  ARG A CG  1 
ATOM   71   C CD  . ARG A 1 9   ? 16.639  -9.238  -8.519  1.00 32.54 ? 987  ARG A CD  1 
ATOM   72   N NE  . ARG A 1 9   ? 16.548  -8.353  -9.679  1.00 40.55 ? 987  ARG A NE  1 
ATOM   73   C CZ  . ARG A 1 9   ? 16.318  -8.759  -10.925 1.00 41.79 ? 987  ARG A CZ  1 
ATOM   74   N NH1 . ARG A 1 9   ? 16.168  -10.055 -11.200 1.00 37.21 ? 987  ARG A NH1 1 
ATOM   75   N NH2 . ARG A 1 9   ? 16.239  -7.860  -11.903 1.00 37.04 ? 987  ARG A NH2 1 
ATOM   76   N N   . GLU A 1 10  ? 12.539  -11.400 -6.318  1.00 22.45 ? 988  GLU A N   1 
ATOM   77   C CA  . GLU A 1 10  ? 11.268  -11.780 -6.929  1.00 23.57 ? 988  GLU A CA  1 
ATOM   78   C C   . GLU A 1 10  ? 10.102  -11.109 -6.218  1.00 25.70 ? 988  GLU A C   1 
ATOM   79   O O   . GLU A 1 10  ? 9.152   -10.646 -6.865  1.00 23.74 ? 988  GLU A O   1 
ATOM   80   C CB  . GLU A 1 10  ? 11.078  -13.302 -6.921  1.00 25.37 ? 988  GLU A CB  1 
ATOM   81   C CG  . GLU A 1 10  ? 9.707   -13.672 -7.523  1.00 26.02 ? 988  GLU A CG  1 
ATOM   82   C CD  . GLU A 1 10  ? 9.579   -15.129 -7.888  1.00 35.14 ? 988  GLU A CD  1 
ATOM   83   O OE1 . GLU A 1 10  ? 8.442   -15.562 -8.165  1.00 31.87 ? 988  GLU A OE1 1 
ATOM   84   O OE2 . GLU A 1 10  ? 10.602  -15.840 -7.898  1.00 30.44 ? 988  GLU A OE2 1 
ATOM   85   N N   . LEU A 1 11  ? 10.169  -11.018 -4.886  1.00 19.98 ? 989  LEU A N   1 
ATOM   86   C CA  . LEU A 1 11  ? 9.107   -10.342 -4.147  1.00 23.70 ? 989  LEU A CA  1 
ATOM   87   C C   . LEU A 1 11  ? 8.996   -8.881  -4.564  1.00 23.83 ? 989  LEU A C   1 
ATOM   88   O O   . LEU A 1 11  ? 7.895   -8.375  -4.801  1.00 22.18 ? 989  LEU A O   1 
ATOM   89   C CB  . LEU A 1 11  ? 9.345   -10.445 -2.639  1.00 24.89 ? 989  LEU A CB  1 
ATOM   90   C CG  . LEU A 1 11  ? 8.336   -9.623  -1.818  1.00 25.39 ? 989  LEU A CG  1 
ATOM   91   C CD1 . LEU A 1 11  ? 6.930   -10.214 -1.925  1.00 24.70 ? 989  LEU A CD1 1 
ATOM   92   C CD2 . LEU A 1 11  ? 8.769   -9.527  -0.360  1.00 30.77 ? 989  LEU A CD2 1 
ATOM   93   N N   . ARG A 1 12  ? 10.131  -8.185  -4.669  1.00 21.48 ? 990  ARG A N   1 
ATOM   94   C CA  . ARG A 1 12  ? 10.097  -6.780  -5.085  1.00 21.78 ? 990  ARG A CA  1 
ATOM   95   C C   . ARG A 1 12  ? 9.482   -6.618  -6.466  1.00 22.12 ? 990  ARG A C   1 
ATOM   96   O O   . ARG A 1 12  ? 8.699   -5.690  -6.700  1.00 22.49 ? 990  ARG A O   1 
ATOM   97   C CB  . ARG A 1 12  ? 11.509  -6.185  -5.077  1.00 23.33 ? 990  ARG A CB  1 
ATOM   98   C CG  . ARG A 1 12  ? 12.103  -6.080  -3.679  1.00 24.83 ? 990  ARG A CG  1 
ATOM   99   C CD  . ARG A 1 12  ? 13.341  -5.170  -3.678  1.00 24.89 ? 990  ARG A CD  1 
ATOM   100  N NE  . ARG A 1 12  ? 14.452  -5.743  -4.450  1.00 24.68 ? 990  ARG A NE  1 
ATOM   101  C CZ  . ARG A 1 12  ? 15.364  -6.582  -3.944  1.00 26.62 ? 990  ARG A CZ  1 
ATOM   102  N NH1 . ARG A 1 12  ? 15.288  -6.968  -2.687  1.00 26.30 ? 990  ARG A NH1 1 
ATOM   103  N NH2 . ARG A 1 12  ? 16.344  -7.053  -4.699  1.00 26.74 ? 990  ARG A NH2 1 
ATOM   104  N N   . ILE A 1 13  ? 9.844   -7.499  -7.401  1.00 21.68 ? 991  ILE A N   1 
ATOM   105  C CA  . ILE A 1 13  ? 9.281   -7.433  -8.747  1.00 19.69 ? 991  ILE A CA  1 
ATOM   106  C C   . ILE A 1 13  ? 7.764   -7.596  -8.690  1.00 22.50 ? 991  ILE A C   1 
ATOM   107  O O   . ILE A 1 13  ? 7.012   -6.855  -9.340  1.00 22.94 ? 991  ILE A O   1 
ATOM   108  C CB  . ILE A 1 13  ? 9.939   -8.498  -9.640  1.00 23.23 ? 991  ILE A CB  1 
ATOM   109  C CG1 . ILE A 1 13  ? 11.412  -8.128  -9.865  1.00 25.92 ? 991  ILE A CG1 1 
ATOM   110  C CG2 . ILE A 1 13  ? 9.197   -8.626  -10.970 1.00 24.53 ? 991  ILE A CG2 1 
ATOM   111  C CD1 . ILE A 1 13  ? 12.253  -9.269  -10.426 1.00 25.85 ? 991  ILE A CD1 1 
ATOM   112  N N   . PHE A 1 14  ? 7.300   -8.576  -7.913  1.00 20.11 ? 992  PHE A N   1 
ATOM   113  C CA  . PHE A 1 14  ? 5.863   -8.768  -7.720  1.00 22.63 ? 992  PHE A CA  1 
ATOM   114  C C   . PHE A 1 14  ? 5.214   -7.524  -7.123  1.00 23.36 ? 992  PHE A C   1 
ATOM   115  O O   . PHE A 1 14  ? 4.167   -7.066  -7.598  1.00 22.89 ? 992  PHE A O   1 
ATOM   116  C CB  . PHE A 1 14  ? 5.612   -9.976  -6.822  1.00 23.40 ? 992  PHE A CB  1 
ATOM   117  C CG  . PHE A 1 14  ? 4.177   -10.154 -6.468  1.00 24.50 ? 992  PHE A CG  1 
ATOM   118  C CD1 . PHE A 1 14  ? 3.286   -10.661 -7.399  1.00 28.20 ? 992  PHE A CD1 1 
ATOM   119  C CD2 . PHE A 1 14  ? 3.709   -9.791  -5.219  1.00 27.68 ? 992  PHE A CD2 1 
ATOM   120  C CE1 . PHE A 1 14  ? 1.936   -10.810 -7.088  1.00 27.40 ? 992  PHE A CE1 1 
ATOM   121  C CE2 . PHE A 1 14  ? 2.363   -9.948  -4.899  1.00 25.54 ? 992  PHE A CE2 1 
ATOM   122  C CZ  . PHE A 1 14  ? 1.492   -10.459 -5.834  1.00 25.89 ? 992  PHE A CZ  1 
ATOM   123  N N   . LEU A 1 15  ? 5.828   -6.950  -6.084  1.00 22.66 ? 993  LEU A N   1 
ATOM   124  C CA  . LEU A 1 15  ? 5.206   -5.818  -5.401  1.00 21.96 ? 993  LEU A CA  1 
ATOM   125  C C   . LEU A 1 15  ? 5.162   -4.580  -6.288  1.00 24.52 ? 993  LEU A C   1 
ATOM   126  O O   . LEU A 1 15  ? 4.192   -3.811  -6.228  1.00 22.46 ? 993  LEU A O   1 
ATOM   127  C CB  . LEU A 1 15  ? 5.942   -5.510  -4.098  1.00 22.81 ? 993  LEU A CB  1 
ATOM   128  C CG  . LEU A 1 15  ? 5.867   -6.555  -2.988  1.00 25.03 ? 993  LEU A CG  1 
ATOM   129  C CD1 . LEU A 1 15  ? 6.643   -6.063  -1.770  1.00 24.71 ? 993  LEU A CD1 1 
ATOM   130  C CD2 . LEU A 1 15  ? 4.401   -6.920  -2.633  1.00 21.16 ? 993  LEU A CD2 1 
ATOM   131  N N   . ARG A 1 16  ? 6.215   -4.345  -7.086  1.00 20.54 ? 994  ARG A N   1 
ATOM   132  C CA  . ARG A 1 16  ? 6.184   -3.232  -8.029  1.00 21.83 ? 994  ARG A CA  1 
ATOM   133  C C   . ARG A 1 16  ? 5.059   -3.412  -9.036  1.00 24.25 ? 994  ARG A C   1 
ATOM   134  O O   . ARG A 1 16  ? 4.414   -2.442  -9.445  1.00 22.69 ? 994  ARG A O   1 
ATOM   135  C CB  . ARG A 1 16  ? 7.517   -3.108  -8.778  1.00 26.26 ? 994  ARG A CB  1 
ATOM   136  C CG  . ARG A 1 16  ? 8.629   -2.473  -7.992  1.00 27.41 ? 994  ARG A CG  1 
ATOM   137  C CD  . ARG A 1 16  ? 9.838   -2.158  -8.880  1.00 26.52 ? 994  ARG A CD  1 
ATOM   138  N NE  . ARG A 1 16  ? 11.004  -2.165  -8.016  1.00 27.82 ? 994  ARG A NE  1 
ATOM   139  C CZ  . ARG A 1 16  ? 11.826  -3.190  -7.852  1.00 29.25 ? 994  ARG A CZ  1 
ATOM   140  N NH1 . ARG A 1 16  ? 11.663  -4.310  -8.546  1.00 26.28 ? 994  ARG A NH1 1 
ATOM   141  N NH2 . ARG A 1 16  ? 12.824  -3.081  -6.987  1.00 30.72 ? 994  ARG A NH2 1 
ATOM   142  N N   . ASN A 1 17  ? 4.839   -4.645  -9.485  1.00 19.99 ? 995  ASN A N   1 
ATOM   143  C CA  . ASN A 1 17  ? 3.772   -4.883  -10.455 1.00 22.91 ? 995  ASN A CA  1 
ATOM   144  C C   . ASN A 1 17  ? 2.399   -4.601  -9.848  1.00 23.37 ? 995  ASN A C   1 
ATOM   145  O O   . ASN A 1 17  ? 1.561   -3.930  -10.466 1.00 22.01 ? 995  ASN A O   1 
ATOM   146  C CB  . ASN A 1 17  ? 3.860   -6.316  -10.973 1.00 24.05 ? 995  ASN A CB  1 
ATOM   147  C CG  . ASN A 1 17  ? 2.728   -6.658  -11.916 1.00 29.33 ? 995  ASN A CG  1 
ATOM   148  O OD1 . ASN A 1 17  ? 1.750   -7.266  -11.510 1.00 30.06 ? 995  ASN A OD1 1 
ATOM   149  N ND2 . ASN A 1 17  ? 2.860   -6.273  -13.189 1.00 33.84 ? 995  ASN A ND2 1 
ATOM   150  N N   . VAL A 1 18  ? 2.146   -5.099  -8.635  1.00 21.96 ? 996  VAL A N   1 
ATOM   151  C CA  . VAL A 1 18  ? 0.854   -4.834  -7.983  1.00 22.15 ? 996  VAL A CA  1 
ATOM   152  C C   . VAL A 1 18  ? 0.674   -3.340  -7.761  1.00 22.51 ? 996  VAL A C   1 
ATOM   153  O O   . VAL A 1 18  ? -0.389  -2.770  -8.041  1.00 22.44 ? 996  VAL A O   1 
ATOM   154  C CB  . VAL A 1 18  ? 0.747   -5.604  -6.654  1.00 21.15 ? 996  VAL A CB  1 
ATOM   155  C CG1 . VAL A 1 18  ? -0.538  -5.233  -5.898  1.00 23.61 ? 996  VAL A CG1 1 
ATOM   156  C CG2 . VAL A 1 18  ? 0.819   -7.125  -6.910  1.00 21.90 ? 996  VAL A CG2 1 
ATOM   157  N N   . THR A 1 19  ? 1.716   -2.677  -7.250  1.00 19.91 ? 997  THR A N   1 
ATOM   158  C CA  . THR A 1 19  ? 1.597   -1.251  -6.938  1.00 20.15 ? 997  THR A CA  1 
ATOM   159  C C   . THR A 1 19  ? 1.351   -0.428  -8.195  1.00 23.10 ? 997  THR A C   1 
ATOM   160  O O   . THR A 1 19  ? 0.568   0.526   -8.175  1.00 23.61 ? 997  THR A O   1 
ATOM   161  C CB  . THR A 1 19  ? 2.857   -0.773  -6.215  1.00 22.44 ? 997  THR A CB  1 
ATOM   162  O OG1 . THR A 1 19  ? 3.090   -1.633  -5.094  1.00 24.65 ? 997  THR A OG1 1 
ATOM   163  C CG2 . THR A 1 19  ? 2.676   0.658   -5.707  1.00 25.57 ? 997  THR A CG2 1 
ATOM   164  N N   . HIS A 1 20  ? 1.999   -0.791  -9.303  1.00 21.51 ? 998  HIS A N   1 
ATOM   165  C CA  . HIS A 1 20  ? 1.770   -0.083  -10.560 1.00 23.42 ? 998  HIS A CA  1 
ATOM   166  C C   . HIS A 1 20  ? 0.327   -0.242  -11.026 1.00 22.79 ? 998  HIS A C   1 
ATOM   167  O O   . HIS A 1 20  ? -0.277  0.704   -11.543 1.00 25.12 ? 998  HIS A O   1 
ATOM   168  C CB  . HIS A 1 20  ? 2.744   -0.599  -11.629 1.00 25.26 ? 998  HIS A CB  1 
ATOM   169  C CG  . HIS A 1 20  ? 2.555   0.025   -12.977 1.00 33.04 ? 998  HIS A CG  1 
ATOM   170  N ND1 . HIS A 1 20  ? 2.961   1.314   -13.262 1.00 36.65 ? 998  HIS A ND1 1 
ATOM   171  C CD2 . HIS A 1 20  ? 2.003   -0.456  -14.118 1.00 38.62 ? 998  HIS A CD2 1 
ATOM   172  C CE1 . HIS A 1 20  ? 2.661   1.602   -14.519 1.00 39.89 ? 998  HIS A CE1 1 
ATOM   173  N NE2 . HIS A 1 20  ? 2.079   0.545   -15.061 1.00 41.69 ? 998  HIS A NE2 1 
ATOM   174  N N   . ARG A 1 21  ? -0.239  -1.440  -10.864 1.00 22.39 ? 999  ARG A N   1 
ATOM   175  C CA  . ARG A 1 21  ? -1.618  -1.657  -11.299 1.00 24.97 ? 999  ARG A CA  1 
ATOM   176  C C   . ARG A 1 21  ? -2.602  -0.875  -10.447 1.00 26.51 ? 999  ARG A C   1 
ATOM   177  O O   . ARG A 1 21  ? -3.638  -0.422  -10.956 1.00 27.08 ? 999  ARG A O   1 
ATOM   178  C CB  . ARG A 1 21  ? -1.945  -3.149  -11.287 1.00 26.18 ? 999  ARG A CB  1 
ATOM   179  C CG  . ARG A 1 21  ? -1.264  -3.892  -12.427 1.00 26.33 ? 999  ARG A CG  1 
ATOM   180  C CD  . ARG A 1 21  ? -0.917  -5.335  -12.048 1.00 27.82 ? 999  ARG A CD  1 
ATOM   181  N NE  . ARG A 1 21  ? -2.117  -6.148  -11.932 1.00 29.36 ? 999  ARG A NE  1 
ATOM   182  C CZ  . ARG A 1 21  ? -2.124  -7.405  -11.497 1.00 29.46 ? 999  ARG A CZ  1 
ATOM   183  N NH1 . ARG A 1 21  ? -0.982  -7.993  -11.150 1.00 27.65 ? 999  ARG A NH1 1 
ATOM   184  N NH2 . ARG A 1 21  ? -3.269  -8.072  -11.426 1.00 26.25 ? 999  ARG A NH2 1 
ATOM   185  N N   . LEU A 1 22  ? -2.300  -0.690  -9.164  1.00 23.13 ? 1000 LEU A N   1 
ATOM   186  C CA  . LEU A 1 22  ? -3.114  0.205   -8.347  1.00 25.65 ? 1000 LEU A CA  1 
ATOM   187  C C   . LEU A 1 22  ? -2.909  1.658   -8.749  1.00 27.68 ? 1000 LEU A C   1 
ATOM   188  O O   . LEU A 1 22  ? -3.873  2.431   -8.822  1.00 26.46 ? 1000 LEU A O   1 
ATOM   189  C CB  . LEU A 1 22  ? -2.772  0.030   -6.869  1.00 26.78 ? 1000 LEU A CB  1 
ATOM   190  C CG  . LEU A 1 22  ? -2.945  -1.362  -6.277  1.00 25.43 ? 1000 LEU A CG  1 
ATOM   191  C CD1 . LEU A 1 22  ? -2.362  -1.401  -4.860  1.00 22.81 ? 1000 LEU A CD1 1 
ATOM   192  C CD2 . LEU A 1 22  ? -4.415  -1.776  -6.287  1.00 25.49 ? 1000 LEU A CD2 1 
ATOM   193  N N   . ALA A 1 23  ? -1.657  2.053   -9.002  1.00 23.12 ? 1001 ALA A N   1 
ATOM   194  C CA  . ALA A 1 23  ? -1.355  3.464   -9.221  1.00 25.34 ? 1001 ALA A CA  1 
ATOM   195  C C   . ALA A 1 23  ? -1.935  3.985   -10.529 1.00 29.66 ? 1001 ALA A C   1 
ATOM   196  O O   . ALA A 1 23  ? -2.179  5.188   -10.649 1.00 28.75 ? 1001 ALA A O   1 
ATOM   197  C CB  . ALA A 1 23  ? 0.155   3.698   -9.202  1.00 26.46 ? 1001 ALA A CB  1 
ATOM   198  N N   . ILE A 1 24  ? -2.140  3.120   -11.528 1.00 26.91 ? 1002 ILE A N   1 
ATOM   199  C CA  . ILE A 1 24  ? -2.700  3.595   -12.793 1.00 29.74 ? 1002 ILE A CA  1 
ATOM   200  C C   . ILE A 1 24  ? -4.220  3.565   -12.798 1.00 33.81 ? 1002 ILE A C   1 
ATOM   201  O O   . ILE A 1 24  ? -4.840  4.031   -13.763 1.00 33.74 ? 1002 ILE A O   1 
ATOM   202  C CB  . ILE A 1 24  ? -2.175  2.788   -13.999 1.00 30.91 ? 1002 ILE A CB  1 
ATOM   203  C CG1 . ILE A 1 24  ? -2.684  1.349   -13.929 1.00 31.17 ? 1002 ILE A CG1 1 
ATOM   204  C CG2 . ILE A 1 24  ? -0.652  2.854   -14.061 1.00 35.22 ? 1002 ILE A CG2 1 
ATOM   205  C CD1 . ILE A 1 24  ? -2.047  0.433   -14.949 1.00 35.69 ? 1002 ILE A CD1 1 
ATOM   206  N N   . ASP A 1 25  ? -4.843  3.034   -11.753 1.00 28.20 ? 1003 ASP A N   1 
ATOM   207  C CA  . ASP A 1 25  ? -6.298  2.978   -11.675 1.00 28.82 ? 1003 ASP A CA  1 
ATOM   208  C C   . ASP A 1 25  ? -6.845  4.361   -11.333 1.00 31.96 ? 1003 ASP A C   1 
ATOM   209  O O   . ASP A 1 25  ? -6.450  4.960   -10.328 1.00 30.86 ? 1003 ASP A O   1 
ATOM   210  C CB  . ASP A 1 25  ? -6.705  1.937   -10.624 1.00 26.63 ? 1003 ASP A CB  1 
ATOM   211  C CG  . ASP A 1 25  ? -8.174  1.596   -10.663 1.00 33.21 ? 1003 ASP A CG  1 
ATOM   212  O OD1 . ASP A 1 25  ? -8.992  2.531   -10.733 1.00 29.63 ? 1003 ASP A OD1 1 
ATOM   213  O OD2 . ASP A 1 25  ? -8.508  0.390   -10.605 1.00 34.78 ? 1003 ASP A OD2 1 
ATOM   214  N N   . LYS A 1 26  ? -7.759  4.875   -12.178 1.00 32.07 ? 1004 LYS A N   1 
ATOM   215  C CA  . LYS A 1 26  ? -8.275  6.234   -11.997 1.00 33.43 ? 1004 LYS A CA  1 
ATOM   216  C C   . LYS A 1 26  ? -8.902  6.447   -10.623 1.00 27.96 ? 1004 LYS A C   1 
ATOM   217  O O   . LYS A 1 26  ? -8.846  7.559   -10.083 1.00 30.13 ? 1004 LYS A O   1 
ATOM   218  C CB  . LYS A 1 26  ? -9.311  6.554   -13.083 1.00 36.65 ? 1004 LYS A CB  1 
ATOM   219  C CG  . LYS A 1 26  ? -8.724  7.221   -14.305 1.00 47.34 ? 1004 LYS A CG  1 
ATOM   220  N N   . ARG A 1 27  ? -9.512  5.411   -10.053 1.00 28.26 ? 1005 ARG A N   1 
ATOM   221  C CA  . ARG A 1 27  ? -10.160 5.548   -8.752  1.00 28.97 ? 1005 ARG A CA  1 
ATOM   222  C C   . ARG A 1 27  ? -9.170  5.888   -7.652  1.00 33.49 ? 1005 ARG A C   1 
ATOM   223  O O   . ARG A 1 27  ? -9.554  6.438   -6.614  1.00 30.71 ? 1005 ARG A O   1 
ATOM   224  C CB  . ARG A 1 27  ? -10.858 4.249   -8.372  1.00 31.98 ? 1005 ARG A CB  1 
ATOM   225  C CG  . ARG A 1 27  ? -11.964 3.814   -9.297  1.00 37.44 ? 1005 ARG A CG  1 
ATOM   226  C CD  . ARG A 1 27  ? -12.448 2.448   -8.880  1.00 31.77 ? 1005 ARG A CD  1 
ATOM   227  N NE  . ARG A 1 27  ? -11.491 1.397   -9.205  1.00 35.83 ? 1005 ARG A NE  1 
ATOM   228  C CZ  . ARG A 1 27  ? -11.579 0.148   -8.755  1.00 35.39 ? 1005 ARG A CZ  1 
ATOM   229  N NH1 . ARG A 1 27  ? -12.579 -0.206  -7.946  1.00 34.66 ? 1005 ARG A NH1 1 
ATOM   230  N NH2 . ARG A 1 27  ? -10.673 -0.752  -9.108  1.00 35.78 ? 1005 ARG A NH2 1 
ATOM   231  N N   . PHE A 1 28  ? -7.906  5.527   -7.833  1.00 27.02 ? 1006 PHE A N   1 
ATOM   232  C CA  . PHE A 1 28  ? -6.932  5.597   -6.754  1.00 26.47 ? 1006 PHE A CA  1 
ATOM   233  C C   . PHE A 1 28  ? -5.985  6.771   -6.909  1.00 30.64 ? 1006 PHE A C   1 
ATOM   234  O O   . PHE A 1 28  ? -4.991  6.859   -6.183  1.00 27.66 ? 1006 PHE A O   1 
ATOM   235  C CB  . PHE A 1 28  ? -6.175  4.264   -6.672  1.00 24.45 ? 1006 PHE A CB  1 
ATOM   236  C CG  . PHE A 1 28  ? -7.082  3.066   -6.536  1.00 28.00 ? 1006 PHE A CG  1 
ATOM   237  C CD1 . PHE A 1 28  ? -8.300  3.166   -5.856  1.00 25.47 ? 1006 PHE A CD1 1 
ATOM   238  C CD2 . PHE A 1 28  ? -6.732  1.837   -7.086  1.00 24.30 ? 1006 PHE A CD2 1 
ATOM   239  C CE1 . PHE A 1 28  ? -9.132  2.067   -5.740  1.00 25.79 ? 1006 PHE A CE1 1 
ATOM   240  C CE2 . PHE A 1 28  ? -7.567  0.739   -6.969  1.00 26.06 ? 1006 PHE A CE2 1 
ATOM   241  C CZ  . PHE A 1 28  ? -8.770  0.854   -6.300  1.00 27.13 ? 1006 PHE A CZ  1 
ATOM   242  N N   . ARG A 1 29  ? -6.292  7.700   -7.818  1.00 28.13 ? 1007 ARG A N   1 
ATOM   243  C CA  . ARG A 1 29  ? -5.401  8.833   -8.043  1.00 29.36 ? 1007 ARG A CA  1 
ATOM   244  C C   . ARG A 1 29  ? -5.136  9.610   -6.764  1.00 27.25 ? 1007 ARG A C   1 
ATOM   245  O O   . ARG A 1 29  ? -4.028  10.114  -6.568  1.00 29.29 ? 1007 ARG A O   1 
ATOM   246  C CB  . ARG A 1 29  ? -5.993  9.756   -9.111  1.00 32.54 ? 1007 ARG A CB  1 
ATOM   247  C CG  . ARG A 1 29  ? -5.125  10.961  -9.430  1.00 34.36 ? 1007 ARG A CG  1 
ATOM   248  C CD  . ARG A 1 29  ? -5.766  11.833  -10.508 1.00 42.67 ? 1007 ARG A CD  1 
ATOM   249  N N   . VAL A 1 30  ? -6.130  9.713   -5.879  1.00 28.33 ? 1008 VAL A N   1 
ATOM   250  C CA  . VAL A 1 30  ? -5.954  10.485  -4.656  1.00 29.94 ? 1008 VAL A CA  1 
ATOM   251  C C   . VAL A 1 30  ? -4.895  9.848   -3.767  1.00 34.19 ? 1008 VAL A C   1 
ATOM   252  O O   . VAL A 1 30  ? -4.324  10.510  -2.894  1.00 31.62 ? 1008 VAL A O   1 
ATOM   253  C CB  . VAL A 1 30  ? -7.306  10.612  -3.923  1.00 33.28 ? 1008 VAL A CB  1 
ATOM   254  C CG1 . VAL A 1 30  ? -7.861  9.244   -3.580  1.00 32.11 ? 1008 VAL A CG1 1 
ATOM   255  C CG2 . VAL A 1 30  ? -7.182  11.479  -2.681  1.00 46.37 ? 1008 VAL A CG2 1 
ATOM   256  N N   . PHE A 1 31  ? -4.593  8.576   -3.994  1.00 30.07 ? 1009 PHE A N   1 
ATOM   257  C CA  . PHE A 1 31  ? -3.657  7.844   -3.157  1.00 30.88 ? 1009 PHE A CA  1 
ATOM   258  C C   . PHE A 1 31  ? -2.281  7.712   -3.783  1.00 27.97 ? 1009 PHE A C   1 
ATOM   259  O O   . PHE A 1 31  ? -1.425  7.038   -3.208  1.00 30.54 ? 1009 PHE A O   1 
ATOM   260  C CB  . PHE A 1 31  ? -4.213  6.455   -2.843  1.00 28.12 ? 1009 PHE A CB  1 
ATOM   261  C CG  . PHE A 1 31  ? -5.595  6.476   -2.266  1.00 26.62 ? 1009 PHE A CG  1 
ATOM   262  C CD1 . PHE A 1 31  ? -5.868  7.213   -1.125  1.00 27.04 ? 1009 PHE A CD1 1 
ATOM   263  C CD2 . PHE A 1 31  ? -6.618  5.757   -2.862  1.00 28.79 ? 1009 PHE A CD2 1 
ATOM   264  C CE1 . PHE A 1 31  ? -7.147  7.246   -0.587  1.00 29.76 ? 1009 PHE A CE1 1 
ATOM   265  C CE2 . PHE A 1 31  ? -7.902  5.773   -2.330  1.00 32.09 ? 1009 PHE A CE2 1 
ATOM   266  C CZ  . PHE A 1 31  ? -8.171  6.517   -1.190  1.00 29.70 ? 1009 PHE A CZ  1 
ATOM   267  N N   . THR A 1 32  ? -2.044  8.328   -4.942  1.00 29.14 ? 1010 THR A N   1 
ATOM   268  C CA  . THR A 1 32  ? -0.791  8.101   -5.653  1.00 27.27 ? 1010 THR A CA  1 
ATOM   269  C C   . THR A 1 32  ? 0.337   9.008   -5.193  1.00 31.48 ? 1010 THR A C   1 
ATOM   270  O O   . THR A 1 32  ? 1.498   8.696   -5.468  1.00 35.97 ? 1010 THR A O   1 
ATOM   271  C CB  . THR A 1 32  ? -0.957  8.287   -7.168  1.00 33.91 ? 1010 THR A CB  1 
ATOM   272  O OG1 . THR A 1 32  ? -1.461  9.604   -7.451  1.00 30.56 ? 1010 THR A OG1 1 
ATOM   273  C CG2 . THR A 1 32  ? -1.898  7.235   -7.737  1.00 30.25 ? 1010 THR A CG2 1 
ATOM   274  N N   . LYS A 1 33  ? 0.040   10.087  -4.485  1.00 31.17 ? 1011 LYS A N   1 
ATOM   275  C CA  . LYS A 1 33  ? 1.053   11.066  -4.116  1.00 33.40 ? 1011 LYS A CA  1 
ATOM   276  C C   . LYS A 1 33  ? 0.772   11.573  -2.715  1.00 33.57 ? 1011 LYS A C   1 
ATOM   277  O O   . LYS A 1 33  ? -0.374  11.533  -2.252  1.00 33.08 ? 1011 LYS A O   1 
ATOM   278  C CB  . LYS A 1 33  ? 1.071   12.250  -5.097  1.00 36.51 ? 1011 LYS A CB  1 
ATOM   279  C CG  . LYS A 1 33  ? 1.809   11.977  -6.395  1.00 43.81 ? 1011 LYS A CG  1 
ATOM   280  C CD  . LYS A 1 33  ? 1.514   13.077  -7.414  1.00 46.92 ? 1011 LYS A CD  1 
ATOM   281  N N   . PRO A 1 34  ? 1.797   12.064  -2.013  1.00 37.03 ? 1012 PRO A N   1 
ATOM   282  C CA  . PRO A 1 34  ? 1.559   12.684  -0.707  1.00 41.78 ? 1012 PRO A CA  1 
ATOM   283  C C   . PRO A 1 34  ? 0.585   13.845  -0.833  1.00 39.33 ? 1012 PRO A C   1 
ATOM   284  O O   . PRO A 1 34  ? 0.458   14.466  -1.889  1.00 43.27 ? 1012 PRO A O   1 
ATOM   285  C CB  . PRO A 1 34  ? 2.952   13.171  -0.283  1.00 39.84 ? 1012 PRO A CB  1 
ATOM   286  C CG  . PRO A 1 34  ? 3.899   12.333  -1.060  1.00 41.97 ? 1012 PRO A CG  1 
ATOM   287  C CD  . PRO A 1 34  ? 3.224   12.086  -2.378  1.00 37.59 ? 1012 PRO A CD  1 
ATOM   288  N N   . VAL A 1 35  ? -0.107  14.129  0.268   1.00 46.35 ? 1013 VAL A N   1 
ATOM   289  C CA  . VAL A 1 35  ? -1.077  15.216  0.295   1.00 46.71 ? 1013 VAL A CA  1 
ATOM   290  C C   . VAL A 1 35  ? -0.345  16.552  0.335   1.00 54.88 ? 1013 VAL A C   1 
ATOM   291  O O   . VAL A 1 35  ? 0.526   16.776  1.188   1.00 54.65 ? 1013 VAL A O   1 
ATOM   292  C CB  . VAL A 1 35  ? -2.017  15.058  1.498   1.00 47.15 ? 1013 VAL A CB  1 
ATOM   293  C CG1 . VAL A 1 35  ? -2.909  16.277  1.634   1.00 49.14 ? 1013 VAL A CG1 1 
ATOM   294  C CG2 . VAL A 1 35  ? -2.852  13.793  1.353   1.00 44.61 ? 1013 VAL A CG2 1 
ATOM   295  N N   . ASP A 1 36  ? -0.705  17.446  -0.581  1.00 57.21 ? 1014 ASP A N   1 
ATOM   296  C CA  . ASP A 1 36  ? -0.068  18.761  -0.680  1.00 58.70 ? 1014 ASP A CA  1 
ATOM   297  C C   . ASP A 1 36  ? -0.553  19.668  0.444   1.00 61.47 ? 1014 ASP A C   1 
ATOM   298  O O   . ASP A 1 36  ? -1.761  19.927  0.542   1.00 60.86 ? 1014 ASP A O   1 
ATOM   299  C CB  . ASP A 1 36  ? -0.373  19.380  -2.044  1.00 61.30 ? 1014 ASP A CB  1 
ATOM   300  C CG  . ASP A 1 36  ? 0.217   20.772  -2.208  1.00 68.28 ? 1014 ASP A CG  1 
ATOM   301  O OD1 . ASP A 1 36  ? 1.242   21.076  -1.562  1.00 70.09 ? 1014 ASP A OD1 1 
ATOM   302  O OD2 . ASP A 1 36  ? -0.344  21.561  -2.999  1.00 67.94 ? 1014 ASP A OD2 1 
ATOM   303  N N   . PRO A 1 37  ? 0.336   20.170  1.306   1.00 62.79 ? 1015 PRO A N   1 
ATOM   304  C CA  . PRO A 1 37  ? -0.124  21.014  2.423   1.00 63.07 ? 1015 PRO A CA  1 
ATOM   305  C C   . PRO A 1 37  ? -0.762  22.318  1.976   1.00 66.55 ? 1015 PRO A C   1 
ATOM   306  O O   . PRO A 1 37  ? -1.654  22.827  2.667   1.00 65.80 ? 1015 PRO A O   1 
ATOM   307  C CB  . PRO A 1 37  ? 1.161   21.259  3.228   1.00 67.38 ? 1015 PRO A CB  1 
ATOM   308  C CG  . PRO A 1 37  ? 2.272   21.076  2.233   1.00 66.05 ? 1015 PRO A CG  1 
ATOM   309  C CD  . PRO A 1 37  ? 1.801   20.002  1.298   1.00 62.41 ? 1015 PRO A CD  1 
ATOM   310  N N   . ASP A 1 38  ? -0.331  22.878  0.840   1.00 66.60 ? 1016 ASP A N   1 
ATOM   311  C CA  . ASP A 1 38  ? -0.986  24.071  0.313   1.00 69.99 ? 1016 ASP A CA  1 
ATOM   312  C C   . ASP A 1 38  ? -2.429  23.788  -0.076  1.00 69.65 ? 1016 ASP A C   1 
ATOM   313  O O   . ASP A 1 38  ? -3.293  24.665  0.047   1.00 69.59 ? 1016 ASP A O   1 
ATOM   314  C CB  . ASP A 1 38  ? -0.215  24.613  -0.892  1.00 71.81 ? 1016 ASP A CB  1 
ATOM   315  C CG  . ASP A 1 38  ? 1.239   24.905  -0.575  1.00 76.49 ? 1016 ASP A CG  1 
ATOM   316  O OD1 . ASP A 1 38  ? 1.578   25.043  0.622   1.00 75.95 ? 1016 ASP A OD1 1 
ATOM   317  O OD2 . ASP A 1 38  ? 2.043   25.000  -1.526  1.00 82.32 ? 1016 ASP A OD2 1 
ATOM   318  N N   . GLU A 1 39  ? -2.709  22.572  -0.543  1.00 68.20 ? 1017 GLU A N   1 
ATOM   319  C CA  . GLU A 1 39  ? -4.060  22.204  -0.952  1.00 66.62 ? 1017 GLU A CA  1 
ATOM   320  C C   . GLU A 1 39  ? -4.903  21.770  0.242   1.00 64.77 ? 1017 GLU A C   1 
ATOM   321  O O   . GLU A 1 39  ? -6.060  22.179  0.377   1.00 64.64 ? 1017 GLU A O   1 
ATOM   322  C CB  . GLU A 1 39  ? -3.995  21.090  -1.998  1.00 69.20 ? 1017 GLU A CB  1 
ATOM   323  C CG  . GLU A 1 39  ? -4.934  21.258  -3.174  1.00 72.61 ? 1017 GLU A CG  1 
ATOM   324  C CD  . GLU A 1 39  ? -5.054  19.987  -4.003  1.00 80.13 ? 1017 GLU A CD  1 
ATOM   325  O OE1 . GLU A 1 39  ? -6.194  19.505  -4.189  1.00 78.60 ? 1017 GLU A OE1 1 
ATOM   326  O OE2 . GLU A 1 39  ? -4.010  19.468  -4.464  1.00 77.91 ? 1017 GLU A OE2 1 
ATOM   327  N N   . VAL A 1 40  ? -4.340  20.938  1.114   1.00 62.84 ? 1018 VAL A N   1 
ATOM   328  C CA  . VAL A 1 40  ? -5.087  20.365  2.232   1.00 61.02 ? 1018 VAL A CA  1 
ATOM   329  C C   . VAL A 1 40  ? -4.334  20.657  3.526   1.00 62.22 ? 1018 VAL A C   1 
ATOM   330  O O   . VAL A 1 40  ? -3.620  19.783  4.042   1.00 55.54 ? 1018 VAL A O   1 
ATOM   331  C CB  . VAL A 1 40  ? -5.310  18.856  2.032   1.00 57.30 ? 1018 VAL A CB  1 
ATOM   332  C CG1 . VAL A 1 40  ? -6.288  18.325  3.042   1.00 56.31 ? 1018 VAL A CG1 1 
ATOM   333  C CG2 . VAL A 1 40  ? -5.802  18.563  0.614   1.00 58.18 ? 1018 VAL A CG2 1 
ATOM   334  N N   . PRO A 1 41  ? -4.478  21.860  4.093   1.00 66.43 ? 1019 PRO A N   1 
ATOM   335  C CA  . PRO A 1 41  ? -3.600  22.257  5.209   1.00 63.42 ? 1019 PRO A CA  1 
ATOM   336  C C   . PRO A 1 41  ? -3.840  21.489  6.497   1.00 59.11 ? 1019 PRO A C   1 
ATOM   337  O O   . PRO A 1 41  ? -2.898  21.343  7.282   1.00 60.17 ? 1019 PRO A O   1 
ATOM   338  C CB  . PRO A 1 41  ? -3.902  23.754  5.377   1.00 62.90 ? 1019 PRO A CB  1 
ATOM   339  C CG  . PRO A 1 41  ? -5.303  23.911  4.851   1.00 65.36 ? 1019 PRO A CG  1 
ATOM   340  C CD  . PRO A 1 41  ? -5.427  22.924  3.718   1.00 63.08 ? 1019 PRO A CD  1 
ATOM   341  N N   . ASP A 1 42  ? -5.048  20.995  6.747   1.00 58.22 ? 1020 ASP A N   1 
ATOM   342  C CA  . ASP A 1 42  ? -5.308  20.270  7.984   1.00 57.98 ? 1020 ASP A CA  1 
ATOM   343  C C   . ASP A 1 42  ? -4.848  18.816  7.943   1.00 59.56 ? 1020 ASP A C   1 
ATOM   344  O O   . ASP A 1 42  ? -4.986  18.125  8.958   1.00 57.03 ? 1020 ASP A O   1 
ATOM   345  C CB  . ASP A 1 42  ? -6.800  20.303  8.338   1.00 62.25 ? 1020 ASP A CB  1 
ATOM   346  C CG  . ASP A 1 42  ? -7.700  19.993  7.151   1.00 71.20 ? 1020 ASP A CG  1 
ATOM   347  O OD1 . ASP A 1 42  ? -7.431  20.517  6.046   1.00 75.34 ? 1020 ASP A OD1 1 
ATOM   348  O OD2 . ASP A 1 42  ? -8.672  19.214  7.329   1.00 75.17 ? 1020 ASP A OD2 1 
ATOM   349  N N   . TYR A 1 43  ? -4.301  18.338  6.818   1.00 56.05 ? 1021 TYR A N   1 
ATOM   350  C CA  . TYR A 1 43  ? -3.978  16.915  6.712   1.00 52.94 ? 1021 TYR A CA  1 
ATOM   351  C C   . TYR A 1 43  ? -2.832  16.531  7.645   1.00 54.34 ? 1021 TYR A C   1 
ATOM   352  O O   . TYR A 1 43  ? -2.960  15.594  8.442   1.00 51.53 ? 1021 TYR A O   1 
ATOM   353  C CB  . TYR A 1 43  ? -3.640  16.535  5.272   1.00 45.09 ? 1021 TYR A CB  1 
ATOM   354  C CG  . TYR A 1 43  ? -3.595  15.025  5.073   1.00 45.68 ? 1021 TYR A CG  1 
ATOM   355  C CD1 . TYR A 1 43  ? -4.768  14.282  4.997   1.00 44.54 ? 1021 TYR A CD1 1 
ATOM   356  C CD2 . TYR A 1 43  ? -2.380  14.342  5.004   1.00 45.61 ? 1021 TYR A CD2 1 
ATOM   357  C CE1 . TYR A 1 43  ? -4.739  12.906  4.831   1.00 42.56 ? 1021 TYR A CE1 1 
ATOM   358  C CE2 . TYR A 1 43  ? -2.335  12.961  4.840   1.00 39.69 ? 1021 TYR A CE2 1 
ATOM   359  C CZ  . TYR A 1 43  ? -3.517  12.250  4.754   1.00 39.53 ? 1021 TYR A CZ  1 
ATOM   360  O OH  . TYR A 1 43  ? -3.494  10.883  4.590   1.00 36.84 ? 1021 TYR A OH  1 
ATOM   361  N N   . VAL A 1 44  ? -1.708  17.249  7.569   1.00 57.98 ? 1022 VAL A N   1 
ATOM   362  C CA  . VAL A 1 44  ? -0.520  16.948  8.373   1.00 60.29 ? 1022 VAL A CA  1 
ATOM   363  C C   . VAL A 1 44  ? -0.852  16.964  9.860   1.00 60.70 ? 1022 VAL A C   1 
ATOM   364  O O   . VAL A 1 44  ? -0.095  16.434  10.679  1.00 63.22 ? 1022 VAL A O   1 
ATOM   365  C CB  . VAL A 1 44  ? 0.623   17.935  8.078   1.00 62.76 ? 1022 VAL A CB  1 
ATOM   366  C CG1 . VAL A 1 44  ? 1.211   17.685  6.698   1.00 64.47 ? 1022 VAL A CG1 1 
ATOM   367  C CG2 . VAL A 1 44  ? 0.131   19.375  8.206   1.00 63.28 ? 1022 VAL A CG2 1 
ATOM   368  N N   . THR A 1 45  ? -1.988  17.564  10.209  1.00 62.44 ? 1023 THR A N   1 
ATOM   369  C CA  . THR A 1 45  ? -2.413  17.716  11.593  1.00 63.09 ? 1023 THR A CA  1 
ATOM   370  C C   . THR A 1 45  ? -3.267  16.552  12.077  1.00 60.57 ? 1023 THR A C   1 
ATOM   371  O O   . THR A 1 45  ? -3.178  16.167  13.250  1.00 67.06 ? 1023 THR A O   1 
ATOM   372  C CB  . THR A 1 45  ? -3.184  19.037  11.739  1.00 68.23 ? 1023 THR A CB  1 
ATOM   373  O OG1 . THR A 1 45  ? -2.265  20.136  11.686  1.00 70.98 ? 1023 THR A OG1 1 
ATOM   374  C CG2 . THR A 1 45  ? -3.972  19.096  13.041  1.00 63.72 ? 1023 THR A CG2 1 
ATOM   375  N N   . VAL A 1 46  ? -4.078  15.972  11.198  1.00 57.09 ? 1024 VAL A N   1 
ATOM   376  C CA  . VAL A 1 46  ? -4.965  14.883  11.589  1.00 50.98 ? 1024 VAL A CA  1 
ATOM   377  C C   . VAL A 1 46  ? -4.315  13.511  11.395  1.00 49.91 ? 1024 VAL A C   1 
ATOM   378  O O   . VAL A 1 46  ? -4.614  12.574  12.148  1.00 48.59 ? 1024 VAL A O   1 
ATOM   379  C CB  . VAL A 1 46  ? -6.284  14.986  10.800  1.00 56.56 ? 1024 VAL A CB  1 
ATOM   380  C CG1 . VAL A 1 46  ? -7.321  14.026  11.344  1.00 50.47 ? 1024 VAL A CG1 1 
ATOM   381  C CG2 . VAL A 1 46  ? -6.807  16.412  10.837  1.00 60.40 ? 1024 VAL A CG2 1 
ATOM   382  N N   . ILE A 1 47  ? -3.432  13.373  10.409  1.00 46.43 ? 1025 ILE A N   1 
ATOM   383  C CA  . ILE A 1 47  ? -2.861  12.088  10.017  1.00 45.79 ? 1025 ILE A CA  1 
ATOM   384  C C   . ILE A 1 47  ? -1.404  12.073  10.453  1.00 39.19 ? 1025 ILE A C   1 
ATOM   385  O O   . ILE A 1 47  ? -0.568  12.781  9.877   1.00 45.20 ? 1025 ILE A O   1 
ATOM   386  C CB  . ILE A 1 47  ? -2.988  11.846  8.507   1.00 42.77 ? 1025 ILE A CB  1 
ATOM   387  C CG1 . ILE A 1 47  ? -4.465  11.731  8.121   1.00 38.29 ? 1025 ILE A CG1 1 
ATOM   388  C CG2 . ILE A 1 47  ? -2.209  10.596  8.092   1.00 34.70 ? 1025 ILE A CG2 1 
ATOM   389  C CD1 . ILE A 1 47  ? -5.210  10.639  8.858   1.00 36.16 ? 1025 ILE A CD1 1 
ATOM   390  N N   . LYS A 1 48  ? -1.095  11.246  11.456  1.00 43.34 ? 1026 LYS A N   1 
ATOM   391  C CA  . LYS A 1 48  ? 0.244   11.242  12.042  1.00 46.82 ? 1026 LYS A CA  1 
ATOM   392  C C   . LYS A 1 48  ? 1.258   10.467  11.203  1.00 46.24 ? 1026 LYS A C   1 
ATOM   393  O O   . LYS A 1 48  ? 2.451   10.791  11.225  1.00 44.55 ? 1026 LYS A O   1 
ATOM   394  C CB  . LYS A 1 48  ? 0.190   10.664  13.459  1.00 48.39 ? 1026 LYS A CB  1 
ATOM   395  N N   . GLN A 1 49  ? 0.823   9.449   10.462  1.00 43.35 ? 1027 GLN A N   1 
ATOM   396  C CA  . GLN A 1 49  ? 1.722   8.625   9.653   1.00 38.44 ? 1027 GLN A CA  1 
ATOM   397  C C   . GLN A 1 49  ? 1.207   8.539   8.221   1.00 36.18 ? 1027 GLN A C   1 
ATOM   398  O O   . GLN A 1 49  ? 0.574   7.547   7.840   1.00 37.99 ? 1027 GLN A O   1 
ATOM   399  C CB  . GLN A 1 49  ? 1.877   7.224   10.246  1.00 38.81 ? 1027 GLN A CB  1 
ATOM   400  C CG  . GLN A 1 49  ? 3.041   6.464   9.620   1.00 40.29 ? 1027 GLN A CG  1 
ATOM   401  C CD  . GLN A 1 49  ? 3.208   5.057   10.153  1.00 39.90 ? 1027 GLN A CD  1 
ATOM   402  O OE1 . GLN A 1 49  ? 2.394   4.562   10.942  1.00 43.54 ? 1027 GLN A OE1 1 
ATOM   403  N NE2 . GLN A 1 49  ? 4.278   4.400   9.721   1.00 44.39 ? 1027 GLN A NE2 1 
ATOM   404  N N   . PRO A 1 50  ? 1.486   9.545   7.395   1.00 38.04 ? 1028 PRO A N   1 
ATOM   405  C CA  . PRO A 1 50  ? 0.992   9.519   6.011   1.00 34.64 ? 1028 PRO A CA  1 
ATOM   406  C C   . PRO A 1 50  ? 1.621   8.386   5.206   1.00 41.17 ? 1028 PRO A C   1 
ATOM   407  O O   . PRO A 1 50  ? 2.766   7.989   5.437   1.00 34.73 ? 1028 PRO A O   1 
ATOM   408  C CB  . PRO A 1 50  ? 1.406   10.889  5.460   1.00 37.56 ? 1028 PRO A CB  1 
ATOM   409  C CG  . PRO A 1 50  ? 2.551   11.321  6.339   1.00 37.70 ? 1028 PRO A CG  1 
ATOM   410  C CD  . PRO A 1 50  ? 2.246   10.773  7.695   1.00 37.64 ? 1028 PRO A CD  1 
ATOM   411  N N   . MET A 1 51  ? 0.853   7.867   4.249   1.00 29.44 ? 1029 MET A N   1 
ATOM   412  C CA  . MET A 1 51  ? 1.339   6.840   3.339   1.00 28.40 ? 1029 MET A CA  1 
ATOM   413  C C   . MET A 1 51  ? 0.612   6.997   2.010   1.00 31.85 ? 1029 MET A C   1 
ATOM   414  O O   . MET A 1 51  ? -0.566  7.357   1.984   1.00 30.70 ? 1029 MET A O   1 
ATOM   415  C CB  . MET A 1 51  ? 1.112   5.444   3.925   1.00 28.68 ? 1029 MET A CB  1 
ATOM   416  C CG  . MET A 1 51  ? 1.748   4.288   3.121   1.00 27.93 ? 1029 MET A CG  1 
ATOM   417  S SD  . MET A 1 51  ? 3.508   4.471   2.807   1.00 35.88 ? 1029 MET A SD  1 
ATOM   418  C CE  . MET A 1 51  ? 4.123   4.524   4.491   1.00 32.89 ? 1029 MET A CE  1 
ATOM   419  N N   . ASP A 1 52  ? 1.318   6.731   0.920   1.00 28.99 ? 1030 ASP A N   1 
ATOM   420  C CA  . ASP A 1 52  ? 0.751   6.822   -0.418  1.00 31.62 ? 1030 ASP A CA  1 
ATOM   421  C C   . ASP A 1 52  ? 1.515   5.861   -1.312  1.00 32.40 ? 1030 ASP A C   1 
ATOM   422  O O   . ASP A 1 52  ? 2.553   5.318   -0.927  1.00 28.95 ? 1030 ASP A O   1 
ATOM   423  C CB  . ASP A 1 52  ? 0.826   8.253   -0.963  1.00 28.73 ? 1030 ASP A CB  1 
ATOM   424  C CG  . ASP A 1 52  ? 2.251   8.706   -1.166  1.00 37.29 ? 1030 ASP A CG  1 
ATOM   425  O OD1 . ASP A 1 52  ? 2.855   9.237   -0.214  1.00 44.28 ? 1030 ASP A OD1 1 
ATOM   426  O OD2 . ASP A 1 52  ? 2.781   8.497   -2.267  1.00 36.51 ? 1030 ASP A OD2 1 
ATOM   427  N N   . LEU A 1 53  ? 0.998   5.667   -2.528  1.00 27.80 ? 1031 LEU A N   1 
ATOM   428  C CA  . LEU A 1 53  ? 1.552   4.645   -3.420  1.00 27.78 ? 1031 LEU A CA  1 
ATOM   429  C C   . LEU A 1 53  ? 2.929   5.031   -3.960  1.00 28.76 ? 1031 LEU A C   1 
ATOM   430  O O   . LEU A 1 53  ? 3.728   4.149   -4.302  1.00 27.74 ? 1031 LEU A O   1 
ATOM   431  C CB  . LEU A 1 53  ? 0.581   4.381   -4.576  1.00 28.42 ? 1031 LEU A CB  1 
ATOM   432  C CG  . LEU A 1 53  ? -0.765  3.756   -4.190  1.00 26.63 ? 1031 LEU A CG  1 
ATOM   433  C CD1 . LEU A 1 53  ? -1.690  3.667   -5.419  1.00 27.70 ? 1031 LEU A CD1 1 
ATOM   434  C CD2 . LEU A 1 53  ? -0.588  2.404   -3.552  1.00 24.92 ? 1031 LEU A CD2 1 
ATOM   435  N N   . SER A 1 54  ? 3.235   6.327   -4.057  1.00 28.94 ? 1032 SER A N   1 
ATOM   436  C CA  . SER A 1 54  ? 4.596   6.700   -4.439  1.00 31.27 ? 1032 SER A CA  1 
ATOM   437  C C   . SER A 1 54  ? 5.584   6.361   -3.329  1.00 29.82 ? 1032 SER A C   1 
ATOM   438  O O   . SER A 1 54  ? 6.714   5.932   -3.601  1.00 31.06 ? 1032 SER A O   1 
ATOM   439  C CB  A SER A 1 54  ? 4.663   8.187   -4.779  0.52 32.41 ? 1032 SER A CB  1 
ATOM   440  C CB  B SER A 1 54  ? 4.666   8.186   -4.796  0.48 32.45 ? 1032 SER A CB  1 
ATOM   441  O OG  A SER A 1 54  ? 4.536   8.968   -3.602  0.52 32.49 ? 1032 SER A OG  1 
ATOM   442  O OG  B SER A 1 54  ? 4.151   8.422   -6.095  0.48 34.63 ? 1032 SER A OG  1 
ATOM   443  N N   . SER A 1 55  ? 5.175   6.537   -2.070  1.00 29.50 ? 1033 SER A N   1 
ATOM   444  C CA  . SER A 1 55  ? 6.055   6.191   -0.962  1.00 30.67 ? 1033 SER A CA  1 
ATOM   445  C C   . SER A 1 55  ? 6.241   4.687   -0.875  1.00 30.33 ? 1033 SER A C   1 
ATOM   446  O O   . SER A 1 55  ? 7.329   4.211   -0.538  1.00 28.16 ? 1033 SER A O   1 
ATOM   447  C CB  . SER A 1 55  ? 5.505   6.746   0.351   1.00 32.90 ? 1033 SER A CB  1 
ATOM   448  O OG  . SER A 1 55  ? 5.344   8.154   0.245   1.00 41.61 ? 1033 SER A OG  1 
ATOM   449  N N   . VAL A 1 56  ? 5.192   3.926   -1.191  1.00 24.63 ? 1034 VAL A N   1 
ATOM   450  C CA  . VAL A 1 56  ? 5.309   2.469   -1.242  1.00 24.14 ? 1034 VAL A CA  1 
ATOM   451  C C   . VAL A 1 56  ? 6.359   2.051   -2.265  1.00 23.86 ? 1034 VAL A C   1 
ATOM   452  O O   . VAL A 1 56  ? 7.187   1.169   -2.000  1.00 26.96 ? 1034 VAL A O   1 
ATOM   453  C CB  . VAL A 1 56  ? 3.939   1.838   -1.549  1.00 21.87 ? 1034 VAL A CB  1 
ATOM   454  C CG1 . VAL A 1 56  ? 4.087   0.350   -1.886  1.00 23.11 ? 1034 VAL A CG1 1 
ATOM   455  C CG2 . VAL A 1 56  ? 3.001   2.024   -0.370  1.00 23.35 ? 1034 VAL A CG2 1 
ATOM   456  N N   . ILE A 1 57  ? 6.318   2.652   -3.463  1.00 21.82 ? 1035 ILE A N   1 
ATOM   457  C CA  . ILE A 1 57  ? 7.297   2.339   -4.507  1.00 25.48 ? 1035 ILE A CA  1 
ATOM   458  C C   . ILE A 1 57  ? 8.711   2.617   -4.014  1.00 27.59 ? 1035 ILE A C   1 
ATOM   459  O O   . ILE A 1 57  ? 9.637   1.831   -4.256  1.00 25.23 ? 1035 ILE A O   1 
ATOM   460  C CB  . ILE A 1 57  ? 7.002   3.141   -5.792  1.00 31.70 ? 1035 ILE A CB  1 
ATOM   461  C CG1 . ILE A 1 57  ? 5.737   2.627   -6.488  1.00 33.51 ? 1035 ILE A CG1 1 
ATOM   462  C CG2 . ILE A 1 57  ? 8.200   3.058   -6.757  1.00 33.33 ? 1035 ILE A CG2 1 
ATOM   463  C CD1 . ILE A 1 57  ? 5.924   1.249   -7.129  1.00 37.97 ? 1035 ILE A CD1 1 
ATOM   464  N N   . SER A 1 58  ? 8.907   3.746   -3.329  1.00 28.28 ? 1036 SER A N   1 
ATOM   465  C CA  . SER A 1 58  ? 10.241  4.064   -2.822  1.00 27.52 ? 1036 SER A CA  1 
ATOM   466  C C   . SER A 1 58  ? 10.699  3.042   -1.791  1.00 25.76 ? 1036 SER A C   1 
ATOM   467  O O   . SER A 1 58  ? 11.875  2.660   -1.761  1.00 27.78 ? 1036 SER A O   1 
ATOM   468  C CB  . SER A 1 58  ? 10.253  5.471   -2.221  1.00 29.76 ? 1036 SER A CB  1 
ATOM   469  O OG  . SER A 1 58  ? 9.866   6.406   -3.197  1.00 39.36 ? 1036 SER A OG  1 
ATOM   470  N N   . LYS A 1 59  ? 9.786   2.588   -0.935  1.00 26.59 ? 1037 LYS A N   1 
ATOM   471  C CA  . LYS A 1 59  ? 10.159  1.611   0.076   1.00 26.08 ? 1037 LYS A CA  1 
ATOM   472  C C   . LYS A 1 59  ? 10.470  0.257   -0.554  1.00 27.08 ? 1037 LYS A C   1 
ATOM   473  O O   . LYS A 1 59  ? 11.372  -0.447  -0.091  1.00 24.97 ? 1037 LYS A O   1 
ATOM   474  C CB  . LYS A 1 59  ? 9.052   1.496   1.124   1.00 27.62 ? 1037 LYS A CB  1 
ATOM   475  C CG  . LYS A 1 59  ? 8.918   2.750   1.991   1.00 28.50 ? 1037 LYS A CG  1 
ATOM   476  C CD  . LYS A 1 59  ? 7.816   2.598   3.048   1.00 28.54 ? 1037 LYS A CD  1 
ATOM   477  C CE  . LYS A 1 59  ? 8.168   1.532   4.070   1.00 27.61 ? 1037 LYS A CE  1 
ATOM   478  N NZ  . LYS A 1 59  ? 7.263   1.582   5.246   1.00 35.53 ? 1037 LYS A NZ  1 
ATOM   479  N N   . ILE A 1 60  ? 9.758   -0.121  -1.619  1.00 25.08 ? 1038 ILE A N   1 
ATOM   480  C CA  . ILE A 1 60  ? 10.130  -1.356  -2.314  1.00 23.36 ? 1038 ILE A CA  1 
ATOM   481  C C   . ILE A 1 60  ? 11.580  -1.272  -2.759  1.00 26.15 ? 1038 ILE A C   1 
ATOM   482  O O   . ILE A 1 60  ? 12.367  -2.206  -2.553  1.00 27.98 ? 1038 ILE A O   1 
ATOM   483  C CB  . ILE A 1 60  ? 9.209   -1.619  -3.522  1.00 24.85 ? 1038 ILE A CB  1 
ATOM   484  C CG1 . ILE A 1 60  ? 7.772   -1.876  -3.075  1.00 23.57 ? 1038 ILE A CG1 1 
ATOM   485  C CG2 . ILE A 1 60  ? 9.746   -2.794  -4.339  1.00 24.50 ? 1038 ILE A CG2 1 
ATOM   486  C CD1 . ILE A 1 60  ? 6.785   -1.919  -4.267  1.00 24.83 ? 1038 ILE A CD1 1 
ATOM   487  N N   . ASP A 1 61  ? 11.953  -0.143  -3.380  1.00 24.76 ? 1039 ASP A N   1 
ATOM   488  C CA  . ASP A 1 61  ? 13.290  0.004   -3.949  1.00 28.90 ? 1039 ASP A CA  1 
ATOM   489  C C   . ASP A 1 61  ? 14.364  0.188   -2.887  1.00 32.35 ? 1039 ASP A C   1 
ATOM   490  O O   . ASP A 1 61  ? 15.542  -0.028  -3.184  1.00 33.90 ? 1039 ASP A O   1 
ATOM   491  C CB  . ASP A 1 61  ? 13.332  1.178   -4.925  1.00 27.83 ? 1039 ASP A CB  1 
ATOM   492  C CG  . ASP A 1 61  ? 12.528  0.909   -6.183  1.00 33.09 ? 1039 ASP A CG  1 
ATOM   493  O OD1 . ASP A 1 61  ? 12.213  -0.270  -6.431  1.00 33.75 ? 1039 ASP A OD1 1 
ATOM   494  O OD2 . ASP A 1 61  ? 12.205  1.867   -6.918  1.00 31.29 ? 1039 ASP A OD2 1 
ATOM   495  N N   . LEU A 1 62  ? 13.993  0.592   -1.677  1.00 30.32 ? 1040 LEU A N   1 
ATOM   496  C CA  . LEU A 1 62  ? 14.893  0.598   -0.529  1.00 30.02 ? 1040 LEU A CA  1 
ATOM   497  C C   . LEU A 1 62  ? 14.911  -0.733  0.211   1.00 30.69 ? 1040 LEU A C   1 
ATOM   498  O O   . LEU A 1 62  ? 15.437  -0.800  1.322   1.00 32.89 ? 1040 LEU A O   1 
ATOM   499  C CB  . LEU A 1 62  ? 14.503  1.719   0.441   1.00 28.58 ? 1040 LEU A CB  1 
ATOM   500  C CG  . LEU A 1 62  ? 14.724  3.134   -0.089  1.00 31.43 ? 1040 LEU A CG  1 
ATOM   501  C CD1 . LEU A 1 62  ? 14.022  4.153   0.805   1.00 36.26 ? 1040 LEU A CD1 1 
ATOM   502  C CD2 . LEU A 1 62  ? 16.223  3.444   -0.196  1.00 35.63 ? 1040 LEU A CD2 1 
ATOM   503  N N   . HIS A 1 63  ? 14.325  -1.785  -0.364  1.00 27.61 ? 1041 HIS A N   1 
ATOM   504  C CA  . HIS A 1 63  ? 14.307  -3.120  0.238   1.00 28.45 ? 1041 HIS A CA  1 
ATOM   505  C C   . HIS A 1 63  ? 13.691  -3.118  1.633   1.00 33.07 ? 1041 HIS A C   1 
ATOM   506  O O   . HIS A 1 63  ? 14.106  -3.871  2.517   1.00 34.72 ? 1041 HIS A O   1 
ATOM   507  C CB  . HIS A 1 63  ? 15.715  -3.731  0.277   1.00 30.91 ? 1041 HIS A CB  1 
ATOM   508  C CG  . HIS A 1 63  ? 16.361  -3.843  -1.065  1.00 28.42 ? 1041 HIS A CG  1 
ATOM   509  N ND1 . HIS A 1 63  ? 17.495  -4.596  -1.282  1.00 31.71 ? 1041 HIS A ND1 1 
ATOM   510  C CD2 . HIS A 1 63  ? 16.027  -3.311  -2.264  1.00 29.61 ? 1041 HIS A CD2 1 
ATOM   511  C CE1 . HIS A 1 63  ? 17.842  -4.507  -2.554  1.00 28.33 ? 1041 HIS A CE1 1 
ATOM   512  N NE2 . HIS A 1 63  ? 16.964  -3.738  -3.173  1.00 33.42 ? 1041 HIS A NE2 1 
ATOM   513  N N   . LYS A 1 64  ? 12.686  -2.273  1.843   1.00 29.31 ? 1042 LYS A N   1 
ATOM   514  C CA  . LYS A 1 64  ? 12.023  -2.244  3.142   1.00 28.81 ? 1042 LYS A CA  1 
ATOM   515  C C   . LYS A 1 64  ? 10.989  -3.345  3.328   1.00 29.92 ? 1042 LYS A C   1 
ATOM   516  O O   . LYS A 1 64  ? 10.587  -3.608  4.467   1.00 32.78 ? 1042 LYS A O   1 
ATOM   517  C CB  . LYS A 1 64  ? 11.343  -0.888  3.361   1.00 29.04 ? 1042 LYS A CB  1 
ATOM   518  C CG  . LYS A 1 64  ? 12.290  0.267   3.322   1.00 33.39 ? 1042 LYS A CG  1 
ATOM   519  C CD  . LYS A 1 64  ? 13.006  0.422   4.645   1.00 39.80 ? 1042 LYS A CD  1 
ATOM   520  C CE  . LYS A 1 64  ? 13.824  1.710   4.663   1.00 46.95 ? 1042 LYS A CE  1 
ATOM   521  N NZ  . LYS A 1 64  ? 14.510  1.900   5.969   1.00 55.32 ? 1042 LYS A NZ  1 
ATOM   522  N N   . TYR A 1 65  ? 10.529  -3.982  2.255   1.00 27.90 ? 1043 TYR A N   1 
ATOM   523  C CA  . TYR A 1 65  ? 9.511   -5.028  2.339   1.00 27.36 ? 1043 TYR A CA  1 
ATOM   524  C C   . TYR A 1 65  ? 10.174  -6.375  2.108   1.00 29.43 ? 1043 TYR A C   1 
ATOM   525  O O   . TYR A 1 65  ? 10.638  -6.654  0.999   1.00 31.15 ? 1043 TYR A O   1 
ATOM   526  C CB  . TYR A 1 65  ? 8.400   -4.821  1.308   1.00 24.09 ? 1043 TYR A CB  1 
ATOM   527  C CG  . TYR A 1 65  ? 7.678   -3.500  1.424   1.00 26.09 ? 1043 TYR A CG  1 
ATOM   528  C CD1 . TYR A 1 65  ? 7.058   -3.117  2.611   1.00 27.53 ? 1043 TYR A CD1 1 
ATOM   529  C CD2 . TYR A 1 65  ? 7.623   -2.631  0.338   1.00 27.30 ? 1043 TYR A CD2 1 
ATOM   530  C CE1 . TYR A 1 65  ? 6.379   -1.887  2.696   1.00 26.68 ? 1043 TYR A CE1 1 
ATOM   531  C CE2 . TYR A 1 65  ? 6.955   -1.414  0.416   1.00 24.81 ? 1043 TYR A CE2 1 
ATOM   532  C CZ  . TYR A 1 65  ? 6.337   -1.050  1.594   1.00 26.50 ? 1043 TYR A CZ  1 
ATOM   533  O OH  . TYR A 1 65  ? 5.690   0.168   1.666   1.00 25.42 ? 1043 TYR A OH  1 
ATOM   534  N N   . LEU A 1 66  ? 10.193  -7.216  3.140   1.00 27.73 ? 1044 LEU A N   1 
ATOM   535  C CA  . LEU A 1 66  ? 10.712  -8.575  3.016   1.00 28.97 ? 1044 LEU A CA  1 
ATOM   536  C C   . LEU A 1 66  ? 9.616   -9.622  2.926   1.00 29.38 ? 1044 LEU A C   1 
ATOM   537  O O   . LEU A 1 66  ? 9.920   -10.791 2.666   1.00 26.35 ? 1044 LEU A O   1 
ATOM   538  C CB  . LEU A 1 66  ? 11.622  -8.923  4.206   1.00 30.64 ? 1044 LEU A CB  1 
ATOM   539  C CG  . LEU A 1 66  ? 12.945  -8.179  4.374   1.00 35.68 ? 1044 LEU A CG  1 
ATOM   540  C CD1 . LEU A 1 66  ? 13.869  -9.009  5.256   1.00 36.96 ? 1044 LEU A CD1 1 
ATOM   541  C CD2 . LEU A 1 66  ? 13.596  -7.906  3.054   1.00 34.74 ? 1044 LEU A CD2 1 
ATOM   542  N N   . THR A 1 67  ? 8.363   -9.246  3.167   1.00 26.39 ? 1045 THR A N   1 
ATOM   543  C CA  . THR A 1 67  ? 7.237   -10.152 3.047   1.00 25.44 ? 1045 THR A CA  1 
ATOM   544  C C   . THR A 1 67  ? 6.062   -9.359  2.500   1.00 27.13 ? 1045 THR A C   1 
ATOM   545  O O   . THR A 1 67  ? 6.042   -8.130  2.573   1.00 25.48 ? 1045 THR A O   1 
ATOM   546  C CB  . THR A 1 67  ? 6.813   -10.784 4.383   1.00 31.15 ? 1045 THR A CB  1 
ATOM   547  O OG1 . THR A 1 67  ? 6.197   -9.782  5.201   1.00 32.45 ? 1045 THR A OG1 1 
ATOM   548  C CG2 . THR A 1 67  ? 8.011   -11.401 5.133   1.00 29.66 ? 1045 THR A CG2 1 
ATOM   549  N N   . VAL A 1 68  ? 5.069   -10.075 1.974   1.00 25.76 ? 1046 VAL A N   1 
ATOM   550  C CA  . VAL A 1 68  ? 3.883   -9.372  1.494   1.00 25.76 ? 1046 VAL A CA  1 
ATOM   551  C C   . VAL A 1 68  ? 3.112   -8.786  2.670   1.00 29.02 ? 1046 VAL A C   1 
ATOM   552  O O   . VAL A 1 68  ? 2.383   -7.802  2.511   1.00 29.90 ? 1046 VAL A O   1 
ATOM   553  C CB  . VAL A 1 68  ? 2.987   -10.289 0.640   1.00 29.60 ? 1046 VAL A CB  1 
ATOM   554  C CG1 . VAL A 1 68  ? 2.085   -11.105 1.510   1.00 36.24 ? 1046 VAL A CG1 1 
ATOM   555  C CG2 . VAL A 1 68  ? 2.145   -9.447  -0.329  1.00 29.90 ? 1046 VAL A CG2 1 
ATOM   556  N N   . LYS A 1 69  ? 3.269   -9.362  3.869   1.00 31.07 ? 1047 LYS A N   1 
ATOM   557  C CA  . LYS A 1 69  ? 2.603   -8.814  5.048   1.00 32.11 ? 1047 LYS A CA  1 
ATOM   558  C C   . LYS A 1 69  ? 3.138   -7.432  5.398   1.00 32.12 ? 1047 LYS A C   1 
ATOM   559  O O   . LYS A 1 69  ? 2.364   -6.550  5.789   1.00 34.64 ? 1047 LYS A O   1 
ATOM   560  C CB  . LYS A 1 69  ? 2.758   -9.762  6.244   1.00 36.48 ? 1047 LYS A CB  1 
ATOM   561  C CG  . LYS A 1 69  ? 1.772   -10.912 6.246   1.00 40.73 ? 1047 LYS A CG  1 
ATOM   562  C CD  . LYS A 1 69  ? 2.102   -11.917 7.346   1.00 45.75 ? 1047 LYS A CD  1 
ATOM   563  N N   . ASP A 1 70  ? 4.453   -7.218  5.262   1.00 29.51 ? 1048 ASP A N   1 
ATOM   564  C CA  . ASP A 1 70  ? 5.014   -5.879  5.447   1.00 32.18 ? 1048 ASP A CA  1 
ATOM   565  C C   . ASP A 1 70  ? 4.424   -4.896  4.437   1.00 31.95 ? 1048 ASP A C   1 
ATOM   566  O O   . ASP A 1 70  ? 4.153   -3.735  4.762   1.00 29.03 ? 1048 ASP A O   1 
ATOM   567  C CB  . ASP A 1 70  ? 6.540   -5.905  5.292   1.00 30.88 ? 1048 ASP A CB  1 
ATOM   568  C CG  . ASP A 1 70  ? 7.250   -6.730  6.374   1.00 39.14 ? 1048 ASP A CG  1 
ATOM   569  O OD1 . ASP A 1 70  ? 6.602   -7.134  7.360   1.00 41.05 ? 1048 ASP A OD1 1 
ATOM   570  O OD2 . ASP A 1 70  ? 8.473   -6.968  6.214   1.00 42.99 ? 1048 ASP A OD2 1 
ATOM   571  N N   . TYR A 1 71  ? 4.261   -5.342  3.193   1.00 28.32 ? 1049 TYR A N   1 
ATOM   572  C CA  . TYR A 1 71  ? 3.658   -4.503  2.159   1.00 26.37 ? 1049 TYR A CA  1 
ATOM   573  C C   . TYR A 1 71  ? 2.203   -4.189  2.483   1.00 28.55 ? 1049 TYR A C   1 
ATOM   574  O O   . TYR A 1 71  ? 1.764   -3.032  2.395   1.00 27.20 ? 1049 TYR A O   1 
ATOM   575  C CB  . TYR A 1 71  ? 3.757   -5.228  0.823   1.00 25.81 ? 1049 TYR A CB  1 
ATOM   576  C CG  . TYR A 1 71  ? 3.054   -4.579  -0.346  1.00 23.59 ? 1049 TYR A CG  1 
ATOM   577  C CD1 . TYR A 1 71  ? 3.662   -3.557  -1.060  1.00 23.61 ? 1049 TYR A CD1 1 
ATOM   578  C CD2 . TYR A 1 71  ? 1.807   -5.043  -0.776  1.00 24.64 ? 1049 TYR A CD2 1 
ATOM   579  C CE1 . TYR A 1 71  ? 3.029   -2.982  -2.157  1.00 23.74 ? 1049 TYR A CE1 1 
ATOM   580  C CE2 . TYR A 1 71  ? 1.171   -4.465  -1.875  1.00 23.30 ? 1049 TYR A CE2 1 
ATOM   581  C CZ  . TYR A 1 71  ? 1.795   -3.446  -2.553  1.00 24.37 ? 1049 TYR A CZ  1 
ATOM   582  O OH  . TYR A 1 71  ? 1.190   -2.878  -3.648  1.00 23.19 ? 1049 TYR A OH  1 
ATOM   583  N N   . LEU A 1 72  ? 1.432   -5.217  2.847   1.00 26.27 ? 1050 LEU A N   1 
ATOM   584  C CA  . LEU A 1 72  ? 0.011   -5.009  3.121   1.00 29.85 ? 1050 LEU A CA  1 
ATOM   585  C C   . LEU A 1 72  ? -0.208  -4.110  4.330   1.00 32.40 ? 1050 LEU A C   1 
ATOM   586  O O   . LEU A 1 72  ? -1.244  -3.438  4.416   1.00 29.50 ? 1050 LEU A O   1 
ATOM   587  C CB  . LEU A 1 72  ? -0.694  -6.347  3.314   1.00 26.67 ? 1050 LEU A CB  1 
ATOM   588  C CG  . LEU A 1 72  ? -0.872  -7.120  2.009   1.00 31.68 ? 1050 LEU A CG  1 
ATOM   589  C CD1 . LEU A 1 72  ? -1.436  -8.507  2.274   1.00 31.72 ? 1050 LEU A CD1 1 
ATOM   590  C CD2 . LEU A 1 72  ? -1.745  -6.343  1.008   1.00 30.31 ? 1050 LEU A CD2 1 
ATOM   591  N N   . ARG A 1 73  ? 0.747   -4.056  5.265   1.00 28.58 ? 1051 ARG A N   1 
ATOM   592  C CA  . ARG A 1 73  ? 0.598   -3.108  6.367   1.00 33.08 ? 1051 ARG A CA  1 
ATOM   593  C C   . ARG A 1 73  ? 0.558   -1.670  5.856   1.00 30.21 ? 1051 ARG A C   1 
ATOM   594  O O   . ARG A 1 73  ? -0.191  -0.840  6.383   1.00 30.06 ? 1051 ARG A O   1 
ATOM   595  C CB  . ARG A 1 73  ? 1.719   -3.286  7.398   1.00 33.91 ? 1051 ARG A CB  1 
ATOM   596  C CG  . ARG A 1 73  ? 1.398   -4.329  8.449   1.00 44.07 ? 1051 ARG A CG  1 
ATOM   597  C CD  . ARG A 1 73  ? 2.504   -4.461  9.505   1.00 47.70 ? 1051 ARG A CD  1 
ATOM   598  N NE  . ARG A 1 73  ? 3.618   -5.268  9.009   1.00 56.08 ? 1051 ARG A NE  1 
ATOM   599  C CZ  . ARG A 1 73  ? 3.773   -6.567  9.264   1.00 53.81 ? 1051 ARG A CZ  1 
ATOM   600  N NH1 . ARG A 1 73  ? 2.876   -7.212  10.001  1.00 56.00 ? 1051 ARG A NH1 1 
ATOM   601  N NH2 . ARG A 1 73  ? 4.814   -7.224  8.762   1.00 55.01 ? 1051 ARG A NH2 1 
ATOM   602  N N   . ASP A 1 74  ? 1.350   -1.354  4.829   1.00 26.80 ? 1052 ASP A N   1 
ATOM   603  C CA  . ASP A 1 74  ? 1.315   -0.002  4.283   1.00 24.30 ? 1052 ASP A CA  1 
ATOM   604  C C   . ASP A 1 74  ? 0.097   0.230   3.388   1.00 27.75 ? 1052 ASP A C   1 
ATOM   605  O O   . ASP A 1 74  ? -0.414  1.356   3.341   1.00 26.67 ? 1052 ASP A O   1 
ATOM   606  C CB  . ASP A 1 74  ? 2.603   0.296   3.512   1.00 24.11 ? 1052 ASP A CB  1 
ATOM   607  C CG  . ASP A 1 74  ? 3.732   0.769   4.426   1.00 33.35 ? 1052 ASP A CG  1 
ATOM   608  O OD1 . ASP A 1 74  ? 3.443   1.084   5.598   1.00 32.69 ? 1052 ASP A OD1 1 
ATOM   609  O OD2 . ASP A 1 74  ? 4.894   0.847   3.973   1.00 30.59 ? 1052 ASP A OD2 1 
ATOM   610  N N   . ILE A 1 75  ? -0.365  -0.794  2.661   1.00 25.45 ? 1053 ILE A N   1 
ATOM   611  C CA  . ILE A 1 75  ? -1.637  -0.666  1.944   1.00 25.09 ? 1053 ILE A CA  1 
ATOM   612  C C   . ILE A 1 75  ? -2.757  -0.402  2.937   1.00 26.55 ? 1053 ILE A C   1 
ATOM   613  O O   . ILE A 1 75  ? -3.607  0.474   2.737   1.00 26.76 ? 1053 ILE A O   1 
ATOM   614  C CB  . ILE A 1 75  ? -1.928  -1.929  1.110   1.00 25.74 ? 1053 ILE A CB  1 
ATOM   615  C CG1 . ILE A 1 75  ? -0.837  -2.174  0.061   1.00 24.61 ? 1053 ILE A CG1 1 
ATOM   616  C CG2 . ILE A 1 75  ? -3.338  -1.835  0.473   1.00 26.55 ? 1053 ILE A CG2 1 
ATOM   617  C CD1 . ILE A 1 75  ? -0.609  -0.993  -0.911  1.00 27.27 ? 1053 ILE A CD1 1 
ATOM   618  N N   . ASP A 1 76  ? -2.766  -1.155  4.040   1.00 25.14 ? 1054 ASP A N   1 
ATOM   619  C CA  . ASP A 1 76  ? -3.781  -0.960  5.066   1.00 28.24 ? 1054 ASP A CA  1 
ATOM   620  C C   . ASP A 1 76  ? -3.685  0.424   5.687   1.00 28.74 ? 1054 ASP A C   1 
ATOM   621  O O   . ASP A 1 76  ? -4.714  1.010   6.066   1.00 31.30 ? 1054 ASP A O   1 
ATOM   622  C CB  . ASP A 1 76  ? -3.648  -2.037  6.144   1.00 30.03 ? 1054 ASP A CB  1 
ATOM   623  C CG  . ASP A 1 76  ? -4.253  -3.360  5.719   1.00 35.38 ? 1054 ASP A CG  1 
ATOM   624  O OD1 . ASP A 1 76  ? -5.241  -3.352  4.954   1.00 41.86 ? 1054 ASP A OD1 1 
ATOM   625  O OD2 . ASP A 1 76  ? -3.759  -4.409  6.157   1.00 38.09 ? 1054 ASP A OD2 1 
ATOM   626  N N   . LEU A 1 77  ? -2.471  0.968   5.791   1.00 26.60 ? 1055 LEU A N   1 
ATOM   627  C CA  . LEU A 1 77  ? -2.298  2.305   6.344   1.00 27.32 ? 1055 LEU A CA  1 
ATOM   628  C C   . LEU A 1 77  ? -2.851  3.377   5.405   1.00 30.06 ? 1055 LEU A C   1 
ATOM   629  O O   . LEU A 1 77  ? -3.515  4.321   5.858   1.00 28.89 ? 1055 LEU A O   1 
ATOM   630  C CB  . LEU A 1 77  ? -0.819  2.550   6.635   1.00 31.61 ? 1055 LEU A CB  1 
ATOM   631  C CG  . LEU A 1 77  ? -0.431  3.918   7.184   1.00 33.06 ? 1055 LEU A CG  1 
ATOM   632  C CD1 . LEU A 1 77  ? -1.086  4.160   8.538   1.00 34.17 ? 1055 LEU A CD1 1 
ATOM   633  C CD2 . LEU A 1 77  ? 1.080   4.012   7.282   1.00 34.13 ? 1055 LEU A CD2 1 
ATOM   634  N N   . ILE A 1 78  ? -2.578  3.260   4.098   1.00 28.02 ? 1056 ILE A N   1 
ATOM   635  C CA  . ILE A 1 78  ? -3.216  4.156   3.128   1.00 28.23 ? 1056 ILE A CA  1 
ATOM   636  C C   . ILE A 1 78  ? -4.719  4.172   3.349   1.00 27.49 ? 1056 ILE A C   1 
ATOM   637  O O   . ILE A 1 78  ? -5.348  5.235   3.436   1.00 29.03 ? 1056 ILE A O   1 
ATOM   638  C CB  . ILE A 1 78  ? -2.876  3.738   1.685   1.00 27.38 ? 1056 ILE A CB  1 
ATOM   639  C CG1 . ILE A 1 78  ? -1.373  3.849   1.424   1.00 25.27 ? 1056 ILE A CG1 1 
ATOM   640  C CG2 . ILE A 1 78  ? -3.664  4.608   0.675   1.00 24.90 ? 1056 ILE A CG2 1 
ATOM   641  C CD1 . ILE A 1 78  ? -0.934  3.323   0.056   1.00 25.91 ? 1056 ILE A CD1 1 
ATOM   642  N N   . CYS A 1 79  ? -5.317  2.985   3.457   1.00 24.41 ? 1057 CYS A N   1 
ATOM   643  C CA  . CYS A 1 79  ? -6.764  2.888   3.607   1.00 29.71 ? 1057 CYS A CA  1 
ATOM   644  C C   . CYS A 1 79  ? -7.233  3.450   4.945   1.00 34.21 ? 1057 CYS A C   1 
ATOM   645  O O   . CYS A 1 79  ? -8.186  4.237   4.996   1.00 32.41 ? 1057 CYS A O   1 
ATOM   646  C CB  . CYS A 1 79  ? -7.213  1.441   3.454   1.00 26.74 ? 1057 CYS A CB  1 
ATOM   647  S SG  . CYS A 1 79  ? -9.008  1.262   3.550   1.00 38.85 ? 1057 CYS A SG  1 
ATOM   648  N N   . SER A 1 80  ? -6.590  3.057   6.049   1.00 29.06 ? 1058 SER A N   1 
ATOM   649  C CA  . SER A 1 80  ? -7.088  3.497   7.347   1.00 30.43 ? 1058 SER A CA  1 
ATOM   650  C C   . SER A 1 80  ? -6.882  4.994   7.546   1.00 31.31 ? 1058 SER A C   1 
ATOM   651  O O   . SER A 1 80  ? -7.723  5.654   8.167   1.00 36.00 ? 1058 SER A O   1 
ATOM   652  C CB  . SER A 1 80  ? -6.432  2.689   8.473   1.00 34.31 ? 1058 SER A CB  1 
ATOM   653  O OG  . SER A 1 80  ? -5.042  2.943   8.538   1.00 39.52 ? 1058 SER A OG  1 
ATOM   654  N N   . ASN A 1 81  ? -5.804  5.551   6.999   1.00 29.11 ? 1059 ASN A N   1 
ATOM   655  C CA  . ASN A 1 81  ? -5.615  6.999   7.033   1.00 29.82 ? 1059 ASN A CA  1 
ATOM   656  C C   . ASN A 1 81  ? -6.738  7.714   6.294   1.00 32.76 ? 1059 ASN A C   1 
ATOM   657  O O   . ASN A 1 81  ? -7.186  8.790   6.712   1.00 31.96 ? 1059 ASN A O   1 
ATOM   658  C CB  . ASN A 1 81  ? -4.277  7.379   6.403   1.00 31.79 ? 1059 ASN A CB  1 
ATOM   659  C CG  . ASN A 1 81  ? -3.111  7.188   7.352   1.00 30.95 ? 1059 ASN A CG  1 
ATOM   660  O OD1 . ASN A 1 81  ? -3.306  6.899   8.531   1.00 33.42 ? 1059 ASN A OD1 1 
ATOM   661  N ND2 . ASN A 1 81  ? -1.903  7.355   6.841   1.00 30.13 ? 1059 ASN A ND2 1 
ATOM   662  N N   . ALA A 1 82  ? -7.170  7.152   5.165   1.00 29.82 ? 1060 ALA A N   1 
ATOM   663  C CA  . ALA A 1 82  ? -8.236  7.792   4.397   1.00 30.89 ? 1060 ALA A CA  1 
ATOM   664  C C   . ALA A 1 82  ? -9.565  7.722   5.141   1.00 31.12 ? 1060 ALA A C   1 
ATOM   665  O O   . ALA A 1 82  ? -10.349 8.681   5.116   1.00 35.41 ? 1060 ALA A O   1 
ATOM   666  C CB  . ALA A 1 82  ? -8.343  7.147   3.012   1.00 28.17 ? 1060 ALA A CB  1 
ATOM   667  N N   . LEU A 1 83  ? -9.842  6.601   5.807   1.00 30.80 ? 1061 LEU A N   1 
ATOM   668  C CA  . LEU A 1 83  ? -11.089 6.493   6.554   1.00 32.61 ? 1061 LEU A CA  1 
ATOM   669  C C   . LEU A 1 83  ? -11.075 7.423   7.751   1.00 39.35 ? 1061 LEU A C   1 
ATOM   670  O O   . LEU A 1 83  ? -12.106 8.003   8.116   1.00 35.02 ? 1061 LEU A O   1 
ATOM   671  C CB  . LEU A 1 83  ? -11.321 5.058   7.014   1.00 34.27 ? 1061 LEU A CB  1 
ATOM   672  C CG  . LEU A 1 83  ? -11.406 3.963   5.958   1.00 38.26 ? 1061 LEU A CG  1 
ATOM   673  C CD1 . LEU A 1 83  ? -11.940 2.694   6.586   1.00 41.71 ? 1061 LEU A CD1 1 
ATOM   674  C CD2 . LEU A 1 83  ? -12.281 4.398   4.810   1.00 39.46 ? 1061 LEU A CD2 1 
ATOM   675  N N   . GLU A 1 84  ? -9.906  7.573   8.371   1.00 34.71 ? 1062 GLU A N   1 
ATOM   676  C CA  . GLU A 1 84  ? -9.778  8.440   9.535   1.00 39.85 ? 1062 GLU A CA  1 
ATOM   677  C C   . GLU A 1 84  ? -9.956  9.903   9.160   1.00 36.78 ? 1062 GLU A C   1 
ATOM   678  O O   . GLU A 1 84  ? -10.631 10.656  9.872   1.00 37.93 ? 1062 GLU A O   1 
ATOM   679  C CB  . GLU A 1 84  ? -8.416  8.216   10.185  1.00 38.67 ? 1062 GLU A CB  1 
ATOM   680  C CG  . GLU A 1 84  ? -8.188  8.998   11.451  1.00 46.92 ? 1062 GLU A CG  1 
ATOM   681  C CD  . GLU A 1 84  ? -6.834  8.687   12.057  1.00 52.39 ? 1062 GLU A CD  1 
ATOM   682  O OE1 . GLU A 1 84  ? -6.226  9.598   12.660  1.00 57.37 ? 1062 GLU A OE1 1 
ATOM   683  O OE2 . GLU A 1 84  ? -6.380  7.531   11.909  1.00 49.15 ? 1062 GLU A OE2 1 
ATOM   684  N N   . TYR A 1 85  ? -9.361  10.321  8.045   1.00 34.11 ? 1063 TYR A N   1 
ATOM   685  C CA  . TYR A 1 85  ? -9.450  11.705  7.612   1.00 36.72 ? 1063 TYR A CA  1 
ATOM   686  C C   . TYR A 1 85  ? -10.805 12.056  7.009   1.00 38.42 ? 1063 TYR A C   1 
ATOM   687  O O   . TYR A 1 85  ? -11.157 13.240  6.961   1.00 38.43 ? 1063 TYR A O   1 
ATOM   688  C CB  . TYR A 1 85  ? -8.357  12.006  6.591   1.00 34.80 ? 1063 TYR A CB  1 
ATOM   689  C CG  . TYR A 1 85  ? -8.233  13.474  6.291   1.00 41.27 ? 1063 TYR A CG  1 
ATOM   690  C CD1 . TYR A 1 85  ? -7.755  14.359  7.251   1.00 44.35 ? 1063 TYR A CD1 1 
ATOM   691  C CD2 . TYR A 1 85  ? -8.615  13.984  5.059   1.00 40.87 ? 1063 TYR A CD2 1 
ATOM   692  C CE1 . TYR A 1 85  ? -7.653  15.711  6.986   1.00 50.25 ? 1063 TYR A CE1 1 
ATOM   693  C CE2 . TYR A 1 85  ? -8.516  15.337  4.785   1.00 46.25 ? 1063 TYR A CE2 1 
ATOM   694  C CZ  . TYR A 1 85  ? -8.034  16.192  5.752   1.00 52.18 ? 1063 TYR A CZ  1 
ATOM   695  O OH  . TYR A 1 85  ? -7.933  17.534  5.484   1.00 59.56 ? 1063 TYR A OH  1 
ATOM   696  N N   . ASN A 1 86  ? -11.573 11.070  6.552   1.00 33.80 ? 1064 ASN A N   1 
ATOM   697  C CA  . ASN A 1 86  ? -12.849 11.313  5.876   1.00 33.11 ? 1064 ASN A CA  1 
ATOM   698  C C   . ASN A 1 86  ? -13.993 10.605  6.593   1.00 33.51 ? 1064 ASN A C   1 
ATOM   699  O O   . ASN A 1 86  ? -14.664 9.743   6.015   1.00 33.20 ? 1064 ASN A O   1 
ATOM   700  C CB  . ASN A 1 86  ? -12.774 10.870  4.416   1.00 33.72 ? 1064 ASN A CB  1 
ATOM   701  C CG  . ASN A 1 86  ? -11.781 11.678  3.611   1.00 37.38 ? 1064 ASN A CG  1 
ATOM   702  O OD1 . ASN A 1 86  ? -12.092 12.768  3.140   1.00 37.61 ? 1064 ASN A OD1 1 
ATOM   703  N ND2 . ASN A 1 86  ? -10.577 11.133  3.426   1.00 33.44 ? 1064 ASN A ND2 1 
ATOM   704  N N   . PRO A 1 87  ? -14.272 10.968  7.846   1.00 32.87 ? 1065 PRO A N   1 
ATOM   705  C CA  . PRO A 1 87  ? -15.316 10.275  8.608   1.00 35.25 ? 1065 PRO A CA  1 
ATOM   706  C C   . PRO A 1 87  ? -16.731 10.813  8.432   1.00 37.24 ? 1065 PRO A C   1 
ATOM   707  O O   . PRO A 1 87  ? -17.660 10.207  8.976   1.00 38.90 ? 1065 PRO A O   1 
ATOM   708  C CB  . PRO A 1 87  ? -14.842 10.491  10.050  1.00 37.83 ? 1065 PRO A CB  1 
ATOM   709  C CG  . PRO A 1 87  ? -14.235 11.843  10.017  1.00 36.60 ? 1065 PRO A CG  1 
ATOM   710  C CD  . PRO A 1 87  ? -13.663 12.051  8.637   1.00 34.75 ? 1065 PRO A CD  1 
ATOM   711  N N   . ASP A 1 88  ? -16.919 11.903  7.696   1.00 35.70 ? 1066 ASP A N   1 
ATOM   712  C CA  . ASP A 1 88  ? -18.198 12.604  7.652   1.00 39.74 ? 1066 ASP A CA  1 
ATOM   713  C C   . ASP A 1 88  ? -19.161 11.930  6.681   1.00 41.56 ? 1066 ASP A C   1 
ATOM   714  O O   . ASP A 1 88  ? -18.764 11.150  5.812   1.00 36.55 ? 1066 ASP A O   1 
ATOM   715  C CB  . ASP A 1 88  ? -18.002 14.057  7.225   1.00 40.68 ? 1066 ASP A CB  1 
ATOM   716  C CG  . ASP A 1 88  ? -17.217 14.864  8.237   1.00 48.92 ? 1066 ASP A CG  1 
ATOM   717  O OD1 . ASP A 1 88  ? -17.183 14.449  9.416   1.00 51.38 ? 1066 ASP A OD1 1 
ATOM   718  O OD2 . ASP A 1 88  ? -16.646 15.912  7.854   1.00 53.77 ? 1066 ASP A OD2 1 
ATOM   719  N N   . ARG A 1 89  ? -20.447 12.265  6.819   1.00 39.99 ? 1067 ARG A N   1 
ATOM   720  C CA  . ARG A 1 89  ? -21.428 11.752  5.871   1.00 35.25 ? 1067 ARG A CA  1 
ATOM   721  C C   . ARG A 1 89  ? -21.400 12.492  4.544   1.00 34.10 ? 1067 ARG A C   1 
ATOM   722  O O   . ARG A 1 89  ? -22.081 12.054  3.609   1.00 32.78 ? 1067 ARG A O   1 
ATOM   723  C CB  . ARG A 1 89  ? -22.847 11.794  6.456   1.00 33.53 ? 1067 ARG A CB  1 
ATOM   724  C CG  . ARG A 1 89  ? -23.427 13.179  6.767   1.00 34.89 ? 1067 ARG A CG  1 
ATOM   725  C CD  . ARG A 1 89  ? -24.244 13.759  5.597   1.00 32.18 ? 1067 ARG A CD  1 
ATOM   726  N NE  . ARG A 1 89  ? -25.200 12.793  5.040   1.00 32.09 ? 1067 ARG A NE  1 
ATOM   727  C CZ  . ARG A 1 89  ? -25.531 12.733  3.749   1.00 35.54 ? 1067 ARG A CZ  1 
ATOM   728  N NH1 . ARG A 1 89  ? -25.009 13.607  2.882   1.00 32.93 ? 1067 ARG A NH1 1 
ATOM   729  N NH2 . ARG A 1 89  ? -26.386 11.806  3.322   1.00 34.77 ? 1067 ARG A NH2 1 
ATOM   730  N N   . ASP A 1 90  ? -20.623 13.572  4.447   1.00 32.44 ? 1068 ASP A N   1 
ATOM   731  C CA  . ASP A 1 90  ? -20.561 14.387  3.237   1.00 33.94 ? 1068 ASP A CA  1 
ATOM   732  C C   . ASP A 1 90  ? -20.138 13.545  2.033   1.00 35.96 ? 1068 ASP A C   1 
ATOM   733  O O   . ASP A 1 90  ? -19.291 12.652  2.168   1.00 32.96 ? 1068 ASP A O   1 
ATOM   734  C CB  . ASP A 1 90  ? -19.566 15.537  3.430   1.00 38.18 ? 1068 ASP A CB  1 
ATOM   735  C CG  . ASP A 1 90  ? -19.979 16.495  4.542   1.00 55.70 ? 1068 ASP A CG  1 
ATOM   736  O OD1 . ASP A 1 90  ? -20.015 17.720  4.289   1.00 59.79 ? 1068 ASP A OD1 1 
ATOM   737  O OD2 . ASP A 1 90  ? -20.268 16.029  5.668   1.00 52.43 ? 1068 ASP A OD2 1 
ATOM   738  N N   . PRO A 1 91  ? -20.669 13.825  0.835   1.00 33.31 ? 1069 PRO A N   1 
ATOM   739  C CA  . PRO A 1 91  ? -20.320 12.995  -0.333  1.00 31.96 ? 1069 PRO A CA  1 
ATOM   740  C C   . PRO A 1 91  ? -18.841 13.026  -0.682  1.00 28.95 ? 1069 PRO A C   1 
ATOM   741  O O   . PRO A 1 91  ? -18.318 12.043  -1.227  1.00 30.41 ? 1069 PRO A O   1 
ATOM   742  C CB  . PRO A 1 91  ? -21.159 13.601  -1.469  1.00 32.40 ? 1069 PRO A CB  1 
ATOM   743  C CG  . PRO A 1 91  ? -22.123 14.544  -0.812  1.00 37.17 ? 1069 PRO A CG  1 
ATOM   744  C CD  . PRO A 1 91  ? -21.515 14.976  0.466   1.00 34.41 ? 1069 PRO A CD  1 
ATOM   745  N N   . GLY A 1 92  ? -18.156 14.136  -0.416  1.00 31.17 ? 1070 GLY A N   1 
ATOM   746  C CA  . GLY A 1 92  ? -16.724 14.176  -0.671  1.00 34.88 ? 1070 GLY A CA  1 
ATOM   747  C C   . GLY A 1 92  ? -15.976 13.173  0.185   1.00 34.79 ? 1070 GLY A C   1 
ATOM   748  O O   . GLY A 1 92  ? -15.071 12.486  -0.294  1.00 35.52 ? 1070 GLY A O   1 
ATOM   749  N N   . ASP A 1 93  ? -16.375 13.056  1.455   1.00 32.07 ? 1071 ASP A N   1 
ATOM   750  C CA  . ASP A 1 93  ? -15.802 12.065  2.361   1.00 36.06 ? 1071 ASP A CA  1 
ATOM   751  C C   . ASP A 1 93  ? -16.211 10.651  1.966   1.00 33.83 ? 1071 ASP A C   1 
ATOM   752  O O   . ASP A 1 93  ? -15.384 9.734   1.961   1.00 31.81 ? 1071 ASP A O   1 
ATOM   753  C CB  . ASP A 1 93  ? -16.251 12.347  3.799   1.00 34.72 ? 1071 ASP A CB  1 
ATOM   754  C CG  . ASP A 1 93  ? -15.546 13.540  4.417   1.00 39.82 ? 1071 ASP A CG  1 
ATOM   755  O OD1 . ASP A 1 93  ? -15.222 14.495  3.682   1.00 39.98 ? 1071 ASP A OD1 1 
ATOM   756  O OD2 . ASP A 1 93  ? -15.298 13.511  5.645   1.00 39.23 ? 1071 ASP A OD2 1 
ATOM   757  N N   . ARG A 1 94  ? -17.495 10.449  1.658   1.00 27.15 ? 1072 ARG A N   1 
ATOM   758  C CA  A ARG A 1 94  ? -17.952 9.102   1.345   0.48 29.73 ? 1072 ARG A CA  1 
ATOM   759  C CA  B ARG A 1 94  ? -17.988 9.117   1.316   0.52 29.61 ? 1072 ARG A CA  1 
ATOM   760  C C   . ARG A 1 94  ? -17.301 8.572   0.072   1.00 28.40 ? 1072 ARG A C   1 
ATOM   761  O O   . ARG A 1 94  ? -17.058 7.361   -0.040  1.00 30.11 ? 1072 ARG A O   1 
ATOM   762  C CB  A ARG A 1 94  ? -19.482 9.077   1.242   0.48 32.00 ? 1072 ARG A CB  1 
ATOM   763  C CB  B ARG A 1 94  ? -19.503 9.160   1.102   0.52 31.96 ? 1072 ARG A CB  1 
ATOM   764  C CG  A ARG A 1 94  ? -20.171 9.263   2.594   0.48 30.14 ? 1072 ARG A CG  1 
ATOM   765  C CG  B ARG A 1 94  ? -20.239 7.970   1.673   0.52 32.65 ? 1072 ARG A CG  1 
ATOM   766  C CD  A ARG A 1 94  ? -21.680 9.056   2.520   0.48 35.14 ? 1072 ARG A CD  1 
ATOM   767  C CD  B ARG A 1 94  ? -21.716 7.993   1.308   0.52 35.86 ? 1072 ARG A CD  1 
ATOM   768  N NE  A ARG A 1 94  ? -22.290 8.970   3.847   0.48 31.70 ? 1072 ARG A NE  1 
ATOM   769  N NE  B ARG A 1 94  ? -22.271 6.648   1.204   0.52 38.10 ? 1072 ARG A NE  1 
ATOM   770  C CZ  A ARG A 1 94  ? -23.604 9.002   4.066   0.48 37.62 ? 1072 ARG A CZ  1 
ATOM   771  C CZ  B ARG A 1 94  ? -22.769 5.970   2.233   0.52 35.74 ? 1072 ARG A CZ  1 
ATOM   772  N NH1 A ARG A 1 94  ? -24.441 9.120   3.046   0.48 38.80 ? 1072 ARG A NH1 1 
ATOM   773  N NH1 B ARG A 1 94  ? -22.775 6.514   3.442   0.52 39.40 ? 1072 ARG A NH1 1 
ATOM   774  N NH2 A ARG A 1 94  ? -24.084 8.910   5.299   0.48 38.85 ? 1072 ARG A NH2 1 
ATOM   775  N NH2 B ARG A 1 94  ? -23.260 4.753   2.055   0.52 33.83 ? 1072 ARG A NH2 1 
ATOM   776  N N   . LEU A 1 95  ? -17.001 9.450   -0.884  1.00 28.13 ? 1073 LEU A N   1 
ATOM   777  C CA  . LEU A 1 95  ? -16.351 9.018   -2.116  1.00 27.55 ? 1073 LEU A CA  1 
ATOM   778  C C   . LEU A 1 95  ? -14.945 8.501   -1.835  1.00 31.76 ? 1073 LEU A C   1 
ATOM   779  O O   . LEU A 1 95  ? -14.540 7.443   -2.340  1.00 27.35 ? 1073 LEU A O   1 
ATOM   780  C CB  . LEU A 1 95  ? -16.309 10.179  -3.109  1.00 25.69 ? 1073 LEU A CB  1 
ATOM   781  C CG  . LEU A 1 95  ? -15.563 9.950   -4.428  1.00 25.48 ? 1073 LEU A CG  1 
ATOM   782  C CD1 . LEU A 1 95  ? -16.160 8.766   -5.197  1.00 27.73 ? 1073 LEU A CD1 1 
ATOM   783  C CD2 . LEU A 1 95  ? -15.549 11.200  -5.278  1.00 30.97 ? 1073 LEU A CD2 1 
ATOM   784  N N   . ILE A 1 96  ? -14.190 9.232   -1.020  1.00 28.77 ? 1074 ILE A N   1 
ATOM   785  C CA  . ILE A 1 96  ? -12.821 8.811   -0.735  1.00 29.77 ? 1074 ILE A CA  1 
ATOM   786  C C   . ILE A 1 96  ? -12.811 7.538   0.097   1.00 29.02 ? 1074 ILE A C   1 
ATOM   787  O O   . ILE A 1 96  ? -11.967 6.656   -0.116  1.00 31.32 ? 1074 ILE A O   1 
ATOM   788  C CB  . ILE A 1 96  ? -12.043 9.953   -0.062  1.00 32.10 ? 1074 ILE A CB  1 
ATOM   789  C CG1 . ILE A 1 96  ? -11.994 11.147  -1.010  1.00 34.11 ? 1074 ILE A CG1 1 
ATOM   790  C CG2 . ILE A 1 96  ? -10.612 9.497   0.279   1.00 31.34 ? 1074 ILE A CG2 1 
ATOM   791  C CD1 . ILE A 1 96  ? -11.383 12.368  -0.395  1.00 45.76 ? 1074 ILE A CD1 1 
ATOM   792  N N   . ARG A 1 97  ? -13.746 7.403   1.045   1.00 27.50 ? 1075 ARG A N   1 
ATOM   793  C CA  . ARG A 1 97  ? -13.834 6.159   1.804   1.00 27.24 ? 1075 ARG A CA  1 
ATOM   794  C C   . ARG A 1 97  ? -14.109 4.977   0.886   1.00 35.15 ? 1075 ARG A C   1 
ATOM   795  O O   . ARG A 1 97  ? -13.530 3.896   1.061   1.00 30.13 ? 1075 ARG A O   1 
ATOM   796  C CB  . ARG A 1 97  ? -14.927 6.248   2.874   1.00 32.43 ? 1075 ARG A CB  1 
ATOM   797  C CG  . ARG A 1 97  ? -14.614 7.169   4.033   1.00 31.17 ? 1075 ARG A CG  1 
ATOM   798  C CD  . ARG A 1 97  ? -15.345 6.746   5.311   1.00 32.37 ? 1075 ARG A CD  1 
ATOM   799  N NE  . ARG A 1 97  ? -16.800 6.620   5.174   1.00 39.89 ? 1075 ARG A NE  1 
ATOM   800  C CZ  . ARG A 1 97  ? -17.653 7.639   5.257   1.00 38.07 ? 1075 ARG A CZ  1 
ATOM   801  N NH1 . ARG A 1 97  ? -17.203 8.876   5.455   1.00 35.95 ? 1075 ARG A NH1 1 
ATOM   802  N NH2 . ARG A 1 97  ? -18.959 7.423   5.136   1.00 39.39 ? 1075 ARG A NH2 1 
ATOM   803  N N   . HIS A 1 98  ? -15.010 5.154   -0.091  1.00 27.94 ? 1076 HIS A N   1 
ATOM   804  C CA  . HIS A 1 98  ? -15.309 4.057   -1.004  1.00 28.94 ? 1076 HIS A CA  1 
ATOM   805  C C   . HIS A 1 98  ? -14.086 3.691   -1.832  1.00 27.52 ? 1076 HIS A C   1 
ATOM   806  O O   . HIS A 1 98  ? -13.796 2.505   -2.036  1.00 29.01 ? 1076 HIS A O   1 
ATOM   807  C CB  . HIS A 1 98  ? -16.472 4.438   -1.917  1.00 24.86 ? 1076 HIS A CB  1 
ATOM   808  C CG  . HIS A 1 98  ? -17.005 3.300   -2.723  1.00 26.74 ? 1076 HIS A CG  1 
ATOM   809  N ND1 . HIS A 1 98  ? -16.594 3.051   -4.015  1.00 30.07 ? 1076 HIS A ND1 1 
ATOM   810  C CD2 . HIS A 1 98  ? -17.928 2.354   -2.432  1.00 33.55 ? 1076 HIS A CD2 1 
ATOM   811  C CE1 . HIS A 1 98  ? -17.239 1.995   -4.481  1.00 30.41 ? 1076 HIS A CE1 1 
ATOM   812  N NE2 . HIS A 1 98  ? -18.052 1.553   -3.539  1.00 31.22 ? 1076 HIS A NE2 1 
ATOM   813  N N   . ARG A 1 99  ? -13.364 4.697   -2.322  1.00 24.20 ? 1077 ARG A N   1 
ATOM   814  C CA  . ARG A 1 99  ? -12.145 4.432   -3.085  1.00 27.83 ? 1077 ARG A CA  1 
ATOM   815  C C   . ARG A 1 99  ? -11.078 3.792   -2.209  1.00 28.87 ? 1077 ARG A C   1 
ATOM   816  O O   . ARG A 1 99  ? -10.339 2.911   -2.664  1.00 27.27 ? 1077 ARG A O   1 
ATOM   817  C CB  . ARG A 1 99  ? -11.613 5.722   -3.686  1.00 28.26 ? 1077 ARG A CB  1 
ATOM   818  C CG  . ARG A 1 99  ? -12.477 6.285   -4.795  1.00 25.14 ? 1077 ARG A CG  1 
ATOM   819  C CD  . ARG A 1 99  ? -12.139 7.721   -5.066  1.00 27.42 ? 1077 ARG A CD  1 
ATOM   820  N NE  . ARG A 1 99  ? -12.720 8.150   -6.332  1.00 29.41 ? 1077 ARG A NE  1 
ATOM   821  C CZ  . ARG A 1 99  ? -12.636 9.385   -6.819  1.00 30.08 ? 1077 ARG A CZ  1 
ATOM   822  N NH1 . ARG A 1 99  ? -11.988 10.326  -6.157  1.00 30.47 ? 1077 ARG A NH1 1 
ATOM   823  N NH2 . ARG A 1 99  ? -13.199 9.672   -7.979  1.00 34.52 ? 1077 ARG A NH2 1 
ATOM   824  N N   . ALA A 1 100 ? -10.977 4.239   -0.959  1.00 24.74 ? 1078 ALA A N   1 
ATOM   825  C CA  . ALA A 1 100 ? -9.998  3.670   -0.034  1.00 32.04 ? 1078 ALA A CA  1 
ATOM   826  C C   . ALA A 1 100 ? -10.264 2.190   0.201   1.00 32.43 ? 1078 ALA A C   1 
ATOM   827  O O   . ALA A 1 100 ? -9.343  1.360   0.159   1.00 31.53 ? 1078 ALA A O   1 
ATOM   828  C CB  . ALA A 1 100 ? -10.032 4.437   1.288   1.00 31.44 ? 1078 ALA A CB  1 
ATOM   829  N N   . CYS A 1 101 ? -11.526 1.833   0.434   1.00 29.57 ? 1079 CYS A N   1 
ATOM   830  C CA  . CYS A 1 101 ? -11.861 0.431   0.614   1.00 27.61 ? 1079 CYS A CA  1 
ATOM   831  C C   . CYS A 1 101 ? -11.645 -0.364  -0.662  1.00 31.31 ? 1079 CYS A C   1 
ATOM   832  O O   . CYS A 1 101 ? -11.253 -1.534  -0.597  1.00 28.79 ? 1079 CYS A O   1 
ATOM   833  C CB  . CYS A 1 101 ? -13.301 0.292   1.098   1.00 32.92 ? 1079 CYS A CB  1 
ATOM   834  S SG  . CYS A 1 101 ? -13.529 0.922   2.781   1.00 43.99 ? 1079 CYS A SG  1 
ATOM   835  N N   . ALA A 1 102 ? -11.907 0.236   -1.828  1.00 27.09 ? 1080 ALA A N   1 
ATOM   836  C CA  . ALA A 1 102 ? -11.666 -0.486  -3.072  1.00 28.14 ? 1080 ALA A CA  1 
ATOM   837  C C   . ALA A 1 102 ? -10.175 -0.711  -3.295  1.00 27.73 ? 1080 ALA A C   1 
ATOM   838  O O   . ALA A 1 102 ? -9.775  -1.755  -3.819  1.00 26.44 ? 1080 ALA A O   1 
ATOM   839  C CB  . ALA A 1 102 ? -12.273 0.262   -4.254  1.00 27.77 ? 1080 ALA A CB  1 
ATOM   840  N N   . LEU A 1 103 ? -9.343  0.258   -2.910  1.00 27.55 ? 1081 LEU A N   1 
ATOM   841  C CA  . LEU A 1 103 ? -7.896  0.081   -3.023  1.00 26.38 ? 1081 LEU A CA  1 
ATOM   842  C C   . LEU A 1 103 ? -7.435  -1.108  -2.194  1.00 28.64 ? 1081 LEU A C   1 
ATOM   843  O O   . LEU A 1 103 ? -6.704  -1.982  -2.683  1.00 25.80 ? 1081 LEU A O   1 
ATOM   844  C CB  . LEU A 1 103 ? -7.172  1.350   -2.573  1.00 26.44 ? 1081 LEU A CB  1 
ATOM   845  C CG  . LEU A 1 103 ? -5.651  1.172   -2.464  1.00 30.00 ? 1081 LEU A CG  1 
ATOM   846  C CD1 . LEU A 1 103 ? -5.069  1.126   -3.841  1.00 30.67 ? 1081 LEU A CD1 1 
ATOM   847  C CD2 . LEU A 1 103 ? -5.052  2.317   -1.665  1.00 35.96 ? 1081 LEU A CD2 1 
ATOM   848  N N   . ARG A 1 104 ? -7.872  -1.157  -0.935  1.00 27.47 ? 1082 ARG A N   1 
ATOM   849  C CA  . ARG A 1 104 ? -7.514  -2.254  -0.038  1.00 30.09 ? 1082 ARG A CA  1 
ATOM   850  C C   . ARG A 1 104 ? -8.037  -3.594  -0.550  1.00 31.18 ? 1082 ARG A C   1 
ATOM   851  O O   . ARG A 1 104 ? -7.293  -4.583  -0.613  1.00 27.94 ? 1082 ARG A O   1 
ATOM   852  C CB  . ARG A 1 104 ? -8.060  -1.953  1.361   1.00 30.72 ? 1082 ARG A CB  1 
ATOM   853  C CG  . ARG A 1 104 ? -7.763  -3.004  2.435   1.00 33.11 ? 1082 ARG A CG  1 
ATOM   854  C CD  . ARG A 1 104 ? -8.846  -2.981  3.508   1.00 43.62 ? 1082 ARG A CD  1 
ATOM   855  N NE  . ARG A 1 104 ? -10.184 -3.141  2.926   1.00 42.74 ? 1082 ARG A NE  1 
ATOM   856  C CZ  . ARG A 1 104 ? -11.283 -2.561  3.398   1.00 46.12 ? 1082 ARG A CZ  1 
ATOM   857  N NH1 . ARG A 1 104 ? -11.213 -1.775  4.470   1.00 49.51 ? 1082 ARG A NH1 1 
ATOM   858  N NH2 . ARG A 1 104 ? -12.452 -2.764  2.803   1.00 45.56 ? 1082 ARG A NH2 1 
ATOM   859  N N   . ASP A 1 105 ? -9.323  -3.650  -0.915  1.00 26.88 ? 1083 ASP A N   1 
ATOM   860  C CA  . ASP A 1 105 ? -9.890  -4.893  -1.429  1.00 30.27 ? 1083 ASP A CA  1 
ATOM   861  C C   . ASP A 1 105 ? -9.188  -5.351  -2.699  1.00 28.50 ? 1083 ASP A C   1 
ATOM   862  O O   . ASP A 1 105 ? -8.976  -6.556  -2.901  1.00 26.89 ? 1083 ASP A O   1 
ATOM   863  C CB  . ASP A 1 105 ? -11.383 -4.720  -1.705  1.00 32.73 ? 1083 ASP A CB  1 
ATOM   864  C CG  . ASP A 1 105 ? -12.200 -4.535  -0.435  1.00 42.36 ? 1083 ASP A CG  1 
ATOM   865  O OD1 . ASP A 1 105 ? -11.670 -4.763  0.678   1.00 37.42 ? 1083 ASP A OD1 1 
ATOM   866  O OD2 . ASP A 1 105 ? -13.382 -4.155  -0.560  1.00 42.32 ? 1083 ASP A OD2 1 
ATOM   867  N N   . THR A 1 106 ? -8.853  -4.409  -3.581  1.00 26.25 ? 1084 THR A N   1 
ATOM   868  C CA  . THR A 1 106 ? -8.214  -4.778  -4.837  1.00 24.96 ? 1084 THR A CA  1 
ATOM   869  C C   . THR A 1 106 ? -6.823  -5.348  -4.591  1.00 25.25 ? 1084 THR A C   1 
ATOM   870  O O   . THR A 1 106 ? -6.449  -6.360  -5.192  1.00 24.80 ? 1084 THR A O   1 
ATOM   871  C CB  . THR A 1 106 ? -8.151  -3.568  -5.771  1.00 27.96 ? 1084 THR A CB  1 
ATOM   872  O OG1 . THR A 1 106 ? -9.486  -3.167  -6.129  1.00 26.93 ? 1084 THR A OG1 1 
ATOM   873  C CG2 . THR A 1 106 ? -7.373  -3.892  -7.041  1.00 28.19 ? 1084 THR A CG2 1 
ATOM   874  N N   . ALA A 1 107 ? -6.051  -4.716  -3.703  1.00 23.29 ? 1085 ALA A N   1 
ATOM   875  C CA  . ALA A 1 107 ? -4.707  -5.208  -3.405  1.00 24.95 ? 1085 ALA A CA  1 
ATOM   876  C C   . ALA A 1 107 ? -4.761  -6.600  -2.785  1.00 25.14 ? 1085 ALA A C   1 
ATOM   877  O O   . ALA A 1 107 ? -4.022  -7.503  -3.188  1.00 24.29 ? 1085 ALA A O   1 
ATOM   878  C CB  . ALA A 1 107 ? -3.986  -4.223  -2.479  1.00 22.99 ? 1085 ALA A CB  1 
ATOM   879  N N   . TYR A 1 108 ? -5.654  -6.807  -1.812  1.00 22.97 ? 1086 TYR A N   1 
ATOM   880  C CA  . TYR A 1 108 ? -5.771  -8.133  -1.208  1.00 27.20 ? 1086 TYR A CA  1 
ATOM   881  C C   . TYR A 1 108 ? -6.198  -9.183  -2.230  1.00 27.29 ? 1086 TYR A C   1 
ATOM   882  O O   . TYR A 1 108 ? -5.711  -10.322 -2.200  1.00 26.81 ? 1086 TYR A O   1 
ATOM   883  C CB  . TYR A 1 108 ? -6.754  -8.094  -0.031  1.00 26.43 ? 1086 TYR A CB  1 
ATOM   884  C CG  . TYR A 1 108 ? -6.108  -7.703  1.283   1.00 27.48 ? 1086 TYR A CG  1 
ATOM   885  C CD1 . TYR A 1 108 ? -5.980  -6.369  1.651   1.00 30.44 ? 1086 TYR A CD1 1 
ATOM   886  C CD2 . TYR A 1 108 ? -5.619  -8.673  2.156   1.00 30.28 ? 1086 TYR A CD2 1 
ATOM   887  C CE1 . TYR A 1 108 ? -5.386  -6.005  2.850   1.00 30.77 ? 1086 TYR A CE1 1 
ATOM   888  C CE2 . TYR A 1 108 ? -5.030  -8.321  3.357   1.00 31.56 ? 1086 TYR A CE2 1 
ATOM   889  C CZ  . TYR A 1 108 ? -4.919  -6.986  3.701   1.00 33.53 ? 1086 TYR A CZ  1 
ATOM   890  O OH  . TYR A 1 108 ? -4.334  -6.629  4.896   1.00 32.29 ? 1086 TYR A OH  1 
ATOM   891  N N   . ALA A 1 109 ? -7.112  -8.825  -3.140  1.00 24.78 ? 1087 ALA A N   1 
ATOM   892  C CA  . ALA A 1 109 ? -7.598  -9.795  -4.122  1.00 27.78 ? 1087 ALA A CA  1 
ATOM   893  C C   . ALA A 1 109 ? -6.519  -10.179 -5.129  1.00 28.43 ? 1087 ALA A C   1 
ATOM   894  O O   . ALA A 1 109 ? -6.444  -11.342 -5.545  1.00 26.96 ? 1087 ALA A O   1 
ATOM   895  C CB  . ALA A 1 109 ? -8.812  -9.242  -4.864  1.00 28.26 ? 1087 ALA A CB  1 
ATOM   896  N N   . ILE A 1 110 ? -5.702  -9.215  -5.562  1.00 25.25 ? 1088 ILE A N   1 
ATOM   897  C CA  . ILE A 1 110 ? -4.598  -9.539  -6.467  1.00 26.46 ? 1088 ILE A CA  1 
ATOM   898  C C   . ILE A 1 110 ? -3.617  -10.473 -5.780  1.00 26.02 ? 1088 ILE A C   1 
ATOM   899  O O   . ILE A 1 110 ? -3.152  -11.462 -6.366  1.00 23.83 ? 1088 ILE A O   1 
ATOM   900  C CB  . ILE A 1 110 ? -3.892  -8.255  -6.944  1.00 23.31 ? 1088 ILE A CB  1 
ATOM   901  C CG1 . ILE A 1 110 ? -4.786  -7.463  -7.902  1.00 26.67 ? 1088 ILE A CG1 1 
ATOM   902  C CG2 . ILE A 1 110 ? -2.558  -8.605  -7.632  1.00 23.81 ? 1088 ILE A CG2 1 
ATOM   903  C CD1 . ILE A 1 110 ? -4.249  -6.074  -8.212  1.00 24.98 ? 1088 ILE A CD1 1 
ATOM   904  N N   . ILE A 1 111 ? -3.279  -10.173 -4.526  1.00 23.52 ? 1089 ILE A N   1 
ATOM   905  C CA  . ILE A 1 111 ? -2.319  -11.008 -3.810  1.00 25.86 ? 1089 ILE A CA  1 
ATOM   906  C C   . ILE A 1 111 ? -2.892  -12.406 -3.598  1.00 28.14 ? 1089 ILE A C   1 
ATOM   907  O O   . ILE A 1 111 ? -2.189  -13.409 -3.759  1.00 29.53 ? 1089 ILE A O   1 
ATOM   908  C CB  . ILE A 1 111 ? -1.906  -10.337 -2.481  1.00 26.74 ? 1089 ILE A CB  1 
ATOM   909  C CG1 A ILE A 1 111 ? -0.778  -9.341  -2.745  0.72 26.33 ? 1089 ILE A CG1 1 
ATOM   910  C CG1 B ILE A 1 111 ? -1.447  -8.885  -2.671  0.28 26.63 ? 1089 ILE A CG1 1 
ATOM   911  C CG2 A ILE A 1 111 ? -1.460  -11.371 -1.435  0.72 27.97 ? 1089 ILE A CG2 1 
ATOM   912  C CG2 B ILE A 1 111 ? -0.818  -11.149 -1.780  0.28 27.81 ? 1089 ILE A CG2 1 
ATOM   913  C CD1 A ILE A 1 111 ? -0.892  -8.029  -1.990  0.72 26.96 ? 1089 ILE A CD1 1 
ATOM   914  C CD1 B ILE A 1 111 ? -0.606  -8.618  -3.874  0.28 25.40 ? 1089 ILE A CD1 1 
ATOM   915  N N   . LYS A 1 112 ? -4.182  -12.502 -3.263  1.00 26.61 ? 1090 LYS A N   1 
ATOM   916  C CA  . LYS A 1 112 ? -4.781  -13.818 -3.054  1.00 27.00 ? 1090 LYS A CA  1 
ATOM   917  C C   . LYS A 1 112 ? -4.790  -14.637 -4.337  1.00 28.43 ? 1090 LYS A C   1 
ATOM   918  O O   . LYS A 1 112 ? -4.605  -15.862 -4.307  1.00 32.23 ? 1090 LYS A O   1 
ATOM   919  C CB  . LYS A 1 112 ? -6.206  -13.677 -2.513  1.00 33.63 ? 1090 LYS A CB  1 
ATOM   920  C CG  . LYS A 1 112 ? -6.825  -15.020 -2.134  1.00 39.82 ? 1090 LYS A CG  1 
ATOM   921  C CD  . LYS A 1 112 ? -8.288  -14.883 -1.747  1.00 47.44 ? 1090 LYS A CD  1 
ATOM   922  C CE  . LYS A 1 112 ? -8.852  -16.216 -1.264  1.00 51.85 ? 1090 LYS A CE  1 
ATOM   923  N NZ  . LYS A 1 112 ? -10.249 -16.059 -0.773  1.00 63.91 ? 1090 LYS A NZ  1 
ATOM   924  N N   . GLU A 1 113 ? -4.991  -13.981 -5.475  1.00 29.49 ? 1091 GLU A N   1 
ATOM   925  C CA  . GLU A 1 113 ? -5.067  -14.695 -6.739  1.00 26.97 ? 1091 GLU A CA  1 
ATOM   926  C C   . GLU A 1 113 ? -3.698  -15.028 -7.316  1.00 32.31 ? 1091 GLU A C   1 
ATOM   927  O O   . GLU A 1 113 ? -3.561  -16.048 -8.004  1.00 34.12 ? 1091 GLU A O   1 
ATOM   928  C CB  . GLU A 1 113 ? -5.853  -13.861 -7.750  1.00 34.13 ? 1091 GLU A CB  1 
ATOM   929  C CG  . GLU A 1 113 ? -6.578  -14.656 -8.795  1.00 45.67 ? 1091 GLU A CG  1 
ATOM   930  C CD  . GLU A 1 113 ? -7.686  -13.849 -9.463  1.00 53.95 ? 1091 GLU A CD  1 
ATOM   931  O OE1 . GLU A 1 113 ? -8.872  -14.206 -9.283  1.00 61.76 ? 1091 GLU A OE1 1 
ATOM   932  O OE2 . GLU A 1 113 ? -7.373  -12.850 -10.153 1.00 50.45 ? 1091 GLU A OE2 1 
ATOM   933  N N   . GLU A 1 114 ? -2.678  -14.196 -7.060  1.00 26.87 ? 1092 GLU A N   1 
ATOM   934  C CA  . GLU A 1 114 ? -1.441  -14.257 -7.831  1.00 23.22 ? 1092 GLU A CA  1 
ATOM   935  C C   . GLU A 1 114 ? -0.171  -14.544 -7.029  1.00 25.28 ? 1092 GLU A C   1 
ATOM   936  O O   . GLU A 1 114 ? 0.837   -14.908 -7.641  1.00 27.38 ? 1092 GLU A O   1 
ATOM   937  C CB  . GLU A 1 114 ? -1.234  -12.943 -8.611  1.00 26.64 ? 1092 GLU A CB  1 
ATOM   938  C CG  . GLU A 1 114 ? -2.446  -12.585 -9.471  1.00 27.40 ? 1092 GLU A CG  1 
ATOM   939  C CD  . GLU A 1 114 ? -2.276  -11.299 -10.251 1.00 27.24 ? 1092 GLU A CD  1 
ATOM   940  O OE1 . GLU A 1 114 ? -1.127  -10.863 -10.472 1.00 28.75 ? 1092 GLU A OE1 1 
ATOM   941  O OE2 . GLU A 1 114 ? -3.311  -10.717 -10.647 1.00 29.88 ? 1092 GLU A OE2 1 
ATOM   942  N N   . LEU A 1 115 ? -0.170  -14.392 -5.712  1.00 24.63 ? 1093 LEU A N   1 
ATOM   943  C CA  . LEU A 1 115 ? 1.020   -14.703 -4.920  1.00 25.75 ? 1093 LEU A CA  1 
ATOM   944  C C   . LEU A 1 115 ? 0.917   -16.125 -4.386  1.00 30.45 ? 1093 LEU A C   1 
ATOM   945  O O   . LEU A 1 115 ? -0.031  -16.455 -3.665  1.00 29.38 ? 1093 LEU A O   1 
ATOM   946  C CB  . LEU A 1 115 ? 1.215   -13.721 -3.767  1.00 31.34 ? 1093 LEU A CB  1 
ATOM   947  C CG  . LEU A 1 115 ? 2.612   -13.816 -3.115  1.00 30.98 ? 1093 LEU A CG  1 
ATOM   948  C CD1 . LEU A 1 115 ? 3.726   -13.560 -4.124  1.00 31.26 ? 1093 LEU A CD1 1 
ATOM   949  C CD2 . LEU A 1 115 ? 2.715   -12.840 -1.966  1.00 35.22 ? 1093 LEU A CD2 1 
ATOM   950  N N   . ASP A 1 116 ? 1.900   -16.959 -4.721  1.00 28.90 ? 1094 ASP A N   1 
ATOM   951  C CA  . ASP A 1 116 ? 1.898   -18.330 -4.223  1.00 29.61 ? 1094 ASP A CA  1 
ATOM   952  C C   . ASP A 1 116 ? 2.091   -18.334 -2.710  1.00 30.72 ? 1094 ASP A C   1 
ATOM   953  O O   . ASP A 1 116 ? 2.967   -17.643 -2.187  1.00 28.05 ? 1094 ASP A O   1 
ATOM   954  C CB  . ASP A 1 116 ? 2.988   -19.142 -4.916  1.00 30.83 ? 1094 ASP A CB  1 
ATOM   955  C CG  . ASP A 1 116 ? 2.907   -20.614 -4.580  1.00 39.25 ? 1094 ASP A CG  1 
ATOM   956  O OD1 . ASP A 1 116 ? 3.195   -20.973 -3.422  1.00 41.66 ? 1094 ASP A OD1 1 
ATOM   957  O OD2 . ASP A 1 116 ? 2.547   -21.409 -5.467  1.00 38.31 ? 1094 ASP A OD2 1 
ATOM   958  N N   . GLU A 1 117 ? 1.245   -19.095 -2.006  1.00 28.27 ? 1095 GLU A N   1 
ATOM   959  C CA  . GLU A 1 117 ? 1.314   -19.154 -0.547  1.00 30.52 ? 1095 GLU A CA  1 
ATOM   960  C C   . GLU A 1 117 ? 2.655   -19.693 -0.068  1.00 29.62 ? 1095 GLU A C   1 
ATOM   961  O O   . GLU A 1 117 ? 3.154   -19.283 0.989   1.00 29.66 ? 1095 GLU A O   1 
ATOM   962  C CB  . GLU A 1 117 ? 0.195   -20.039 0.009   1.00 37.04 ? 1095 GLU A CB  1 
ATOM   963  C CG  . GLU A 1 117 ? -1.222  -19.534 -0.196  1.00 47.59 ? 1095 GLU A CG  1 
ATOM   964  C CD  . GLU A 1 117 ? -2.250  -20.423 0.500   1.00 58.70 ? 1095 GLU A CD  1 
ATOM   965  O OE1 . GLU A 1 117 ? -1.848  -21.450 1.098   1.00 62.27 ? 1095 GLU A OE1 1 
ATOM   966  O OE2 . GLU A 1 117 ? -3.455  -20.100 0.443   1.00 68.86 ? 1095 GLU A OE2 1 
ATOM   967  N N   . ASP A 1 118 ? 3.232   -20.642 -0.807  1.00 27.35 ? 1096 ASP A N   1 
ATOM   968  C CA  . ASP A 1 118 ? 4.545   -21.166 -0.431  1.00 32.18 ? 1096 ASP A CA  1 
ATOM   969  C C   . ASP A 1 118 ? 5.642   -20.140 -0.651  1.00 28.81 ? 1096 ASP A C   1 
ATOM   970  O O   . ASP A 1 118 ? 6.654   -20.147 0.062   1.00 28.28 ? 1096 ASP A O   1 
ATOM   971  C CB  . ASP A 1 118 ? 4.877   -22.427 -1.232  1.00 31.48 ? 1096 ASP A CB  1 
ATOM   972  C CG  . ASP A 1 118 ? 4.024   -23.611 -0.833  1.00 37.58 ? 1096 ASP A CG  1 
ATOM   973  O OD1 . ASP A 1 118 ? 3.635   -23.669 0.342   1.00 36.70 ? 1096 ASP A OD1 1 
ATOM   974  O OD2 . ASP A 1 118 ? 3.748   -24.464 -1.701  1.00 39.77 ? 1096 ASP A OD2 1 
ATOM   975  N N   . PHE A 1 119 ? 5.489   -19.280 -1.662  1.00 25.99 ? 1097 PHE A N   1 
ATOM   976  C CA  . PHE A 1 119 ? 6.471   -18.222 -1.854  1.00 27.88 ? 1097 PHE A CA  1 
ATOM   977  C C   . PHE A 1 119 ? 6.432   -17.235 -0.695  1.00 27.71 ? 1097 PHE A C   1 
ATOM   978  O O   . PHE A 1 119 ? 7.480   -16.848 -0.168  1.00 27.77 ? 1097 PHE A O   1 
ATOM   979  C CB  . PHE A 1 119 ? 6.239   -17.503 -3.192  1.00 27.18 ? 1097 PHE A CB  1 
ATOM   980  C CG  . PHE A 1 119 ? 7.222   -16.399 -3.446  1.00 27.50 ? 1097 PHE A CG  1 
ATOM   981  C CD1 . PHE A 1 119 ? 8.458   -16.670 -4.027  1.00 26.31 ? 1097 PHE A CD1 1 
ATOM   982  C CD2 . PHE A 1 119 ? 6.937   -15.098 -3.064  1.00 26.26 ? 1097 PHE A CD2 1 
ATOM   983  C CE1 . PHE A 1 119 ? 9.378   -15.666 -4.235  1.00 27.68 ? 1097 PHE A CE1 1 
ATOM   984  C CE2 . PHE A 1 119 ? 7.859   -14.087 -3.268  1.00 26.64 ? 1097 PHE A CE2 1 
ATOM   985  C CZ  . PHE A 1 119 ? 9.081   -14.369 -3.854  1.00 26.40 ? 1097 PHE A CZ  1 
ATOM   986  N N   . GLU A 1 120 ? 5.236   -16.823 -0.273  1.00 26.27 ? 1098 GLU A N   1 
ATOM   987  C CA  . GLU A 1 120 ? 5.146   -15.913 0.864   1.00 26.44 ? 1098 GLU A CA  1 
ATOM   988  C C   . GLU A 1 120 ? 5.685   -16.568 2.129   1.00 29.54 ? 1098 GLU A C   1 
ATOM   989  O O   . GLU A 1 120 ? 6.364   -15.917 2.931   1.00 29.07 ? 1098 GLU A O   1 
ATOM   990  C CB  . GLU A 1 120 ? 3.701   -15.455 1.060   1.00 29.50 ? 1098 GLU A CB  1 
ATOM   991  C CG  . GLU A 1 120 ? 3.438   -14.685 2.359   1.00 28.14 ? 1098 GLU A CG  1 
ATOM   992  C CD  . GLU A 1 120 ? 4.290   -13.425 2.540   1.00 32.79 ? 1098 GLU A CD  1 
ATOM   993  O OE1 . GLU A 1 120 ? 4.878   -12.905 1.560   1.00 30.88 ? 1098 GLU A OE1 1 
ATOM   994  O OE2 . GLU A 1 120 ? 4.356   -12.922 3.685   1.00 35.03 ? 1098 GLU A OE2 1 
ATOM   995  N N   . GLN A 1 121 ? 5.420   -17.866 2.306   1.00 27.12 ? 1099 GLN A N   1 
ATOM   996  C CA  . GLN A 1 121 ? 5.920   -18.571 3.483   1.00 30.60 ? 1099 GLN A CA  1 
ATOM   997  C C   . GLN A 1 121 ? 7.444   -18.591 3.512   1.00 28.03 ? 1099 GLN A C   1 
ATOM   998  O O   . GLN A 1 121 ? 8.055   -18.383 4.567   1.00 31.30 ? 1099 GLN A O   1 
ATOM   999  C CB  . GLN A 1 121 ? 5.360   -19.992 3.510   1.00 29.98 ? 1099 GLN A CB  1 
ATOM   1000 C CG  . GLN A 1 121 ? 5.769   -20.812 4.743   1.00 32.27 ? 1099 GLN A CG  1 
ATOM   1001 C CD  . GLN A 1 121 ? 5.245   -20.216 6.023   1.00 37.73 ? 1099 GLN A CD  1 
ATOM   1002 O OE1 . GLN A 1 121 ? 4.125   -19.706 6.067   1.00 39.92 ? 1099 GLN A OE1 1 
ATOM   1003 N NE2 . GLN A 1 121 ? 6.047   -20.271 7.075   1.00 35.23 ? 1099 GLN A NE2 1 
ATOM   1004 N N   . LEU A 1 122 ? 8.079   -18.816 2.359   1.00 26.36 ? 1100 LEU A N   1 
ATOM   1005 C CA  . LEU A 1 122 ? 9.539   -18.764 2.294   1.00 24.63 ? 1100 LEU A CA  1 
ATOM   1006 C C   . LEU A 1 122 ? 10.057  -17.390 2.708   1.00 30.01 ? 1100 LEU A C   1 
ATOM   1007 O O   . LEU A 1 122 ? 10.993  -17.277 3.512   1.00 27.51 ? 1100 LEU A O   1 
ATOM   1008 C CB  . LEU A 1 122 ? 10.008  -19.129 0.881   1.00 26.75 ? 1100 LEU A CB  1 
ATOM   1009 C CG  . LEU A 1 122 ? 11.500  -18.971 0.580   1.00 28.81 ? 1100 LEU A CG  1 
ATOM   1010 C CD1 . LEU A 1 122 ? 12.335  -19.831 1.554   1.00 28.10 ? 1100 LEU A CD1 1 
ATOM   1011 C CD2 . LEU A 1 122 ? 11.802  -19.330 -0.863  1.00 27.12 ? 1100 LEU A CD2 1 
ATOM   1012 N N   . CYS A 1 123 ? 9.456   -16.323 2.165   1.00 27.66 ? 1101 CYS A N   1 
ATOM   1013 C CA  . CYS A 1 123 ? 9.857   -14.972 2.545   1.00 27.33 ? 1101 CYS A CA  1 
ATOM   1014 C C   . CYS A 1 123 ? 9.783   -14.778 4.057   1.00 24.99 ? 1101 CYS A C   1 
ATOM   1015 O O   . CYS A 1 123 ? 10.692  -14.205 4.670   1.00 30.71 ? 1101 CYS A O   1 
ATOM   1016 C CB  . CYS A 1 123 ? 8.967   -13.938 1.843   1.00 24.58 ? 1101 CYS A CB  1 
ATOM   1017 S SG  . CYS A 1 123 ? 9.247   -13.775 0.077   1.00 27.29 ? 1101 CYS A SG  1 
ATOM   1018 N N   . GLU A 1 124 ? 8.689   -15.221 4.666   1.00 28.56 ? 1102 GLU A N   1 
ATOM   1019 C CA  . GLU A 1 124 ? 8.522   -15.048 6.105   1.00 31.21 ? 1102 GLU A CA  1 
ATOM   1020 C C   . GLU A 1 124 ? 9.568   -15.843 6.880   1.00 37.03 ? 1102 GLU A C   1 
ATOM   1021 O O   . GLU A 1 124 ? 10.055  -15.387 7.919   1.00 36.32 ? 1102 GLU A O   1 
ATOM   1022 C CB  . GLU A 1 124 ? 7.108   -15.463 6.517   1.00 30.29 ? 1102 GLU A CB  1 
ATOM   1023 C CG  . GLU A 1 124 ? 6.022   -14.545 5.952   1.00 36.44 ? 1102 GLU A CG  1 
ATOM   1024 C CD  . GLU A 1 124 ? 4.612   -14.985 6.298   1.00 43.47 ? 1102 GLU A CD  1 
ATOM   1025 O OE1 . GLU A 1 124 ? 4.457   -15.888 7.141   1.00 48.11 ? 1102 GLU A OE1 1 
ATOM   1026 O OE2 . GLU A 1 124 ? 3.647   -14.428 5.723   1.00 42.91 ? 1102 GLU A OE2 1 
ATOM   1027 N N   . GLU A 1 125 ? 9.945   -17.025 6.385   1.00 35.09 ? 1103 GLU A N   1 
ATOM   1028 C CA  . GLU A 1 125 ? 10.918  -17.829 7.126   1.00 35.70 ? 1103 GLU A CA  1 
ATOM   1029 C C   . GLU A 1 125 ? 12.322  -17.254 6.993   1.00 36.34 ? 1103 GLU A C   1 
ATOM   1030 O O   . GLU A 1 125 ? 13.093  -17.267 7.959   1.00 37.84 ? 1103 GLU A O   1 
ATOM   1031 C CB  . GLU A 1 125 ? 10.844  -19.302 6.684   1.00 34.02 ? 1103 GLU A CB  1 
ATOM   1032 C CG  . GLU A 1 125 ? 9.617   -20.007 7.291   1.00 36.48 ? 1103 GLU A CG  1 
ATOM   1033 C CD  . GLU A 1 125 ? 9.437   -21.480 6.900   1.00 33.86 ? 1103 GLU A CD  1 
ATOM   1034 O OE1 . GLU A 1 125 ? 10.392  -22.118 6.409   1.00 35.06 ? 1103 GLU A OE1 1 
ATOM   1035 O OE2 . GLU A 1 125 ? 8.314   -22.003 7.083   1.00 33.55 ? 1103 GLU A OE2 1 
ATOM   1036 N N   . ILE A 1 126 ? 12.671  -16.709 5.823   1.00 31.98 ? 1104 ILE A N   1 
ATOM   1037 C CA  . ILE A 1 126 ? 13.939  -15.996 5.705   1.00 32.74 ? 1104 ILE A CA  1 
ATOM   1038 C C   . ILE A 1 126 ? 13.955  -14.795 6.641   1.00 41.66 ? 1104 ILE A C   1 
ATOM   1039 O O   . ILE A 1 126 ? 14.940  -14.558 7.352   1.00 39.48 ? 1104 ILE A O   1 
ATOM   1040 C CB  . ILE A 1 126 ? 14.199  -15.574 4.251   1.00 31.75 ? 1104 ILE A CB  1 
ATOM   1041 C CG1 . ILE A 1 126 ? 14.121  -16.782 3.312   1.00 30.46 ? 1104 ILE A CG1 1 
ATOM   1042 C CG2 . ILE A 1 126 ? 15.564  -14.892 4.133   1.00 37.16 ? 1104 ILE A CG2 1 
ATOM   1043 C CD1 . ILE A 1 126 ? 14.265  -16.383 1.832   1.00 31.00 ? 1104 ILE A CD1 1 
ATOM   1044 N N   . GLN A 1 127 ? 12.860  -14.030 6.669   1.00 38.70 ? 1105 GLN A N   1 
ATOM   1045 C CA  . GLN A 1 127 ? 12.812  -12.842 7.518   1.00 42.05 ? 1105 GLN A CA  1 
ATOM   1046 C C   . GLN A 1 127 ? 12.943  -13.215 8.992   1.00 43.09 ? 1105 GLN A C   1 
ATOM   1047 O O   . GLN A 1 127 ? 13.715  -12.596 9.733   1.00 41.42 ? 1105 GLN A O   1 
ATOM   1048 C CB  . GLN A 1 127 ? 11.522  -12.064 7.262   1.00 39.48 ? 1105 GLN A CB  1 
ATOM   1049 C CG  . GLN A 1 127 ? 11.354  -10.824 8.125   1.00 44.16 ? 1105 GLN A CG  1 
ATOM   1050 C CD  . GLN A 1 127 ? 9.937   -10.267 8.074   1.00 41.84 ? 1105 GLN A CD  1 
ATOM   1051 O OE1 . GLN A 1 127 ? 8.963   -10.985 8.306   1.00 46.75 ? 1105 GLN A OE1 1 
ATOM   1052 N NE2 . GLN A 1 127 ? 9.819   -8.980  7.763   1.00 43.51 ? 1105 GLN A NE2 1 
ATOM   1053 N N   . GLU A 1 128 ? 12.206  -14.239 9.429   1.00 41.83 ? 1106 GLU A N   1 
ATOM   1054 C CA  . GLU A 1 128 ? 12.273  -14.686 10.818  1.00 45.14 ? 1106 GLU A CA  1 
ATOM   1055 C C   . GLU A 1 128 ? 13.654  -15.205 11.202  1.00 50.31 ? 1106 GLU A C   1 
ATOM   1056 O O   . GLU A 1 128 ? 13.964  -15.281 12.397  1.00 49.93 ? 1106 GLU A O   1 
ATOM   1057 C CB  . GLU A 1 128 ? 11.240  -15.782 11.077  1.00 44.25 ? 1106 GLU A CB  1 
ATOM   1058 C CG  . GLU A 1 128 ? 9.802   -15.297 11.145  1.00 51.82 ? 1106 GLU A CG  1 
ATOM   1059 C CD  . GLU A 1 128 ? 8.804   -16.402 10.833  1.00 56.95 ? 1106 GLU A CD  1 
ATOM   1060 O OE1 . GLU A 1 128 ? 9.193   -17.587 10.874  1.00 59.19 ? 1106 GLU A OE1 1 
ATOM   1061 O OE2 . GLU A 1 128 ? 7.628   -16.085 10.549  1.00 60.75 ? 1106 GLU A OE2 1 
ATOM   1062 N N   . SER A 1 129 ? 14.479  -15.573 10.224  1.00 47.70 ? 1107 SER A N   1 
ATOM   1063 C CA  . SER A 1 129 ? 15.819  -16.086 10.483  1.00 51.41 ? 1107 SER A CA  1 
ATOM   1064 C C   . SER A 1 129 ? 16.858  -14.986 10.640  1.00 53.00 ? 1107 SER A C   1 
ATOM   1065 O O   . SER A 1 129 ? 18.005  -15.286 10.992  1.00 52.48 ? 1107 SER A O   1 
ATOM   1066 C CB  . SER A 1 129 ? 16.255  -17.025 9.350   1.00 46.35 ? 1107 SER A CB  1 
ATOM   1067 O OG  . SER A 1 129 ? 16.831  -16.288 8.276   1.00 44.82 ? 1107 SER A OG  1 
ATOM   1068 N N   . ARG A 1 130 ? 16.493  -13.734 10.385  1.00 49.50 ? 1108 ARG A N   1 
ATOM   1069 C CA  . ARG A 1 130 ? 17.446  -12.632 10.434  1.00 56.88 ? 1108 ARG A CA  1 
ATOM   1070 C C   . ARG A 1 130 ? 17.180  -11.727 11.635  1.00 61.56 ? 1108 ARG A C   1 
ATOM   1071 O O   . ARG A 1 130 ? 16.136  -11.827 12.287  1.00 60.43 ? 1108 ARG A O   1 
ATOM   1072 C CB  . ARG A 1 130 ? 17.393  -11.825 9.135   1.00 49.73 ? 1108 ARG A CB  1 
ATOM   1073 C CG  . ARG A 1 130 ? 17.850  -12.618 7.918   1.00 53.58 ? 1108 ARG A CG  1 
ATOM   1074 C CD  . ARG A 1 130 ? 17.845  -11.776 6.658   1.00 50.72 ? 1108 ARG A CD  1 
ATOM   1075 N NE  . ARG A 1 130 ? 18.412  -12.501 5.523   1.00 49.91 ? 1108 ARG A NE  1 
ATOM   1076 C CZ  . ARG A 1 130 ? 18.570  -11.976 4.310   1.00 46.82 ? 1108 ARG A CZ  1 
ATOM   1077 N NH1 . ARG A 1 130 ? 19.091  -12.704 3.327   1.00 47.88 ? 1108 ARG A NH1 1 
ATOM   1078 N NH2 . ARG A 1 130 ? 18.211  -10.719 4.084   1.00 50.04 ? 1108 ARG A NH2 1 
ATOM   1079 O OXT . ARG A 1 130 ? 18.008  -10.882 11.980  1.00 63.51 ? 1108 ARG A OXT 1 
HETATM 1080 S S   . SO4 B 2 .   ? -27.387 10.266  6.361   1.00 37.67 ? 1201 SO4 A S   1 
HETATM 1081 O O1  . SO4 B 2 .   ? -27.373 9.835   4.957   1.00 40.74 ? 1201 SO4 A O1  1 
HETATM 1082 O O2  . SO4 B 2 .   ? -27.652 9.114   7.209   1.00 36.02 ? 1201 SO4 A O2  1 
HETATM 1083 O O3  . SO4 B 2 .   ? -28.451 11.251  6.558   1.00 38.11 ? 1201 SO4 A O3  1 
HETATM 1084 O O4  . SO4 B 2 .   ? -26.097 10.866  6.657   1.00 38.20 ? 1201 SO4 A O4  1 
HETATM 1085 N N   . BQH C 3 .   ? -13.593 16.304  1.298   1.00 51.80 ? 1202 BQH A N   1 
HETATM 1086 C CA  . BQH C 3 .   ? -12.330 16.516  2.036   1.00 51.69 ? 1202 BQH A CA  1 
HETATM 1087 C C   . BQH C 3 .   ? -11.073 15.950  1.359   1.00 50.20 ? 1202 BQH A C   1 
HETATM 1088 O O   . BQH C 3 .   ? -10.636 16.539  0.372   1.00 54.52 ? 1202 BQH A O   1 
HETATM 1089 C CB  . BQH C 3 .   ? -12.447 16.001  3.473   1.00 49.93 ? 1202 BQH A CB  1 
HETATM 1090 C CAA . BQH C 3 .   ? -5.696  11.439  0.890   1.00 38.46 ? 1202 BQH A CAA 1 
HETATM 1091 C CAD . BQH C 3 .   ? -7.203  13.672  0.435   1.00 42.66 ? 1202 BQH A CAD 1 
HETATM 1092 C CAE . BQH C 3 .   ? -14.320 17.541  3.347   1.00 47.84 ? 1202 BQH A CAE 1 
HETATM 1093 C CAF . BQH C 3 .   ? -14.677 17.089  1.924   1.00 48.05 ? 1202 BQH A CAF 1 
HETATM 1094 C CAM . BQH C 3 .   ? -7.052  11.634  1.582   1.00 37.47 ? 1202 BQH A CAM 1 
HETATM 1095 C CAO . BQH C 3 .   ? -7.697  12.774  1.301   1.00 43.06 ? 1202 BQH A CAO 1 
HETATM 1096 C CAP . BQH C 3 .   ? -9.384  14.289  1.468   1.00 47.20 ? 1202 BQH A CAP 1 
HETATM 1097 N NAH . BQH C 3 .   ? -8.879  13.102  1.873   1.00 43.70 ? 1202 BQH A NAH 1 
HETATM 1098 N NAI . BQH C 3 .   ? -13.715 16.427  4.099   1.00 47.12 ? 1202 BQH A NAI 1 
HETATM 1099 N NAK . BQH C 3 .   ? -10.534 14.834  1.925   1.00 50.45 ? 1202 BQH A NAK 1 
HETATM 1100 O OAB . BQH C 3 .   ? -7.498  10.811  2.385   1.00 35.23 ? 1202 BQH A OAB 1 
HETATM 1101 S SAL . BQH C 3 .   ? -8.311  14.948  0.389   1.00 53.97 ? 1202 BQH A SAL 1 
HETATM 1102 O O   . HOH D 4 .   ? -1.924  -5.199  7.547   1.00 41.13 ? 1301 HOH A O   1 
HETATM 1103 O O   . HOH D 4 .   ? -5.762  -10.960 -10.457 1.00 37.68 ? 1302 HOH A O   1 
HETATM 1104 O O   . HOH D 4 .   ? 22.309  -12.919 1.873   1.00 56.65 ? 1303 HOH A O   1 
HETATM 1105 O O   . HOH D 4 .   ? 10.800  -19.463 10.606  1.00 50.76 ? 1304 HOH A O   1 
HETATM 1106 O O   . HOH D 4 .   ? 5.748   -17.087 9.256   1.00 52.70 ? 1305 HOH A O   1 
HETATM 1107 O O   . HOH D 4 .   ? -4.474  5.271   10.016  1.00 36.99 ? 1306 HOH A O   1 
HETATM 1108 O O   . HOH D 4 .   ? -11.600 10.406  12.161  1.00 48.21 ? 1307 HOH A O   1 
HETATM 1109 O O   . HOH D 4 .   ? -5.555  9.711   3.763   1.00 36.63 ? 1308 HOH A O   1 
HETATM 1110 O O   . HOH D 4 .   ? -19.901 10.613  -2.556  1.00 36.39 ? 1309 HOH A O   1 
HETATM 1111 O O   . HOH D 4 .   ? 2.652   -9.000  -9.834  1.00 39.64 ? 1310 HOH A O   1 
HETATM 1112 O O   . HOH D 4 .   ? 13.309  -19.056 9.806   1.00 42.23 ? 1311 HOH A O   1 
HETATM 1113 O O   . HOH D 4 .   ? -10.694 -3.272  -8.485  1.00 40.24 ? 1312 HOH A O   1 
HETATM 1114 O O   . HOH D 4 .   ? -4.479  6.653   -10.452 1.00 33.92 ? 1313 HOH A O   1 
HETATM 1115 O O   . HOH D 4 .   ? 12.386  4.283   -5.968  1.00 40.66 ? 1314 HOH A O   1 
HETATM 1116 O O   . HOH D 4 .   ? -1.967  8.801   4.172   1.00 35.19 ? 1315 HOH A O   1 
HETATM 1117 O O   . HOH D 4 .   ? -4.904  -18.245 -8.521  1.00 44.75 ? 1316 HOH A O   1 
HETATM 1118 O O   . HOH D 4 .   ? -4.778  -1.389  -13.116 1.00 41.44 ? 1317 HOH A O   1 
HETATM 1119 O O   . HOH D 4 .   ? -14.426 6.919   8.748   1.00 44.69 ? 1318 HOH A O   1 
HETATM 1120 O O   . HOH D 4 .   ? 6.033   -10.314 7.782   1.00 41.58 ? 1319 HOH A O   1 
HETATM 1121 O O   . HOH D 4 .   ? -2.464  -17.372 -4.791  1.00 41.17 ? 1320 HOH A O   1 
HETATM 1122 O O   . HOH D 4 .   ? 4.630   8.166   7.353   1.00 43.67 ? 1321 HOH A O   1 
HETATM 1123 O O   . HOH D 4 .   ? 6.276   -14.388 -7.108  1.00 37.79 ? 1322 HOH A O   1 
HETATM 1124 O O   . HOH D 4 .   ? -0.298  6.909   -11.485 1.00 44.92 ? 1323 HOH A O   1 
HETATM 1125 O O   . HOH D 4 .   ? -9.345  10.114  -10.738 1.00 41.91 ? 1324 HOH A O   1 
HETATM 1126 O O   . HOH D 4 .   ? -1.298  -0.732  8.828   1.00 33.74 ? 1325 HOH A O   1 
HETATM 1127 O O   . HOH D 4 .   ? 17.381  -9.046  -2.615  1.00 39.54 ? 1326 HOH A O   1 
HETATM 1128 O O   . HOH D 4 .   ? -2.655  8.128   0.443   1.00 28.52 ? 1327 HOH A O   1 
HETATM 1129 O O   . HOH D 4 .   ? 7.837   -18.125 -7.504  1.00 33.12 ? 1328 HOH A O   1 
HETATM 1130 O O   . HOH D 4 .   ? 6.497   9.763   -1.863  1.00 51.10 ? 1329 HOH A O   1 
HETATM 1131 O O   . HOH D 4 .   ? -26.174 11.858  9.210   1.00 42.42 ? 1330 HOH A O   1 
HETATM 1132 O O   . HOH D 4 .   ? -1.802  7.680   10.687  1.00 37.02 ? 1331 HOH A O   1 
HETATM 1133 O O   . HOH D 4 .   ? 3.057   -23.877 -4.296  1.00 43.73 ? 1332 HOH A O   1 
HETATM 1134 O O   . HOH D 4 .   ? 10.668  1.267   -9.116  1.00 42.99 ? 1333 HOH A O   1 
HETATM 1135 O O   . HOH D 4 .   ? 7.562   -22.684 9.639   1.00 42.68 ? 1334 HOH A O   1 
HETATM 1136 O O   . HOH D 4 .   ? -9.361  4.328   9.939   1.00 43.44 ? 1335 HOH A O   1 
HETATM 1137 O O   . HOH D 4 .   ? -10.220 -8.455  -1.341  1.00 32.79 ? 1336 HOH A O   1 
HETATM 1138 O O   . HOH D 4 .   ? 7.722   -5.397  -11.567 1.00 24.77 ? 1337 HOH A O   1 
HETATM 1139 O O   . HOH D 4 .   ? -15.334 0.220   -2.120  1.00 33.56 ? 1338 HOH A O   1 
HETATM 1140 O O   . HOH D 4 .   ? 5.007   2.389   7.455   1.00 46.14 ? 1339 HOH A O   1 
HETATM 1141 O O   . HOH D 4 .   ? 13.140  -22.372 6.320   1.00 32.68 ? 1340 HOH A O   1 
HETATM 1142 O O   . HOH D 4 .   ? -2.322  10.489  -0.587  1.00 41.14 ? 1341 HOH A O   1 
HETATM 1143 O O   . HOH D 4 .   ? 2.488   -13.771 -9.551  1.00 33.07 ? 1342 HOH A O   1 
HETATM 1144 O O   . HOH D 4 .   ? 5.354   -2.046  6.608   1.00 44.25 ? 1343 HOH A O   1 
HETATM 1145 O O   . HOH D 4 .   ? 19.186  -15.262 6.233   1.00 52.61 ? 1344 HOH A O   1 
HETATM 1146 O O   . HOH D 4 .   ? -5.039  -11.640 0.162   1.00 35.82 ? 1345 HOH A O   1 
HETATM 1147 O O   . HOH D 4 .   ? -13.645 -2.631  -7.057  1.00 50.32 ? 1346 HOH A O   1 
HETATM 1148 O O   . HOH D 4 .   ? 3.489   -22.793 3.003   1.00 41.89 ? 1347 HOH A O   1 
HETATM 1149 O O   . HOH D 4 .   ? 1.579   -18.129 3.011   1.00 43.11 ? 1348 HOH A O   1 
HETATM 1150 O O   . HOH D 4 .   ? -0.884  -20.372 -3.352  1.00 42.58 ? 1349 HOH A O   1 
HETATM 1151 O O   . HOH D 4 .   ? -8.776  -12.928 -5.289  1.00 41.51 ? 1350 HOH A O   1 
HETATM 1152 O O   . HOH D 4 .   ? 16.789  -0.073  -5.739  1.00 36.24 ? 1351 HOH A O   1 
HETATM 1153 O O   . HOH D 4 .   ? -21.536 8.219   6.486   1.00 46.16 ? 1352 HOH A O   1 
HETATM 1154 O O   . HOH D 4 .   ? -8.829  9.207   -6.634  1.00 32.30 ? 1353 HOH A O   1 
HETATM 1155 O O   . HOH D 4 .   ? -3.671  0.548   9.270   1.00 38.54 ? 1354 HOH A O   1 
HETATM 1156 O O   . HOH D 4 .   ? -4.271  7.730   2.551   1.00 34.32 ? 1355 HOH A O   1 
HETATM 1157 O O   . HOH D 4 .   ? -7.358  4.844   11.893  1.00 55.40 ? 1356 HOH A O   1 
HETATM 1158 O O   . HOH D 4 .   ? 13.524  4.524   -3.171  1.00 40.09 ? 1357 HOH A O   1 
HETATM 1159 O O   . HOH D 4 .   ? -3.022  17.135  -2.239  1.00 50.93 ? 1358 HOH A O   1 
HETATM 1160 O O   . HOH D 4 .   ? -0.172  -7.065  7.027   1.00 36.04 ? 1359 HOH A O   1 
HETATM 1161 O O   . HOH D 4 .   ? -6.941  -0.751  6.496   1.00 39.15 ? 1360 HOH A O   1 
HETATM 1162 O O   . HOH D 4 .   ? 2.061   6.676   -7.443  1.00 40.24 ? 1361 HOH A O   1 
HETATM 1163 O O   . HOH D 4 .   ? -18.846 16.793  0.466   1.00 42.37 ? 1362 HOH A O   1 
HETATM 1164 O O   . HOH D 4 .   ? 7.799   -16.217 -10.905 1.00 25.48 ? 1363 HOH A O   1 
HETATM 1165 O O   . HOH D 4 .   ? -12.978 12.507  -8.528  1.00 48.66 ? 1364 HOH A O   1 
HETATM 1166 O O   . HOH D 4 .   ? -8.589  3.417   -14.540 1.00 40.16 ? 1365 HOH A O   1 
HETATM 1167 O O   . HOH D 4 .   ? -9.604  -12.062 -7.466  1.00 53.93 ? 1366 HOH A O   1 
HETATM 1168 O O   . HOH D 4 .   ? -6.404  -1.485  -9.899  1.00 33.53 ? 1367 HOH A O   1 
HETATM 1169 O O   . HOH D 4 .   ? -15.027 1.152   -7.142  1.00 34.42 ? 1368 HOH A O   1 
HETATM 1170 O O   . HOH D 4 .   ? -14.283 -2.893  -3.032  1.00 48.46 ? 1369 HOH A O   1 
HETATM 1171 O O   . HOH D 4 .   ? 8.212   6.798   -5.962  1.00 41.04 ? 1370 HOH A O   1 
HETATM 1172 O O   . HOH D 4 .   ? -23.815 16.222  3.471   1.00 34.48 ? 1371 HOH A O   1 
HETATM 1173 O O   . HOH D 4 .   ? -13.409 14.153  -2.047  1.00 49.21 ? 1372 HOH A O   1 
HETATM 1174 O O   . HOH D 4 .   ? 11.220  -4.134  -0.599  1.00 27.30 ? 1373 HOH A O   1 
HETATM 1175 O O   . HOH D 4 .   ? -18.536 5.050   1.020   1.00 39.45 ? 1374 HOH A O   1 
HETATM 1176 O O   . HOH D 4 .   ? 7.707   4.307   6.264   1.00 44.45 ? 1375 HOH A O   1 
HETATM 1177 O O   . HOH D 4 .   ? 0.846   13.262  2.913   1.00 46.76 ? 1376 HOH A O   1 
HETATM 1178 O O   . HOH D 4 .   ? -23.182 11.547  0.922   1.00 33.15 ? 1377 HOH A O   1 
HETATM 1179 O O   . HOH D 4 .   ? 15.595  -18.841 -0.834  1.00 26.65 ? 1378 HOH A O   1 
HETATM 1180 O O   . HOH D 4 .   ? -2.882  14.871  15.899  1.00 55.99 ? 1379 HOH A O   1 
HETATM 1181 O O   . HOH D 4 .   ? 13.487  -6.477  -0.349  1.00 31.21 ? 1380 HOH A O   1 
HETATM 1182 O O   . HOH D 4 .   ? 3.978   -16.066 -6.681  1.00 36.95 ? 1381 HOH A O   1 
HETATM 1183 O O   . HOH D 4 .   ? -4.709  -4.902  -12.828 1.00 41.99 ? 1382 HOH A O   1 
HETATM 1184 O O   . HOH D 4 .   ? 3.345   -20.714 -8.359  1.00 47.73 ? 1383 HOH A O   1 
HETATM 1185 O O   . HOH D 4 .   ? -11.370 13.206  -7.064  1.00 50.79 ? 1384 HOH A O   1 
HETATM 1186 O O   . HOH D 4 .   ? 20.709  -19.266 4.686   1.00 56.38 ? 1385 HOH A O   1 
HETATM 1187 O O   . HOH D 4 .   ? -21.451 13.634  9.459   1.00 40.92 ? 1386 HOH A O   1 
HETATM 1188 O O   . HOH D 4 .   ? 16.782  -17.688 -8.028  1.00 47.08 ? 1387 HOH A O   1 
HETATM 1189 O O   . HOH D 4 .   ? 3.051   -26.771 0.714   1.00 60.26 ? 1388 HOH A O   1 
HETATM 1190 O O   . HOH D 4 .   ? -11.062 14.661  9.827   1.00 54.77 ? 1389 HOH A O   1 
HETATM 1191 O O   . HOH D 4 .   ? -8.264  -7.220  -7.687  1.00 40.93 ? 1390 HOH A O   1 
HETATM 1192 O O   . HOH D 4 .   ? -1.945  -8.586  5.933   1.00 46.38 ? 1391 HOH A O   1 
HETATM 1193 O O   . HOH D 4 .   ? 8.149   -1.293  6.538   1.00 57.17 ? 1392 HOH A O   1 
HETATM 1194 O O   . HOH D 4 .   ? 17.806  -23.245 -0.452  1.00 43.88 ? 1393 HOH A O   1 
HETATM 1195 O O   . HOH D 4 .   ? 10.527  6.076   -6.529  1.00 44.01 ? 1394 HOH A O   1 
HETATM 1196 O O   . HOH D 4 .   ? 3.888   2.418   -10.153 1.00 43.09 ? 1395 HOH A O   1 
HETATM 1197 O O   . HOH D 4 .   ? -9.429  11.282  -8.314  1.00 41.68 ? 1396 HOH A O   1 
HETATM 1198 O O   . HOH D 4 .   ? -0.626  5.862   12.103  1.00 49.30 ? 1397 HOH A O   1 
HETATM 1199 O O   . HOH D 4 .   ? -10.437 16.540  8.773   1.00 60.19 ? 1398 HOH A O   1 
HETATM 1200 O O   . HOH D 4 .   ? -0.499  -18.141 -7.308  1.00 47.13 ? 1399 HOH A O   1 
HETATM 1201 O O   . HOH D 4 .   ? 15.944  -7.274  0.803   1.00 38.79 ? 1400 HOH A O   1 
HETATM 1202 O O   . HOH D 4 .   ? 5.917   3.164   -14.018 1.00 58.58 ? 1401 HOH A O   1 
HETATM 1203 O O   . HOH D 4 .   ? 14.655  -18.770 12.069  1.00 52.98 ? 1402 HOH A O   1 
HETATM 1204 O O   . HOH D 4 .   ? 6.359   -3.163  -12.368 1.00 31.70 ? 1403 HOH A O   1 
HETATM 1205 O O   . HOH D 4 .   ? 8.743   -21.109 11.430  1.00 54.78 ? 1404 HOH A O   1 
HETATM 1206 O O   . HOH D 4 .   ? 18.996  -25.003 -2.374  1.00 52.28 ? 1405 HOH A O   1 
HETATM 1207 O O   . HOH D 4 .   ? -11.899 -6.270  -5.031  1.00 48.51 ? 1406 HOH A O   1 
HETATM 1208 O O   . HOH D 4 .   ? 5.972   -0.268  -11.911 1.00 52.52 ? 1407 HOH A O   1 
HETATM 1209 O O   . HOH D 4 .   ? 0.262   -22.937 -2.462  1.00 54.11 ? 1408 HOH A O   1 
HETATM 1210 O O   . HOH D 4 .   ? 6.068   6.152   -8.365  1.00 52.99 ? 1409 HOH A O   1 
HETATM 1211 O O   . HOH D 4 .   ? 5.507   9.852   9.265   1.00 41.64 ? 1410 HOH A O   1 
HETATM 1212 O O   . HOH D 4 .   ? -9.297  0.575   6.859   1.00 46.00 ? 1411 HOH A O   1 
HETATM 1213 O O   . HOH D 4 .   ? 6.328   0.182   -14.591 1.00 54.02 ? 1412 HOH A O   1 
HETATM 1214 O O   . HOH D 4 .   ? -12.389 -8.231  -3.264  1.00 49.27 ? 1413 HOH A O   1 
HETATM 1215 O O   . HOH D 4 .   ? -15.608 -0.752  -5.611  1.00 39.59 ? 1414 HOH A O   1 
HETATM 1216 O O   . HOH D 4 .   ? -11.711 5.209   10.893  1.00 50.22 ? 1415 HOH A O   1 
HETATM 1217 O O   . HOH D 4 .   ? 23.809  -12.607 -3.175  1.00 65.64 ? 1416 HOH A O   1 
HETATM 1218 O O   . HOH D 4 .   ? -3.566  -13.945 0.334   1.00 39.53 ? 1417 HOH A O   1 
HETATM 1219 O O   . HOH D 4 .   ? 4.958   -10.299 -10.593 1.00 27.14 ? 1418 HOH A O   1 
HETATM 1220 O O   . HOH D 4 .   ? 0.870   0.194   10.137  1.00 47.47 ? 1419 HOH A O   1 
HETATM 1221 O O   . HOH D 4 .   ? -7.658  -11.910 0.985   1.00 42.75 ? 1420 HOH A O   1 
HETATM 1222 O O   . HOH D 4 .   ? -1.842  -3.207  9.537   1.00 42.32 ? 1421 HOH A O   1 
HETATM 1223 O O   . HOH D 4 .   ? -5.901  -1.184  9.362   1.00 46.00 ? 1422 HOH A O   1 
HETATM 1224 O O   . HOH D 4 .   ? -5.535  -3.793  9.845   1.00 55.62 ? 1423 HOH A O   1 
HETATM 1225 O O   . HOH D 4 .   ? -7.107  10.042  -13.015 1.00 52.22 ? 1424 HOH A O   1 
HETATM 1226 O O   . HOH D 4 .   ? -6.419  1.954   12.433  1.00 56.08 ? 1425 HOH A O   1 
HETATM 1227 O O   . HOH D 4 .   ? -2.547  4.133   11.834  1.00 51.69 ? 1426 HOH A O   1 
HETATM 1228 O O   . HOH D 4 .   ? -10.743 -7.166  -7.181  1.00 44.34 ? 1427 HOH A O   1 
HETATM 1229 O O   . HOH D 4 .   ? 7.112   -6.841  -13.733 1.00 32.82 ? 1428 HOH A O   1 
HETATM 1230 O O   . HOH D 4 .   ? 1.653   7.104   -10.046 1.00 51.35 ? 1429 HOH A O   1 
HETATM 1231 O O   . HOH D 4 .   ? -4.651  8.455   -12.427 1.00 44.59 ? 1430 HOH A O   1 
HETATM 1232 O O   . HOH D 4 .   ? -10.431 -12.304 -3.276  1.00 44.76 ? 1431 HOH A O   1 
HETATM 1233 O O   . HOH D 4 .   ? -9.734  1.673   9.456   1.00 42.25 ? 1432 HOH A O   1 
HETATM 1234 O O   . HOH D 4 .   ? -6.469  -4.154  -10.721 1.00 52.75 ? 1433 HOH A O   1 
HETATM 1235 O O   . HOH D 4 .   ? -7.869  -6.339  -9.899  1.00 48.38 ? 1434 HOH A O   1 
HETATM 1236 O O   . HOH D 4 .   ? 0.109   7.041   14.762  1.00 59.91 ? 1435 HOH A O   1 
HETATM 1237 O O   . HOH D 4 .   ? -0.477  -13.935 1.539   1.00 48.58 ? 1436 HOH A O   1 
HETATM 1238 O O   . HOH D 4 .   ? -12.365 -10.635 -4.503  1.00 49.80 ? 1437 HOH A O   1 
HETATM 1239 O O   . HOH D 4 .   ? -11.774 -10.175 -6.779  1.00 53.09 ? 1438 HOH A O   1 
HETATM 1240 O O   . HOH D 4 .   ? -2.730  -12.343 3.110   1.00 59.93 ? 1439 HOH A O   1 
# 
